data_6QFM
# 
_entry.id   6QFM 
# 
_audit_conform.dict_name       mmcif_pdbx.dic 
_audit_conform.dict_version    5.383 
_audit_conform.dict_location   http://mmcif.pdb.org/dictionaries/ascii/mmcif_pdbx.dic 
# 
loop_
_database_2.database_id 
_database_2.database_code 
_database_2.pdbx_database_accession 
_database_2.pdbx_DOI 
PDB   6QFM         pdb_00006qfm 10.2210/pdb6qfm/pdb 
WWPDB D_1292100100 ?            ?                   
# 
loop_
_pdbx_audit_revision_history.ordinal 
_pdbx_audit_revision_history.data_content_type 
_pdbx_audit_revision_history.major_revision 
_pdbx_audit_revision_history.minor_revision 
_pdbx_audit_revision_history.revision_date 
1 'Structure model' 1 0 2019-06-12 
2 'Structure model' 1 1 2019-09-11 
3 'Structure model' 1 2 2019-09-18 
4 'Structure model' 1 3 2024-01-24 
# 
_pdbx_audit_revision_details.ordinal             1 
_pdbx_audit_revision_details.revision_ordinal    1 
_pdbx_audit_revision_details.data_content_type   'Structure model' 
_pdbx_audit_revision_details.provider            repository 
_pdbx_audit_revision_details.type                'Initial release' 
_pdbx_audit_revision_details.description         ? 
_pdbx_audit_revision_details.details             ? 
# 
loop_
_pdbx_audit_revision_group.ordinal 
_pdbx_audit_revision_group.revision_ordinal 
_pdbx_audit_revision_group.data_content_type 
_pdbx_audit_revision_group.group 
1 2 'Structure model' 'Data collection'        
2 2 'Structure model' 'Database references'    
3 3 'Structure model' 'Data collection'        
4 3 'Structure model' 'Refinement description' 
5 4 'Structure model' 'Data collection'        
6 4 'Structure model' 'Database references'    
7 4 'Structure model' 'Derived calculations'   
8 4 'Structure model' 'Refinement description' 
# 
loop_
_pdbx_audit_revision_category.ordinal 
_pdbx_audit_revision_category.revision_ordinal 
_pdbx_audit_revision_category.data_content_type 
_pdbx_audit_revision_category.category 
1 2 'Structure model' citation                      
2 2 'Structure model' citation_author               
3 3 'Structure model' software                      
4 4 'Structure model' chem_comp_atom                
5 4 'Structure model' chem_comp_bond                
6 4 'Structure model' database_2                    
7 4 'Structure model' pdbx_initial_refinement_model 
8 4 'Structure model' pdbx_struct_conn_angle        
9 4 'Structure model' struct_conn                   
# 
loop_
_pdbx_audit_revision_item.ordinal 
_pdbx_audit_revision_item.revision_ordinal 
_pdbx_audit_revision_item.data_content_type 
_pdbx_audit_revision_item.item 
1  2 'Structure model' '_citation.journal_volume'                    
2  2 'Structure model' '_citation.page_first'                        
3  2 'Structure model' '_citation.page_last'                         
4  2 'Structure model' '_citation.pdbx_database_id_PubMed'           
5  2 'Structure model' '_citation.title'                             
6  2 'Structure model' '_citation_author.identifier_ORCID'           
7  2 'Structure model' '_citation_author.name'                       
8  3 'Structure model' '_software.version'                           
9  4 'Structure model' '_database_2.pdbx_DOI'                        
10 4 'Structure model' '_database_2.pdbx_database_accession'         
11 4 'Structure model' '_pdbx_struct_conn_angle.ptnr1_auth_comp_id'  
12 4 'Structure model' '_pdbx_struct_conn_angle.ptnr1_auth_seq_id'   
13 4 'Structure model' '_pdbx_struct_conn_angle.ptnr1_label_asym_id' 
14 4 'Structure model' '_pdbx_struct_conn_angle.ptnr1_label_atom_id' 
15 4 'Structure model' '_pdbx_struct_conn_angle.ptnr1_label_comp_id' 
16 4 'Structure model' '_pdbx_struct_conn_angle.ptnr1_label_seq_id'  
17 4 'Structure model' '_pdbx_struct_conn_angle.ptnr3_auth_comp_id'  
18 4 'Structure model' '_pdbx_struct_conn_angle.ptnr3_auth_seq_id'   
19 4 'Structure model' '_pdbx_struct_conn_angle.ptnr3_label_asym_id' 
20 4 'Structure model' '_pdbx_struct_conn_angle.ptnr3_label_atom_id' 
21 4 'Structure model' '_pdbx_struct_conn_angle.ptnr3_label_comp_id' 
22 4 'Structure model' '_pdbx_struct_conn_angle.ptnr3_label_seq_id'  
23 4 'Structure model' '_pdbx_struct_conn_angle.value'               
24 4 'Structure model' '_struct_conn.pdbx_dist_value'                
25 4 'Structure model' '_struct_conn.ptnr1_auth_asym_id'             
26 4 'Structure model' '_struct_conn.ptnr1_auth_comp_id'             
27 4 'Structure model' '_struct_conn.ptnr1_auth_seq_id'              
28 4 'Structure model' '_struct_conn.ptnr1_label_asym_id'            
29 4 'Structure model' '_struct_conn.ptnr1_label_atom_id'            
30 4 'Structure model' '_struct_conn.ptnr1_label_comp_id'            
31 4 'Structure model' '_struct_conn.ptnr1_label_seq_id'             
32 4 'Structure model' '_struct_conn.ptnr1_symmetry'                 
33 4 'Structure model' '_struct_conn.ptnr2_auth_asym_id'             
34 4 'Structure model' '_struct_conn.ptnr2_auth_comp_id'             
35 4 'Structure model' '_struct_conn.ptnr2_auth_seq_id'              
36 4 'Structure model' '_struct_conn.ptnr2_label_asym_id'            
37 4 'Structure model' '_struct_conn.ptnr2_label_atom_id'            
38 4 'Structure model' '_struct_conn.ptnr2_label_comp_id'            
39 4 'Structure model' '_struct_conn.ptnr2_label_seq_id'             
40 4 'Structure model' '_struct_conn.ptnr2_symmetry'                 
# 
_pdbx_database_status.status_code                     REL 
_pdbx_database_status.status_code_sf                  REL 
_pdbx_database_status.status_code_mr                  ? 
_pdbx_database_status.entry_id                        6QFM 
_pdbx_database_status.recvd_initial_deposition_date   2019-01-10 
_pdbx_database_status.SG_entry                        N 
_pdbx_database_status.deposit_site                    PDBE 
_pdbx_database_status.process_site                    PDBE 
_pdbx_database_status.status_code_cs                  ? 
_pdbx_database_status.methods_development_category    ? 
_pdbx_database_status.pdb_format_compatible           Y 
_pdbx_database_status.status_code_nmr_data            ? 
# 
_pdbx_database_related.db_name        PDB 
_pdbx_database_related.details        'Mcl-1 complex with BIM peptide' 
_pdbx_database_related.db_id          6qfi 
_pdbx_database_related.content_type   unspecified 
# 
loop_
_audit_author.name 
_audit_author.pdbx_ordinal 
_audit_author.identifier_ORCID 
'Dokurno, P.'      1  0000-0002-7332-8889 
'Murray, J.'       2  0000-0003-1007-8218 
'Davidson, J.'     3  0000-0002-8301-1607 
'Chen, I.'         4  ?                   
'Davis, B.'        5  0000-0001-6759-7575 
'Graham, C.J.'     6  ?                   
'Harris, R.'       7  ?                   
'Jordan, A.M.'     8  0000-0003-3449-3993 
'Matassova, N.'    9  0000-0002-2432-4929 
'Pedder, C.'       10 ?                   
'Ray, S.'          11 0000-0003-4670-2086 
'Roughley, S.'     12 0000-0003-0683-5693 
'Smith, J.'        13 ?                   
'Walmsley, C.'     14 ?                   
'Wang, Y.'         15 ?                   
'Whitehead, N.'    16 ?                   
'Williamson, D.S.' 17 0000-0002-5094-5200 
'Casara, P.'       18 ?                   
'Le Diguarher, T.' 19 ?                   
'Hickman, J.'      20 ?                   
'Stark, J.'        21 ?                   
'Kotschy, A.'      22 0000-0002-7675-3864 
'Geneste, O.'      23 ?                   
'Hubbard, R.E.'    24 0000-0002-8233-7461 
# 
_citation.abstract                  ? 
_citation.abstract_id_CAS           ? 
_citation.book_id_ISBN              ? 
_citation.book_publisher            ? 
_citation.book_publisher_city       ? 
_citation.book_title                ? 
_citation.coordinate_linkage        ? 
_citation.country                   US 
_citation.database_id_Medline       ? 
_citation.details                   ? 
_citation.id                        primary 
_citation.journal_abbrev            'Acs Omega' 
_citation.journal_id_ASTM           ? 
_citation.journal_id_CSD            ? 
_citation.journal_id_ISSN           2470-1343 
_citation.journal_full              ? 
_citation.journal_issue             ? 
_citation.journal_volume            4 
_citation.language                  ? 
_citation.page_first                8892 
_citation.page_last                 8906 
_citation.title                     
'Establishing Drug Discovery and Identification of Hit Series for the Anti-apoptotic Proteins, Bcl-2 and Mcl-1.' 
_citation.year                      2019 
_citation.database_id_CSD           ? 
_citation.pdbx_database_id_DOI      10.1021/acsomega.9b00611 
_citation.pdbx_database_id_PubMed   31459977 
_citation.unpublished_flag          ? 
# 
loop_
_citation_author.citation_id 
_citation_author.name 
_citation_author.ordinal 
_citation_author.identifier_ORCID 
primary 'Murray, J.B.'     1  ? 
primary 'Davidson, J.'     2  ? 
primary 'Chen, I.'         3  ? 
primary 'Davis, B.'        4  ? 
primary 'Dokurno, P.'      5  ? 
primary 'Graham, C.J.'     6  ? 
primary 'Harris, R.'       7  ? 
primary 'Jordan, A.'       8  ? 
primary 'Matassova, N.'    9  ? 
primary 'Pedder, C.'       10 ? 
primary 'Ray, S.'          11 ? 
primary 'Roughley, S.D.'   12 ? 
primary 'Smith, J.'        13 ? 
primary 'Walmsley, C.'     14 ? 
primary 'Wang, Y.'         15 ? 
primary 'Whitehead, N.'    16 ? 
primary 'Williamson, D.S.' 17 ? 
primary 'Casara, P.'       18 ? 
primary 'Le Diguarher, T.' 19 ? 
primary 'Hickman, J.'      20 ? 
primary 'Stark, J.'        21 ? 
primary 'Kotschy, A.'      22 ? 
primary 'Geneste, O.'      23 ? 
primary 'Hubbard, R.E.'    24 ? 
# 
loop_
_entity.id 
_entity.type 
_entity.src_method 
_entity.pdbx_description 
_entity.formula_weight 
_entity.pdbx_number_of_molecules 
_entity.pdbx_ec 
_entity.pdbx_mutation 
_entity.pdbx_fragment 
_entity.details 
1 polymer     man 'Induced myeloid leukemia cell differentiation protein Mcl-1' 18352.852 1  ? 
'E173D, D241G, L246F, I251V, S255K, T280S, I281V, C286F, S293T, E322Q' ? ? 
2 polymer     syn 'Bcl-2-binding component 3'                                   2747.998  1  ? ? ? ? 
3 non-polymer syn 'ZINC ION'                                                    65.409    3  ? ? ? ? 
4 non-polymer syn 'CHLORIDE ION'                                                35.453    3  ? ? ? ? 
5 water       nat water                                                         18.015    83 ? ? ? ? 
# 
loop_
_entity_name_com.entity_id 
_entity_name_com.name 
1 'Bcl-2-like protein 3,Bcl2-L-3,Bcl-2-related protein EAT/mcl1,mcl1/EAT' 
2 'JFY-1,p53 up-regulated modulator of apoptosis'                         
# 
loop_
_entity_poly.entity_id 
_entity_poly.type 
_entity_poly.nstd_linkage 
_entity_poly.nstd_monomer 
_entity_poly.pdbx_seq_one_letter_code 
_entity_poly.pdbx_seq_one_letter_code_can 
_entity_poly.pdbx_strand_id 
_entity_poly.pdbx_target_identifier 
1 'polypeptide(L)' no no 
;GPLGSEDDLYRQSLEIISRYLREQATGAKDTKPMGRSGATSRKALETLRRVGDGVQRNHETAFQGMLRKLDIKNEGDVKS
FSRVMVHVFKDGVTNWGRIVTLISFGAFVAKHLKSVNQESFIEPLAETITDVLVRTKRDWLVKQRGWDGFVEFFHVQDLE
GG
;
;GPLGSEDDLYRQSLEIISRYLREQATGAKDTKPMGRSGATSRKALETLRRVGDGVQRNHETAFQGMLRKLDIKNEGDVKS
FSRVMVHVFKDGVTNWGRIVTLISFGAFVAKHLKSVNQESFIEPLAETITDVLVRTKRDWLVKQRGWDGFVEFFHVQDLE
GG
;
A ? 
2 'polypeptide(L)' no no RGEEEQWAREIGAQLRRMADDLN RGEEEQWAREIGAQLRRMADDLN B ? 
# 
loop_
_pdbx_entity_nonpoly.entity_id 
_pdbx_entity_nonpoly.name 
_pdbx_entity_nonpoly.comp_id 
3 'ZINC ION'     ZN  
4 'CHLORIDE ION' CL  
5 water          HOH 
# 
loop_
_entity_poly_seq.entity_id 
_entity_poly_seq.num 
_entity_poly_seq.mon_id 
_entity_poly_seq.hetero 
1 1   GLY n 
1 2   PRO n 
1 3   LEU n 
1 4   GLY n 
1 5   SER n 
1 6   GLU n 
1 7   ASP n 
1 8   ASP n 
1 9   LEU n 
1 10  TYR n 
1 11  ARG n 
1 12  GLN n 
1 13  SER n 
1 14  LEU n 
1 15  GLU n 
1 16  ILE n 
1 17  ILE n 
1 18  SER n 
1 19  ARG n 
1 20  TYR n 
1 21  LEU n 
1 22  ARG n 
1 23  GLU n 
1 24  GLN n 
1 25  ALA n 
1 26  THR n 
1 27  GLY n 
1 28  ALA n 
1 29  LYS n 
1 30  ASP n 
1 31  THR n 
1 32  LYS n 
1 33  PRO n 
1 34  MET n 
1 35  GLY n 
1 36  ARG n 
1 37  SER n 
1 38  GLY n 
1 39  ALA n 
1 40  THR n 
1 41  SER n 
1 42  ARG n 
1 43  LYS n 
1 44  ALA n 
1 45  LEU n 
1 46  GLU n 
1 47  THR n 
1 48  LEU n 
1 49  ARG n 
1 50  ARG n 
1 51  VAL n 
1 52  GLY n 
1 53  ASP n 
1 54  GLY n 
1 55  VAL n 
1 56  GLN n 
1 57  ARG n 
1 58  ASN n 
1 59  HIS n 
1 60  GLU n 
1 61  THR n 
1 62  ALA n 
1 63  PHE n 
1 64  GLN n 
1 65  GLY n 
1 66  MET n 
1 67  LEU n 
1 68  ARG n 
1 69  LYS n 
1 70  LEU n 
1 71  ASP n 
1 72  ILE n 
1 73  LYS n 
1 74  ASN n 
1 75  GLU n 
1 76  GLY n 
1 77  ASP n 
1 78  VAL n 
1 79  LYS n 
1 80  SER n 
1 81  PHE n 
1 82  SER n 
1 83  ARG n 
1 84  VAL n 
1 85  MET n 
1 86  VAL n 
1 87  HIS n 
1 88  VAL n 
1 89  PHE n 
1 90  LYS n 
1 91  ASP n 
1 92  GLY n 
1 93  VAL n 
1 94  THR n 
1 95  ASN n 
1 96  TRP n 
1 97  GLY n 
1 98  ARG n 
1 99  ILE n 
1 100 VAL n 
1 101 THR n 
1 102 LEU n 
1 103 ILE n 
1 104 SER n 
1 105 PHE n 
1 106 GLY n 
1 107 ALA n 
1 108 PHE n 
1 109 VAL n 
1 110 ALA n 
1 111 LYS n 
1 112 HIS n 
1 113 LEU n 
1 114 LYS n 
1 115 SER n 
1 116 VAL n 
1 117 ASN n 
1 118 GLN n 
1 119 GLU n 
1 120 SER n 
1 121 PHE n 
1 122 ILE n 
1 123 GLU n 
1 124 PRO n 
1 125 LEU n 
1 126 ALA n 
1 127 GLU n 
1 128 THR n 
1 129 ILE n 
1 130 THR n 
1 131 ASP n 
1 132 VAL n 
1 133 LEU n 
1 134 VAL n 
1 135 ARG n 
1 136 THR n 
1 137 LYS n 
1 138 ARG n 
1 139 ASP n 
1 140 TRP n 
1 141 LEU n 
1 142 VAL n 
1 143 LYS n 
1 144 GLN n 
1 145 ARG n 
1 146 GLY n 
1 147 TRP n 
1 148 ASP n 
1 149 GLY n 
1 150 PHE n 
1 151 VAL n 
1 152 GLU n 
1 153 PHE n 
1 154 PHE n 
1 155 HIS n 
1 156 VAL n 
1 157 GLN n 
1 158 ASP n 
1 159 LEU n 
1 160 GLU n 
1 161 GLY n 
1 162 GLY n 
2 1   ARG n 
2 2   GLY n 
2 3   GLU n 
2 4   GLU n 
2 5   GLU n 
2 6   GLN n 
2 7   TRP n 
2 8   ALA n 
2 9   ARG n 
2 10  GLU n 
2 11  ILE n 
2 12  GLY n 
2 13  ALA n 
2 14  GLN n 
2 15  LEU n 
2 16  ARG n 
2 17  ARG n 
2 18  MET n 
2 19  ALA n 
2 20  ASP n 
2 21  ASP n 
2 22  LEU n 
2 23  ASN n 
# 
_entity_src_gen.entity_id                          1 
_entity_src_gen.pdbx_src_id                        1 
_entity_src_gen.pdbx_alt_source_flag               sample 
_entity_src_gen.pdbx_seq_type                      'Biological sequence' 
_entity_src_gen.pdbx_beg_seq_num                   1 
_entity_src_gen.pdbx_end_seq_num                   162 
_entity_src_gen.gene_src_common_name               Human 
_entity_src_gen.gene_src_genus                     ? 
_entity_src_gen.pdbx_gene_src_gene                 'MCL1, BCL2L3' 
_entity_src_gen.gene_src_species                   ? 
_entity_src_gen.gene_src_strain                    ? 
_entity_src_gen.gene_src_tissue                    ? 
_entity_src_gen.gene_src_tissue_fraction           ? 
_entity_src_gen.gene_src_details                   ? 
_entity_src_gen.pdbx_gene_src_fragment             ? 
_entity_src_gen.pdbx_gene_src_scientific_name      'Homo sapiens' 
_entity_src_gen.pdbx_gene_src_ncbi_taxonomy_id     9606 
_entity_src_gen.pdbx_gene_src_variant              ? 
_entity_src_gen.pdbx_gene_src_cell_line            ? 
_entity_src_gen.pdbx_gene_src_atcc                 ? 
_entity_src_gen.pdbx_gene_src_organ                ? 
_entity_src_gen.pdbx_gene_src_organelle            ? 
_entity_src_gen.pdbx_gene_src_cell                 ? 
_entity_src_gen.pdbx_gene_src_cellular_location    ? 
_entity_src_gen.host_org_common_name               ? 
_entity_src_gen.pdbx_host_org_scientific_name      'Escherichia coli BL21' 
_entity_src_gen.pdbx_host_org_ncbi_taxonomy_id     511693 
_entity_src_gen.host_org_genus                     ? 
_entity_src_gen.pdbx_host_org_gene                 ? 
_entity_src_gen.pdbx_host_org_organ                ? 
_entity_src_gen.host_org_species                   ? 
_entity_src_gen.pdbx_host_org_tissue               ? 
_entity_src_gen.pdbx_host_org_tissue_fraction      ? 
_entity_src_gen.pdbx_host_org_strain               ? 
_entity_src_gen.pdbx_host_org_variant              pLysS 
_entity_src_gen.pdbx_host_org_cell_line            ? 
_entity_src_gen.pdbx_host_org_atcc                 ? 
_entity_src_gen.pdbx_host_org_culture_collection   ? 
_entity_src_gen.pdbx_host_org_cell                 ? 
_entity_src_gen.pdbx_host_org_organelle            ? 
_entity_src_gen.pdbx_host_org_cellular_location    ? 
_entity_src_gen.pdbx_host_org_vector_type          ? 
_entity_src_gen.pdbx_host_org_vector               ? 
_entity_src_gen.host_org_details                   ? 
_entity_src_gen.expression_system_id               ? 
_entity_src_gen.plasmid_name                       ? 
_entity_src_gen.plasmid_details                    ? 
_entity_src_gen.pdbx_description                   ? 
# 
_pdbx_entity_src_syn.entity_id              2 
_pdbx_entity_src_syn.pdbx_src_id            1 
_pdbx_entity_src_syn.pdbx_alt_source_flag   sample 
_pdbx_entity_src_syn.pdbx_beg_seq_num       1 
_pdbx_entity_src_syn.pdbx_end_seq_num       23 
_pdbx_entity_src_syn.organism_scientific    'Homo sapiens' 
_pdbx_entity_src_syn.organism_common_name   Human 
_pdbx_entity_src_syn.ncbi_taxonomy_id       9606 
_pdbx_entity_src_syn.details                ? 
# 
loop_
_chem_comp.id 
_chem_comp.type 
_chem_comp.mon_nstd_flag 
_chem_comp.name 
_chem_comp.pdbx_synonyms 
_chem_comp.formula 
_chem_comp.formula_weight 
ALA 'L-peptide linking' y ALANINE         ? 'C3 H7 N O2'     89.093  
ARG 'L-peptide linking' y ARGININE        ? 'C6 H15 N4 O2 1' 175.209 
ASN 'L-peptide linking' y ASPARAGINE      ? 'C4 H8 N2 O3'    132.118 
ASP 'L-peptide linking' y 'ASPARTIC ACID' ? 'C4 H7 N O4'     133.103 
CL  non-polymer         . 'CHLORIDE ION'  ? 'Cl -1'          35.453  
CYS 'L-peptide linking' y CYSTEINE        ? 'C3 H7 N O2 S'   121.158 
GLN 'L-peptide linking' y GLUTAMINE       ? 'C5 H10 N2 O3'   146.144 
GLU 'L-peptide linking' y 'GLUTAMIC ACID' ? 'C5 H9 N O4'     147.129 
GLY 'peptide linking'   y GLYCINE         ? 'C2 H5 N O2'     75.067  
HIS 'L-peptide linking' y HISTIDINE       ? 'C6 H10 N3 O2 1' 156.162 
HOH non-polymer         . WATER           ? 'H2 O'           18.015  
ILE 'L-peptide linking' y ISOLEUCINE      ? 'C6 H13 N O2'    131.173 
LEU 'L-peptide linking' y LEUCINE         ? 'C6 H13 N O2'    131.173 
LYS 'L-peptide linking' y LYSINE          ? 'C6 H15 N2 O2 1' 147.195 
MET 'L-peptide linking' y METHIONINE      ? 'C5 H11 N O2 S'  149.211 
PHE 'L-peptide linking' y PHENYLALANINE   ? 'C9 H11 N O2'    165.189 
PRO 'L-peptide linking' y PROLINE         ? 'C5 H9 N O2'     115.130 
SER 'L-peptide linking' y SERINE          ? 'C3 H7 N O3'     105.093 
THR 'L-peptide linking' y THREONINE       ? 'C4 H9 N O3'     119.119 
TRP 'L-peptide linking' y TRYPTOPHAN      ? 'C11 H12 N2 O2'  204.225 
TYR 'L-peptide linking' y TYROSINE        ? 'C9 H11 N O3'    181.189 
VAL 'L-peptide linking' y VALINE          ? 'C5 H11 N O2'    117.146 
ZN  non-polymer         . 'ZINC ION'      ? 'Zn 2'           65.409  
# 
loop_
_pdbx_poly_seq_scheme.asym_id 
_pdbx_poly_seq_scheme.entity_id 
_pdbx_poly_seq_scheme.seq_id 
_pdbx_poly_seq_scheme.mon_id 
_pdbx_poly_seq_scheme.ndb_seq_num 
_pdbx_poly_seq_scheme.pdb_seq_num 
_pdbx_poly_seq_scheme.auth_seq_num 
_pdbx_poly_seq_scheme.pdb_mon_id 
_pdbx_poly_seq_scheme.auth_mon_id 
_pdbx_poly_seq_scheme.pdb_strand_id 
_pdbx_poly_seq_scheme.pdb_ins_code 
_pdbx_poly_seq_scheme.hetero 
A 1 1   GLY 1   166 ?   ?   ?   A . n 
A 1 2   PRO 2   167 ?   ?   ?   A . n 
A 1 3   LEU 3   168 ?   ?   ?   A . n 
A 1 4   GLY 4   169 ?   ?   ?   A . n 
A 1 5   SER 5   170 ?   ?   ?   A . n 
A 1 6   GLU 6   171 171 GLU GLU A . n 
A 1 7   ASP 7   172 172 ASP ASP A . n 
A 1 8   ASP 8   173 173 ASP ASP A . n 
A 1 9   LEU 9   174 174 LEU LEU A . n 
A 1 10  TYR 10  175 175 TYR TYR A . n 
A 1 11  ARG 11  176 176 ARG ARG A . n 
A 1 12  GLN 12  177 177 GLN GLN A . n 
A 1 13  SER 13  178 178 SER SER A . n 
A 1 14  LEU 14  179 179 LEU LEU A . n 
A 1 15  GLU 15  180 180 GLU GLU A . n 
A 1 16  ILE 16  181 181 ILE ILE A . n 
A 1 17  ILE 17  182 182 ILE ILE A . n 
A 1 18  SER 18  183 183 SER SER A . n 
A 1 19  ARG 19  184 184 ARG ARG A . n 
A 1 20  TYR 20  185 185 TYR TYR A . n 
A 1 21  LEU 21  186 186 LEU LEU A . n 
A 1 22  ARG 22  187 187 ARG ARG A . n 
A 1 23  GLU 23  188 188 GLU GLU A . n 
A 1 24  GLN 24  189 189 GLN GLN A . n 
A 1 25  ALA 25  190 190 ALA ALA A . n 
A 1 26  THR 26  191 191 THR THR A . n 
A 1 27  GLY 27  192 192 GLY GLY A . n 
A 1 28  ALA 28  193 193 ALA ALA A . n 
A 1 29  LYS 29  194 ?   ?   ?   A . n 
A 1 30  ASP 30  195 ?   ?   ?   A . n 
A 1 31  THR 31  196 ?   ?   ?   A . n 
A 1 32  LYS 32  197 ?   ?   ?   A . n 
A 1 33  PRO 33  198 ?   ?   ?   A . n 
A 1 34  MET 34  199 ?   ?   ?   A . n 
A 1 35  GLY 35  200 ?   ?   ?   A . n 
A 1 36  ARG 36  201 ?   ?   ?   A . n 
A 1 37  SER 37  202 ?   ?   ?   A . n 
A 1 38  GLY 38  203 ?   ?   ?   A . n 
A 1 39  ALA 39  204 204 ALA ALA A . n 
A 1 40  THR 40  205 205 THR THR A . n 
A 1 41  SER 41  206 206 SER SER A . n 
A 1 42  ARG 42  207 207 ARG ARG A . n 
A 1 43  LYS 43  208 208 LYS LYS A . n 
A 1 44  ALA 44  209 209 ALA ALA A . n 
A 1 45  LEU 45  210 210 LEU LEU A . n 
A 1 46  GLU 46  211 211 GLU GLU A . n 
A 1 47  THR 47  212 212 THR THR A . n 
A 1 48  LEU 48  213 213 LEU LEU A . n 
A 1 49  ARG 49  214 214 ARG ARG A . n 
A 1 50  ARG 50  215 215 ARG ARG A . n 
A 1 51  VAL 51  216 216 VAL VAL A . n 
A 1 52  GLY 52  217 217 GLY GLY A . n 
A 1 53  ASP 53  218 218 ASP ASP A . n 
A 1 54  GLY 54  219 219 GLY GLY A . n 
A 1 55  VAL 55  220 220 VAL VAL A . n 
A 1 56  GLN 56  221 221 GLN GLN A . n 
A 1 57  ARG 57  222 222 ARG ARG A . n 
A 1 58  ASN 58  223 223 ASN ASN A . n 
A 1 59  HIS 59  224 224 HIS HIS A . n 
A 1 60  GLU 60  225 225 GLU GLU A . n 
A 1 61  THR 61  226 226 THR THR A . n 
A 1 62  ALA 62  227 227 ALA ALA A . n 
A 1 63  PHE 63  228 228 PHE PHE A . n 
A 1 64  GLN 64  229 229 GLN GLN A . n 
A 1 65  GLY 65  230 230 GLY GLY A . n 
A 1 66  MET 66  231 231 MET MET A . n 
A 1 67  LEU 67  232 232 LEU LEU A . n 
A 1 68  ARG 68  233 233 ARG ARG A . n 
A 1 69  LYS 69  234 234 LYS LYS A . n 
A 1 70  LEU 70  235 235 LEU LEU A . n 
A 1 71  ASP 71  236 236 ASP ASP A . n 
A 1 72  ILE 72  237 237 ILE ILE A . n 
A 1 73  LYS 73  238 238 LYS LYS A . n 
A 1 74  ASN 74  239 239 ASN ASN A . n 
A 1 75  GLU 75  240 240 GLU GLU A . n 
A 1 76  GLY 76  241 241 GLY GLY A . n 
A 1 77  ASP 77  242 242 ASP ASP A . n 
A 1 78  VAL 78  243 243 VAL VAL A . n 
A 1 79  LYS 79  244 244 LYS LYS A . n 
A 1 80  SER 80  245 245 SER SER A . n 
A 1 81  PHE 81  246 246 PHE PHE A . n 
A 1 82  SER 82  247 247 SER SER A . n 
A 1 83  ARG 83  248 248 ARG ARG A . n 
A 1 84  VAL 84  249 249 VAL VAL A . n 
A 1 85  MET 85  250 250 MET MET A . n 
A 1 86  VAL 86  251 251 VAL VAL A . n 
A 1 87  HIS 87  252 252 HIS HIS A . n 
A 1 88  VAL 88  253 253 VAL VAL A . n 
A 1 89  PHE 89  254 254 PHE PHE A . n 
A 1 90  LYS 90  255 255 LYS LYS A . n 
A 1 91  ASP 91  256 256 ASP ASP A . n 
A 1 92  GLY 92  257 257 GLY GLY A . n 
A 1 93  VAL 93  258 258 VAL VAL A . n 
A 1 94  THR 94  259 259 THR THR A . n 
A 1 95  ASN 95  260 260 ASN ASN A . n 
A 1 96  TRP 96  261 261 TRP TRP A . n 
A 1 97  GLY 97  262 262 GLY GLY A . n 
A 1 98  ARG 98  263 263 ARG ARG A . n 
A 1 99  ILE 99  264 264 ILE ILE A . n 
A 1 100 VAL 100 265 265 VAL VAL A . n 
A 1 101 THR 101 266 266 THR THR A . n 
A 1 102 LEU 102 267 267 LEU LEU A . n 
A 1 103 ILE 103 268 268 ILE ILE A . n 
A 1 104 SER 104 269 269 SER SER A . n 
A 1 105 PHE 105 270 270 PHE PHE A . n 
A 1 106 GLY 106 271 271 GLY GLY A . n 
A 1 107 ALA 107 272 272 ALA ALA A . n 
A 1 108 PHE 108 273 273 PHE PHE A . n 
A 1 109 VAL 109 274 274 VAL VAL A . n 
A 1 110 ALA 110 275 275 ALA ALA A . n 
A 1 111 LYS 111 276 276 LYS LYS A . n 
A 1 112 HIS 112 277 277 HIS HIS A . n 
A 1 113 LEU 113 278 278 LEU LEU A . n 
A 1 114 LYS 114 279 279 LYS LYS A . n 
A 1 115 SER 115 280 280 SER SER A . n 
A 1 116 VAL 116 281 281 VAL VAL A . n 
A 1 117 ASN 117 282 282 ASN ASN A . n 
A 1 118 GLN 118 283 283 GLN GLN A . n 
A 1 119 GLU 119 284 284 GLU GLU A . n 
A 1 120 SER 120 285 285 SER SER A . n 
A 1 121 PHE 121 286 286 PHE PHE A . n 
A 1 122 ILE 122 287 287 ILE ILE A . n 
A 1 123 GLU 123 288 288 GLU GLU A . n 
A 1 124 PRO 124 289 289 PRO PRO A . n 
A 1 125 LEU 125 290 290 LEU LEU A . n 
A 1 126 ALA 126 291 291 ALA ALA A . n 
A 1 127 GLU 127 292 292 GLU GLU A . n 
A 1 128 THR 128 293 293 THR THR A . n 
A 1 129 ILE 129 294 294 ILE ILE A . n 
A 1 130 THR 130 295 295 THR THR A . n 
A 1 131 ASP 131 296 296 ASP ASP A . n 
A 1 132 VAL 132 297 297 VAL VAL A . n 
A 1 133 LEU 133 298 298 LEU LEU A . n 
A 1 134 VAL 134 299 299 VAL VAL A . n 
A 1 135 ARG 135 300 300 ARG ARG A . n 
A 1 136 THR 136 301 301 THR THR A . n 
A 1 137 LYS 137 302 302 LYS LYS A . n 
A 1 138 ARG 138 303 303 ARG ARG A . n 
A 1 139 ASP 139 304 304 ASP ASP A . n 
A 1 140 TRP 140 305 305 TRP TRP A . n 
A 1 141 LEU 141 306 306 LEU LEU A . n 
A 1 142 VAL 142 307 307 VAL VAL A . n 
A 1 143 LYS 143 308 308 LYS LYS A . n 
A 1 144 GLN 144 309 309 GLN GLN A . n 
A 1 145 ARG 145 310 310 ARG ARG A . n 
A 1 146 GLY 146 311 311 GLY GLY A . n 
A 1 147 TRP 147 312 312 TRP TRP A . n 
A 1 148 ASP 148 313 313 ASP ASP A . n 
A 1 149 GLY 149 314 314 GLY GLY A . n 
A 1 150 PHE 150 315 315 PHE PHE A . n 
A 1 151 VAL 151 316 316 VAL VAL A . n 
A 1 152 GLU 152 317 317 GLU GLU A . n 
A 1 153 PHE 153 318 318 PHE PHE A . n 
A 1 154 PHE 154 319 319 PHE PHE A . n 
A 1 155 HIS 155 320 320 HIS HIS A . n 
A 1 156 VAL 156 321 321 VAL VAL A . n 
A 1 157 GLN 157 322 ?   ?   ?   A . n 
A 1 158 ASP 158 323 ?   ?   ?   A . n 
A 1 159 LEU 159 324 ?   ?   ?   A . n 
A 1 160 GLU 160 325 ?   ?   ?   A . n 
A 1 161 GLY 161 326 ?   ?   ?   A . n 
A 1 162 GLY 162 327 ?   ?   ?   A . n 
B 2 1   ARG 1   127 ?   ?   ?   B . n 
B 2 2   GLY 2   128 ?   ?   ?   B . n 
B 2 3   GLU 3   129 ?   ?   ?   B . n 
B 2 4   GLU 4   130 ?   ?   ?   B . n 
B 2 5   GLU 5   131 131 GLU GLU B . n 
B 2 6   GLN 6   132 132 GLN GLN B . n 
B 2 7   TRP 7   133 133 TRP TRP B . n 
B 2 8   ALA 8   134 134 ALA ALA B . n 
B 2 9   ARG 9   135 135 ARG ARG B . n 
B 2 10  GLU 10  136 136 GLU GLU B . n 
B 2 11  ILE 11  137 137 ILE ILE B . n 
B 2 12  GLY 12  138 138 GLY GLY B . n 
B 2 13  ALA 13  139 139 ALA ALA B . n 
B 2 14  GLN 14  140 140 GLN GLN B . n 
B 2 15  LEU 15  141 141 LEU LEU B . n 
B 2 16  ARG 16  142 142 ARG ARG B . n 
B 2 17  ARG 17  143 143 ARG ARG B . n 
B 2 18  MET 18  144 144 MET MET B . n 
B 2 19  ALA 19  145 145 ALA ALA B . n 
B 2 20  ASP 20  146 146 ASP ASP B . n 
B 2 21  ASP 21  147 147 ASP ASP B . n 
B 2 22  LEU 22  148 148 LEU LEU B . n 
B 2 23  ASN 23  149 149 ASN ASN B . n 
# 
loop_
_pdbx_nonpoly_scheme.asym_id 
_pdbx_nonpoly_scheme.entity_id 
_pdbx_nonpoly_scheme.mon_id 
_pdbx_nonpoly_scheme.ndb_seq_num 
_pdbx_nonpoly_scheme.pdb_seq_num 
_pdbx_nonpoly_scheme.auth_seq_num 
_pdbx_nonpoly_scheme.pdb_mon_id 
_pdbx_nonpoly_scheme.auth_mon_id 
_pdbx_nonpoly_scheme.pdb_strand_id 
_pdbx_nonpoly_scheme.pdb_ins_code 
C 3 ZN  1  401 401 ZN  ZN  A . 
D 3 ZN  1  402 402 ZN  ZN  A . 
E 3 ZN  1  403 403 ZN  ZN  A . 
F 4 CL  1  404 404 CL  CL  A . 
G 4 CL  1  405 406 CL  CL  A . 
H 4 CL  1  201 405 CL  CL  B . 
I 5 HOH 1  501 62  HOH HOH A . 
I 5 HOH 2  502 60  HOH HOH A . 
I 5 HOH 3  503 32  HOH HOH A . 
I 5 HOH 4  504 14  HOH HOH A . 
I 5 HOH 5  505 44  HOH HOH A . 
I 5 HOH 6  506 81  HOH HOH A . 
I 5 HOH 7  507 15  HOH HOH A . 
I 5 HOH 8  508 85  HOH HOH A . 
I 5 HOH 9  509 71  HOH HOH A . 
I 5 HOH 10 510 40  HOH HOH A . 
I 5 HOH 11 511 36  HOH HOH A . 
I 5 HOH 12 512 1   HOH HOH A . 
I 5 HOH 13 513 37  HOH HOH A . 
I 5 HOH 14 514 46  HOH HOH A . 
I 5 HOH 15 515 75  HOH HOH A . 
I 5 HOH 16 516 3   HOH HOH A . 
I 5 HOH 17 517 65  HOH HOH A . 
I 5 HOH 18 518 26  HOH HOH A . 
I 5 HOH 19 519 82  HOH HOH A . 
I 5 HOH 20 520 72  HOH HOH A . 
I 5 HOH 21 521 41  HOH HOH A . 
I 5 HOH 22 522 69  HOH HOH A . 
I 5 HOH 23 523 30  HOH HOH A . 
I 5 HOH 24 524 2   HOH HOH A . 
I 5 HOH 25 525 73  HOH HOH A . 
I 5 HOH 26 526 4   HOH HOH A . 
I 5 HOH 27 527 84  HOH HOH A . 
I 5 HOH 28 528 83  HOH HOH A . 
I 5 HOH 29 529 78  HOH HOH A . 
I 5 HOH 30 530 31  HOH HOH A . 
I 5 HOH 31 531 54  HOH HOH A . 
I 5 HOH 32 532 70  HOH HOH A . 
I 5 HOH 33 533 38  HOH HOH A . 
I 5 HOH 34 534 68  HOH HOH A . 
I 5 HOH 35 535 80  HOH HOH A . 
I 5 HOH 36 536 28  HOH HOH A . 
I 5 HOH 37 537 20  HOH HOH A . 
I 5 HOH 38 538 11  HOH HOH A . 
I 5 HOH 39 539 27  HOH HOH A . 
I 5 HOH 40 540 25  HOH HOH A . 
I 5 HOH 41 541 67  HOH HOH A . 
I 5 HOH 42 542 18  HOH HOH A . 
I 5 HOH 43 543 5   HOH HOH A . 
I 5 HOH 44 544 42  HOH HOH A . 
I 5 HOH 45 545 23  HOH HOH A . 
I 5 HOH 46 546 61  HOH HOH A . 
I 5 HOH 47 547 10  HOH HOH A . 
I 5 HOH 48 548 53  HOH HOH A . 
I 5 HOH 49 549 8   HOH HOH A . 
I 5 HOH 50 550 16  HOH HOH A . 
I 5 HOH 51 551 29  HOH HOH A . 
I 5 HOH 52 552 17  HOH HOH A . 
I 5 HOH 53 553 79  HOH HOH A . 
I 5 HOH 54 554 63  HOH HOH A . 
I 5 HOH 55 555 7   HOH HOH A . 
I 5 HOH 56 556 35  HOH HOH A . 
I 5 HOH 57 557 51  HOH HOH A . 
I 5 HOH 58 558 12  HOH HOH A . 
I 5 HOH 59 559 74  HOH HOH A . 
I 5 HOH 60 560 34  HOH HOH A . 
I 5 HOH 61 561 66  HOH HOH A . 
I 5 HOH 62 562 86  HOH HOH A . 
I 5 HOH 63 563 33  HOH HOH A . 
I 5 HOH 64 564 47  HOH HOH A . 
I 5 HOH 65 565 6   HOH HOH A . 
I 5 HOH 66 566 45  HOH HOH A . 
I 5 HOH 67 567 77  HOH HOH A . 
I 5 HOH 68 568 58  HOH HOH A . 
J 5 HOH 1  301 21  HOH HOH B . 
J 5 HOH 2  302 49  HOH HOH B . 
J 5 HOH 3  303 13  HOH HOH B . 
J 5 HOH 4  304 19  HOH HOH B . 
J 5 HOH 5  305 52  HOH HOH B . 
J 5 HOH 6  306 50  HOH HOH B . 
J 5 HOH 7  307 56  HOH HOH B . 
J 5 HOH 8  308 24  HOH HOH B . 
J 5 HOH 9  309 9   HOH HOH B . 
J 5 HOH 10 310 55  HOH HOH B . 
J 5 HOH 11 311 48  HOH HOH B . 
J 5 HOH 12 312 43  HOH HOH B . 
J 5 HOH 13 313 57  HOH HOH B . 
J 5 HOH 14 314 76  HOH HOH B . 
J 5 HOH 15 315 59  HOH HOH B . 
# 
loop_
_pdbx_unobs_or_zero_occ_atoms.id 
_pdbx_unobs_or_zero_occ_atoms.PDB_model_num 
_pdbx_unobs_or_zero_occ_atoms.polymer_flag 
_pdbx_unobs_or_zero_occ_atoms.occupancy_flag 
_pdbx_unobs_or_zero_occ_atoms.auth_asym_id 
_pdbx_unobs_or_zero_occ_atoms.auth_comp_id 
_pdbx_unobs_or_zero_occ_atoms.auth_seq_id 
_pdbx_unobs_or_zero_occ_atoms.PDB_ins_code 
_pdbx_unobs_or_zero_occ_atoms.auth_atom_id 
_pdbx_unobs_or_zero_occ_atoms.label_alt_id 
_pdbx_unobs_or_zero_occ_atoms.label_asym_id 
_pdbx_unobs_or_zero_occ_atoms.label_comp_id 
_pdbx_unobs_or_zero_occ_atoms.label_seq_id 
_pdbx_unobs_or_zero_occ_atoms.label_atom_id 
1  1 Y 1 A GLU 171 ? CG  ? A GLU 6   CG  
2  1 Y 1 A GLU 171 ? CD  ? A GLU 6   CD  
3  1 Y 1 A GLU 171 ? OE1 ? A GLU 6   OE1 
4  1 Y 1 A GLU 171 ? OE2 ? A GLU 6   OE2 
5  1 Y 1 A LYS 238 ? CG  ? A LYS 73  CG  
6  1 Y 1 A LYS 238 ? CD  ? A LYS 73  CD  
7  1 Y 1 A LYS 238 ? CE  ? A LYS 73  CE  
8  1 Y 1 A LYS 238 ? NZ  ? A LYS 73  NZ  
9  1 Y 1 A ASN 239 ? CG  ? A ASN 74  CG  
10 1 Y 1 A ASN 239 ? OD1 ? A ASN 74  OD1 
11 1 Y 1 A ASN 239 ? ND2 ? A ASN 74  ND2 
12 1 Y 1 A GLU 240 ? CG  ? A GLU 75  CG  
13 1 Y 1 A GLU 240 ? CD  ? A GLU 75  CD  
14 1 Y 1 A GLU 240 ? OE1 ? A GLU 75  OE1 
15 1 Y 1 A GLU 240 ? OE2 ? A GLU 75  OE2 
16 1 Y 1 A GLU 288 ? CG  ? A GLU 123 CG  
17 1 Y 1 A GLU 288 ? CD  ? A GLU 123 CD  
18 1 Y 1 A GLU 288 ? OE1 ? A GLU 123 OE1 
19 1 Y 1 A GLU 288 ? OE2 ? A GLU 123 OE2 
20 1 Y 1 A LYS 308 ? CG  ? A LYS 143 CG  
21 1 Y 1 A LYS 308 ? CD  ? A LYS 143 CD  
22 1 Y 1 A LYS 308 ? CE  ? A LYS 143 CE  
23 1 Y 1 A LYS 308 ? NZ  ? A LYS 143 NZ  
24 1 Y 1 A VAL 321 ? CA  ? A VAL 156 CA  
25 1 Y 1 A VAL 321 ? C   ? A VAL 156 C   
26 1 Y 1 A VAL 321 ? O   ? A VAL 156 O   
27 1 Y 1 A VAL 321 ? CB  ? A VAL 156 CB  
28 1 Y 1 A VAL 321 ? CG1 ? A VAL 156 CG1 
29 1 Y 1 A VAL 321 ? CG2 ? A VAL 156 CG2 
# 
loop_
_software.citation_id 
_software.classification 
_software.compiler_name 
_software.compiler_version 
_software.contact_author 
_software.contact_author_email 
_software.date 
_software.description 
_software.dependencies 
_software.hardware 
_software.language 
_software.location 
_software.mods 
_software.name 
_software.os 
_software.os_version 
_software.type 
_software.version 
_software.pdbx_ordinal 
? refinement        ? ? ? ? ? ? ? ? ? ? ? REFMAC      ? ? ? 5.8.0230 1 
? 'data scaling'    ? ? ? ? ? ? ? ? ? ? ? SCALEPACK   ? ? ? .        2 
? 'data extraction' ? ? ? ? ? ? ? ? ? ? ? PDB_EXTRACT ? ? ? 3.24     3 
? 'data reduction'  ? ? ? ? ? ? ? ? ? ? ? DENZO       ? ? ? .        4 
? phasing           ? ? ? ? ? ? ? ? ? ? ? MOLREP      ? ? ? .        5 
# 
_cell.angle_alpha                  90.000 
_cell.angle_alpha_esd              ? 
_cell.angle_beta                   90.000 
_cell.angle_beta_esd               ? 
_cell.angle_gamma                  90.000 
_cell.angle_gamma_esd              ? 
_cell.entry_id                     6QFM 
_cell.details                      ? 
_cell.formula_units_Z              ? 
_cell.length_a                     36.042 
_cell.length_a_esd                 ? 
_cell.length_b                     58.345 
_cell.length_b_esd                 ? 
_cell.length_c                     76.922 
_cell.length_c_esd                 ? 
_cell.volume                       ? 
_cell.volume_esd                   ? 
_cell.Z_PDB                        4 
_cell.reciprocal_angle_alpha       ? 
_cell.reciprocal_angle_beta        ? 
_cell.reciprocal_angle_gamma       ? 
_cell.reciprocal_angle_alpha_esd   ? 
_cell.reciprocal_angle_beta_esd    ? 
_cell.reciprocal_angle_gamma_esd   ? 
_cell.reciprocal_length_a          ? 
_cell.reciprocal_length_b          ? 
_cell.reciprocal_length_c          ? 
_cell.reciprocal_length_a_esd      ? 
_cell.reciprocal_length_b_esd      ? 
_cell.reciprocal_length_c_esd      ? 
_cell.pdbx_unique_axis             ? 
# 
_symmetry.entry_id                         6QFM 
_symmetry.cell_setting                     ? 
_symmetry.Int_Tables_number                19 
_symmetry.space_group_name_Hall            ? 
_symmetry.space_group_name_H-M             'P 21 21 21' 
_symmetry.pdbx_full_space_group_name_H-M   ? 
# 
_exptl.absorpt_coefficient_mu     ? 
_exptl.absorpt_correction_T_max   ? 
_exptl.absorpt_correction_T_min   ? 
_exptl.absorpt_correction_type    ? 
_exptl.absorpt_process_details    ? 
_exptl.entry_id                   6QFM 
_exptl.crystals_number            1 
_exptl.details                    ? 
_exptl.method                     'X-RAY DIFFRACTION' 
_exptl.method_details             ? 
# 
_exptl_crystal.colour                      ? 
_exptl_crystal.density_diffrn              ? 
_exptl_crystal.density_Matthews            1.93 
_exptl_crystal.density_method              ? 
_exptl_crystal.density_percent_sol         36.21 
_exptl_crystal.description                 ? 
_exptl_crystal.F_000                       ? 
_exptl_crystal.id                          1 
_exptl_crystal.preparation                 ? 
_exptl_crystal.size_max                    ? 
_exptl_crystal.size_mid                    ? 
_exptl_crystal.size_min                    ? 
_exptl_crystal.size_rad                    ? 
_exptl_crystal.colour_lustre               ? 
_exptl_crystal.colour_modifier             ? 
_exptl_crystal.colour_primary              ? 
_exptl_crystal.density_meas                ? 
_exptl_crystal.density_meas_esd            ? 
_exptl_crystal.density_meas_gt             ? 
_exptl_crystal.density_meas_lt             ? 
_exptl_crystal.density_meas_temp           ? 
_exptl_crystal.density_meas_temp_esd       ? 
_exptl_crystal.density_meas_temp_gt        ? 
_exptl_crystal.density_meas_temp_lt        ? 
_exptl_crystal.pdbx_crystal_image_url      ? 
_exptl_crystal.pdbx_crystal_image_format   ? 
_exptl_crystal.pdbx_mosaicity              ? 
_exptl_crystal.pdbx_mosaicity_esd          ? 
# 
_exptl_crystal_grow.apparatus       ? 
_exptl_crystal_grow.atmosphere      ? 
_exptl_crystal_grow.crystal_id      1 
_exptl_crystal_grow.details         ? 
_exptl_crystal_grow.method          'VAPOR DIFFUSION, HANGING DROP' 
_exptl_crystal_grow.method_ref      ? 
_exptl_crystal_grow.pH              7.0 
_exptl_crystal_grow.pressure        ? 
_exptl_crystal_grow.pressure_esd    ? 
_exptl_crystal_grow.seeding         ? 
_exptl_crystal_grow.seeding_ref     ? 
_exptl_crystal_grow.temp            293 
_exptl_crystal_grow.temp_details    ? 
_exptl_crystal_grow.temp_esd        ? 
_exptl_crystal_grow.time            ? 
_exptl_crystal_grow.pdbx_details    '100 mM imidazole buffer pH 7.0, 50 mM zinc acetate and 20-25% polyethylene glycol (PEG) 3350' 
_exptl_crystal_grow.pdbx_pH_range   ? 
# 
_diffrn.ambient_environment              ? 
_diffrn.ambient_temp                     100 
_diffrn.ambient_temp_details             ? 
_diffrn.ambient_temp_esd                 ? 
_diffrn.crystal_id                       1 
_diffrn.crystal_support                  ? 
_diffrn.crystal_treatment                ? 
_diffrn.details                          ? 
_diffrn.id                               1 
_diffrn.ambient_pressure                 ? 
_diffrn.ambient_pressure_esd             ? 
_diffrn.ambient_pressure_gt              ? 
_diffrn.ambient_pressure_lt              ? 
_diffrn.ambient_temp_gt                  ? 
_diffrn.ambient_temp_lt                  ? 
_diffrn.pdbx_serial_crystal_experiment   N 
# 
_diffrn_detector.details                      ? 
_diffrn_detector.detector                     CCD 
_diffrn_detector.diffrn_id                    1 
_diffrn_detector.type                         'ADSC QUANTUM 315' 
_diffrn_detector.area_resol_mean              ? 
_diffrn_detector.dtime                        ? 
_diffrn_detector.pdbx_frames_total            ? 
_diffrn_detector.pdbx_collection_time_total   ? 
_diffrn_detector.pdbx_collection_date         2007-12-12 
_diffrn_detector.pdbx_frequency               ? 
# 
_diffrn_radiation.collimation                      ? 
_diffrn_radiation.diffrn_id                        1 
_diffrn_radiation.filter_edge                      ? 
_diffrn_radiation.inhomogeneity                    ? 
_diffrn_radiation.monochromator                    Mirrors 
_diffrn_radiation.polarisn_norm                    ? 
_diffrn_radiation.polarisn_ratio                   ? 
_diffrn_radiation.probe                            ? 
_diffrn_radiation.type                             ? 
_diffrn_radiation.xray_symbol                      ? 
_diffrn_radiation.wavelength_id                    1 
_diffrn_radiation.pdbx_monochromatic_or_laue_m_l   M 
_diffrn_radiation.pdbx_wavelength_list             ? 
_diffrn_radiation.pdbx_wavelength                  ? 
_diffrn_radiation.pdbx_diffrn_protocol             'SINGLE WAVELENGTH' 
_diffrn_radiation.pdbx_analyzer                    ? 
_diffrn_radiation.pdbx_scattering_type             x-ray 
# 
_diffrn_radiation_wavelength.id           1 
_diffrn_radiation_wavelength.wavelength   0.973 
_diffrn_radiation_wavelength.wt           1.0 
# 
_diffrn_source.current                     ? 
_diffrn_source.details                     ? 
_diffrn_source.diffrn_id                   1 
_diffrn_source.power                       ? 
_diffrn_source.size                        ? 
_diffrn_source.source                      SYNCHROTRON 
_diffrn_source.target                      ? 
_diffrn_source.type                        'ESRF BEAMLINE ID29' 
_diffrn_source.voltage                     ? 
_diffrn_source.take-off_angle              ? 
_diffrn_source.pdbx_wavelength_list        0.973 
_diffrn_source.pdbx_wavelength             ? 
_diffrn_source.pdbx_synchrotron_beamline   ID29 
_diffrn_source.pdbx_synchrotron_site       ESRF 
# 
_reflns.B_iso_Wilson_estimate            ? 
_reflns.entry_id                         6QFM 
_reflns.data_reduction_details           ? 
_reflns.data_reduction_method            ? 
_reflns.d_resolution_high                2.000 
_reflns.d_resolution_low                 25.000 
_reflns.details                          ? 
_reflns.limit_h_max                      ? 
_reflns.limit_h_min                      ? 
_reflns.limit_k_max                      ? 
_reflns.limit_k_min                      ? 
_reflns.limit_l_max                      ? 
_reflns.limit_l_min                      ? 
_reflns.number_all                       ? 
_reflns.number_obs                       9678 
_reflns.observed_criterion               ? 
_reflns.observed_criterion_F_max         ? 
_reflns.observed_criterion_F_min         ? 
_reflns.observed_criterion_I_max         ? 
_reflns.observed_criterion_I_min         ? 
_reflns.observed_criterion_sigma_F       ? 
_reflns.observed_criterion_sigma_I       ? 
_reflns.percent_possible_obs             84.800 
_reflns.R_free_details                   ? 
_reflns.Rmerge_F_all                     ? 
_reflns.Rmerge_F_obs                     ? 
_reflns.Friedel_coverage                 ? 
_reflns.number_gt                        ? 
_reflns.threshold_expression             ? 
_reflns.pdbx_redundancy                  3.200 
_reflns.pdbx_Rmerge_I_obs                0.079 
_reflns.pdbx_Rmerge_I_all                ? 
_reflns.pdbx_Rsym_value                  ? 
_reflns.pdbx_netI_over_av_sigmaI         ? 
_reflns.pdbx_netI_over_sigmaI            10.400 
_reflns.pdbx_res_netI_over_av_sigmaI_2   ? 
_reflns.pdbx_res_netI_over_sigmaI_2      ? 
_reflns.pdbx_chi_squared                 1.221 
_reflns.pdbx_scaling_rejects             ? 
_reflns.pdbx_d_res_high_opt              ? 
_reflns.pdbx_d_res_low_opt               ? 
_reflns.pdbx_d_res_opt_method            ? 
_reflns.phase_calculation_details        ? 
_reflns.pdbx_Rrim_I_all                  ? 
_reflns.pdbx_Rpim_I_all                  ? 
_reflns.pdbx_d_opt                       ? 
_reflns.pdbx_number_measured_all         31218 
_reflns.pdbx_diffrn_id                   1 
_reflns.pdbx_ordinal                     1 
_reflns.pdbx_CC_half                     ? 
_reflns.pdbx_R_split                     ? 
# 
loop_
_reflns_shell.d_res_high 
_reflns_shell.d_res_low 
_reflns_shell.meanI_over_sigI_all 
_reflns_shell.meanI_over_sigI_obs 
_reflns_shell.number_measured_all 
_reflns_shell.number_measured_obs 
_reflns_shell.number_possible 
_reflns_shell.number_unique_all 
_reflns_shell.number_unique_obs 
_reflns_shell.percent_possible_all 
_reflns_shell.percent_possible_obs 
_reflns_shell.Rmerge_F_all 
_reflns_shell.Rmerge_F_obs 
_reflns_shell.Rmerge_I_all 
_reflns_shell.Rmerge_I_obs 
_reflns_shell.meanI_over_sigI_gt 
_reflns_shell.meanI_over_uI_all 
_reflns_shell.meanI_over_uI_gt 
_reflns_shell.number_measured_gt 
_reflns_shell.number_unique_gt 
_reflns_shell.percent_possible_gt 
_reflns_shell.Rmerge_F_gt 
_reflns_shell.Rmerge_I_gt 
_reflns_shell.pdbx_redundancy 
_reflns_shell.pdbx_Rsym_value 
_reflns_shell.pdbx_chi_squared 
_reflns_shell.pdbx_netI_over_sigmaI_all 
_reflns_shell.pdbx_netI_over_sigmaI_obs 
_reflns_shell.pdbx_Rrim_I_all 
_reflns_shell.pdbx_Rpim_I_all 
_reflns_shell.pdbx_rejects 
_reflns_shell.pdbx_ordinal 
_reflns_shell.pdbx_diffrn_id 
_reflns_shell.pdbx_CC_half 
_reflns_shell.pdbx_R_split 
2.000 2.070  ? ? ? ? ? ? 448  40.400 ? ? ? ? 0.355 ? ? ? ? ? ? ? ? 2.100 ? 0.923 ? ? ? ? ? 1  1 ? ? 
2.070 2.150  ? ? ? ? ? ? 648  58.300 ? ? ? ? 0.287 ? ? ? ? ? ? ? ? 2.300 ? 1.055 ? ? ? ? ? 2  1 ? ? 
2.150 2.250  ? ? ? ? ? ? 867  76.900 ? ? ? ? 0.280 ? ? ? ? ? ? ? ? 2.600 ? 1.137 ? ? ? ? ? 3  1 ? ? 
2.250 2.370  ? ? ? ? ? ? 962  86.800 ? ? ? ? 0.250 ? ? ? ? ? ? ? ? 3.100 ? 1.101 ? ? ? ? ? 4  1 ? ? 
2.370 2.520  ? ? ? ? ? ? 1053 94.300 ? ? ? ? 0.201 ? ? ? ? ? ? ? ? 3.400 ? 1.218 ? ? ? ? ? 5  1 ? ? 
2.520 2.710  ? ? ? ? ? ? 1112 98.100 ? ? ? ? 0.153 ? ? ? ? ? ? ? ? 3.600 ? 1.278 ? ? ? ? ? 6  1 ? ? 
2.710 2.990  ? ? ? ? ? ? 1134 99.000 ? ? ? ? 0.105 ? ? ? ? ? ? ? ? 3.500 ? 1.175 ? ? ? ? ? 7  1 ? ? 
2.990 3.420  ? ? ? ? ? ? 1132 98.800 ? ? ? ? 0.077 ? ? ? ? ? ? ? ? 3.600 ? 1.249 ? ? ? ? ? 8  1 ? ? 
3.420 4.300  ? ? ? ? ? ? 1141 98.100 ? ? ? ? 0.063 ? ? ? ? ? ? ? ? 3.500 ? 1.392 ? ? ? ? ? 9  1 ? ? 
4.300 25.000 ? ? ? ? ? ? 1181 94.300 ? ? ? ? 0.042 ? ? ? ? ? ? ? ? 3.300 ? 1.246 ? ? ? ? ? 10 1 ? ? 
# 
_refine.aniso_B[1][1]                            -0.3800 
_refine.aniso_B[1][2]                            -0.0000 
_refine.aniso_B[1][3]                            0.0000 
_refine.aniso_B[2][2]                            0.4400 
_refine.aniso_B[2][3]                            -0.0000 
_refine.aniso_B[3][3]                            -0.0600 
_refine.B_iso_max                                88.180 
_refine.B_iso_mean                               35.1870 
_refine.B_iso_min                                3.830 
_refine.correlation_coeff_Fo_to_Fc               0.9470 
_refine.correlation_coeff_Fo_to_Fc_free          0.9150 
_refine.details                                  
'HYDROGENS HAVE BEEN ADDED IN THE RIDING POSITIONS U VALUES      : REFINED INDIVIDUALLY' 
_refine.diff_density_max                         ? 
_refine.diff_density_max_esd                     ? 
_refine.diff_density_min                         ? 
_refine.diff_density_min_esd                     ? 
_refine.diff_density_rms                         ? 
_refine.diff_density_rms_esd                     ? 
_refine.entry_id                                 6QFM 
_refine.pdbx_refine_id                           'X-RAY DIFFRACTION' 
_refine.ls_abs_structure_details                 ? 
_refine.ls_abs_structure_Flack                   ? 
_refine.ls_abs_structure_Flack_esd               ? 
_refine.ls_abs_structure_Rogers                  ? 
_refine.ls_abs_structure_Rogers_esd              ? 
_refine.ls_d_res_high                            2.0000 
_refine.ls_d_res_low                             9.9800 
_refine.ls_extinction_coef                       ? 
_refine.ls_extinction_coef_esd                   ? 
_refine.ls_extinction_expression                 ? 
_refine.ls_extinction_method                     ? 
_refine.ls_goodness_of_fit_all                   ? 
_refine.ls_goodness_of_fit_all_esd               ? 
_refine.ls_goodness_of_fit_obs                   ? 
_refine.ls_goodness_of_fit_obs_esd               ? 
_refine.ls_hydrogen_treatment                    ? 
_refine.ls_matrix_type                           ? 
_refine.ls_number_constraints                    ? 
_refine.ls_number_parameters                     ? 
_refine.ls_number_reflns_all                     ? 
_refine.ls_number_reflns_obs                     9105 
_refine.ls_number_reflns_R_free                  459 
_refine.ls_number_reflns_R_work                  ? 
_refine.ls_number_restraints                     ? 
_refine.ls_percent_reflns_obs                    83.8600 
_refine.ls_percent_reflns_R_free                 4.8000 
_refine.ls_R_factor_all                          ? 
_refine.ls_R_factor_obs                          0.2051 
_refine.ls_R_factor_R_free                       0.2611 
_refine.ls_R_factor_R_free_error                 ? 
_refine.ls_R_factor_R_free_error_details         ? 
_refine.ls_R_factor_R_work                       0.2022 
_refine.ls_R_Fsqd_factor_obs                     ? 
_refine.ls_R_I_factor_obs                        ? 
_refine.ls_redundancy_reflns_all                 ? 
_refine.ls_redundancy_reflns_obs                 ? 
_refine.ls_restrained_S_all                      ? 
_refine.ls_restrained_S_obs                      ? 
_refine.ls_shift_over_esd_max                    ? 
_refine.ls_shift_over_esd_mean                   ? 
_refine.ls_structure_factor_coef                 ? 
_refine.ls_weighting_details                     ? 
_refine.ls_weighting_scheme                      ? 
_refine.ls_wR_factor_all                         ? 
_refine.ls_wR_factor_obs                         ? 
_refine.ls_wR_factor_R_free                      ? 
_refine.ls_wR_factor_R_work                      ? 
_refine.occupancy_max                            ? 
_refine.occupancy_min                            ? 
_refine.solvent_model_details                    ? 
_refine.solvent_model_param_bsol                 ? 
_refine.solvent_model_param_ksol                 ? 
_refine.ls_R_factor_gt                           ? 
_refine.ls_goodness_of_fit_gt                    ? 
_refine.ls_goodness_of_fit_ref                   ? 
_refine.ls_shift_over_su_max                     ? 
_refine.ls_shift_over_su_max_lt                  ? 
_refine.ls_shift_over_su_mean                    ? 
_refine.ls_shift_over_su_mean_lt                 ? 
_refine.pdbx_ls_sigma_I                          ? 
_refine.pdbx_ls_sigma_F                          0.000 
_refine.pdbx_ls_sigma_Fsqd                       ? 
_refine.pdbx_data_cutoff_high_absF               ? 
_refine.pdbx_data_cutoff_high_rms_absF           ? 
_refine.pdbx_data_cutoff_low_absF                ? 
_refine.pdbx_isotropic_thermal_model             ? 
_refine.pdbx_ls_cross_valid_method               THROUGHOUT 
_refine.pdbx_method_to_determine_struct          'MOLECULAR REPLACEMENT' 
_refine.pdbx_starting_model                      2NL9 
_refine.pdbx_stereochemistry_target_values       ? 
_refine.pdbx_R_Free_selection_details            RANDOM 
_refine.pdbx_stereochem_target_val_spec_case     ? 
_refine.pdbx_overall_ESU_R                       0.2680 
_refine.pdbx_overall_ESU_R_Free                  0.2190 
_refine.pdbx_solvent_vdw_probe_radii             1.2000 
_refine.pdbx_solvent_ion_probe_radii             0.8000 
_refine.pdbx_solvent_shrinkage_radii             0.8000 
_refine.pdbx_real_space_R                        ? 
_refine.pdbx_density_correlation                 ? 
_refine.pdbx_pd_number_of_powder_patterns        ? 
_refine.pdbx_pd_number_of_points                 ? 
_refine.pdbx_pd_meas_number_of_points            ? 
_refine.pdbx_pd_proc_ls_prof_R_factor            ? 
_refine.pdbx_pd_proc_ls_prof_wR_factor           ? 
_refine.pdbx_pd_Marquardt_correlation_coeff      ? 
_refine.pdbx_pd_Fsqrd_R_factor                   ? 
_refine.pdbx_pd_ls_matrix_band_width             ? 
_refine.pdbx_overall_phase_error                 ? 
_refine.pdbx_overall_SU_R_free_Cruickshank_DPI   ? 
_refine.pdbx_overall_SU_R_free_Blow_DPI          ? 
_refine.pdbx_overall_SU_R_Blow_DPI               ? 
_refine.pdbx_TLS_residual_ADP_flag               ? 
_refine.pdbx_diffrn_id                           1 
_refine.overall_SU_B                             6.0600 
_refine.overall_SU_ML                            0.1620 
_refine.overall_SU_R_Cruickshank_DPI             0.2679 
_refine.overall_SU_R_free                        ? 
_refine.overall_FOM_free_R_set                   ? 
_refine.overall_FOM_work_R_set                   ? 
_refine.pdbx_average_fsc_overall                 ? 
_refine.pdbx_average_fsc_work                    ? 
_refine.pdbx_average_fsc_free                    ? 
# 
_refine_hist.cycle_id                         final 
_refine_hist.pdbx_refine_id                   'X-RAY DIFFRACTION' 
_refine_hist.d_res_high                       2.0000 
_refine_hist.d_res_low                        9.9800 
_refine_hist.pdbx_number_atoms_ligand         6 
_refine_hist.number_atoms_solvent             83 
_refine_hist.number_atoms_total               1367 
_refine_hist.pdbx_number_residues_total       160 
_refine_hist.pdbx_B_iso_mean_ligand           29.71 
_refine_hist.pdbx_B_iso_mean_solvent          39.32 
_refine_hist.pdbx_number_atoms_protein        1278 
_refine_hist.pdbx_number_atoms_nucleic_acid   0 
# 
loop_
_refine_ls_restr.pdbx_refine_id 
_refine_ls_restr.criterion 
_refine_ls_restr.dev_ideal 
_refine_ls_restr.dev_ideal_target 
_refine_ls_restr.number 
_refine_ls_restr.rejects 
_refine_ls_restr.type 
_refine_ls_restr.weight 
_refine_ls_restr.pdbx_restraint_function 
'X-RAY DIFFRACTION' ? 0.009  0.014  1299 ? r_bond_refined_d       ? ? 
'X-RAY DIFFRACTION' ? 0.001  0.017  1156 ? r_bond_other_d         ? ? 
'X-RAY DIFFRACTION' ? 1.281  1.655  1749 ? r_angle_refined_deg    ? ? 
'X-RAY DIFFRACTION' ? 0.928  1.641  2692 ? r_angle_other_deg      ? ? 
'X-RAY DIFFRACTION' ? 4.691  5.000  156  ? r_dihedral_angle_1_deg ? ? 
'X-RAY DIFFRACTION' ? 35.487 20.000 83   ? r_dihedral_angle_2_deg ? ? 
'X-RAY DIFFRACTION' ? 20.013 15.000 228  ? r_dihedral_angle_3_deg ? ? 
'X-RAY DIFFRACTION' ? 21.967 15.000 16   ? r_dihedral_angle_4_deg ? ? 
'X-RAY DIFFRACTION' ? 0.070  0.200  165  ? r_chiral_restr         ? ? 
'X-RAY DIFFRACTION' ? 0.006  0.020  1484 ? r_gen_planes_refined   ? ? 
'X-RAY DIFFRACTION' ? 0.001  0.020  256  ? r_gen_planes_other     ? ? 
# 
_refine_ls_shell.pdbx_refine_id                   'X-RAY DIFFRACTION' 
_refine_ls_shell.d_res_high                       2.0040 
_refine_ls_shell.d_res_low                        2.1080 
_refine_ls_shell.number_reflns_all                679 
_refine_ls_shell.number_reflns_obs                ? 
_refine_ls_shell.number_reflns_R_free             36 
_refine_ls_shell.number_reflns_R_work             643 
_refine_ls_shell.percent_reflns_obs               43.2800 
_refine_ls_shell.percent_reflns_R_free            ? 
_refine_ls_shell.R_factor_all                     ? 
_refine_ls_shell.R_factor_obs                     ? 
_refine_ls_shell.R_factor_R_free                  0.2860 
_refine_ls_shell.R_factor_R_free_error            0.0000 
_refine_ls_shell.R_factor_R_work                  0.2700 
_refine_ls_shell.redundancy_reflns_all            ? 
_refine_ls_shell.redundancy_reflns_obs            ? 
_refine_ls_shell.wR_factor_all                    ? 
_refine_ls_shell.wR_factor_obs                    ? 
_refine_ls_shell.wR_factor_R_free                 ? 
_refine_ls_shell.wR_factor_R_work                 ? 
_refine_ls_shell.pdbx_total_number_of_bins_used   10 
_refine_ls_shell.pdbx_phase_error                 ? 
_refine_ls_shell.pdbx_fsc_work                    ? 
_refine_ls_shell.pdbx_fsc_free                    ? 
# 
_struct.entry_id                     6QFM 
_struct.title                        'Structure of human Mcl-1 in complex with PUMA BH3 peptide' 
_struct.pdbx_model_details           ? 
_struct.pdbx_formula_weight          ? 
_struct.pdbx_formula_weight_method   ? 
_struct.pdbx_model_type_details      ? 
_struct.pdbx_CASP_flag               N 
# 
_struct_keywords.entry_id        6QFM 
_struct_keywords.text            'APOPTOSIS, MCL1, BCL2, PUMA' 
_struct_keywords.pdbx_keywords   APOPTOSIS 
# 
loop_
_struct_asym.id 
_struct_asym.pdbx_blank_PDB_chainid_flag 
_struct_asym.pdbx_modified 
_struct_asym.entity_id 
_struct_asym.details 
A N N 1 ? 
B N N 2 ? 
C N N 3 ? 
D N N 3 ? 
E N N 3 ? 
F N N 4 ? 
G N N 4 ? 
H N N 4 ? 
I N N 5 ? 
J N N 5 ? 
# 
loop_
_struct_ref.id 
_struct_ref.db_name 
_struct_ref.db_code 
_struct_ref.pdbx_db_accession 
_struct_ref.pdbx_db_isoform 
_struct_ref.entity_id 
_struct_ref.pdbx_seq_one_letter_code 
_struct_ref.pdbx_align_begin 
1 UNP MCL1_HUMAN Q07820 ? 1 
;EDELYRQSLEIISRYLREQATGAKDTKPMGRSGATSRKALETLRRVGDGVQRNHETAFQGMLRKLDIKNEDDVKSLSRVM
IHVFSDGVTNWGRIVTLISFGAFVAKHLKTINQESCIEPLAESITDVLVRTKRDWLVKQRGWDGFVEFFHVEDLEGG
;
171 
2 UNP BBC3_HUMAN Q9BXH1 ? 2 RGEEEQWAREIGAQLRRMADDLN 127 
# 
loop_
_struct_ref_seq.align_id 
_struct_ref_seq.ref_id 
_struct_ref_seq.pdbx_PDB_id_code 
_struct_ref_seq.pdbx_strand_id 
_struct_ref_seq.seq_align_beg 
_struct_ref_seq.pdbx_seq_align_beg_ins_code 
_struct_ref_seq.seq_align_end 
_struct_ref_seq.pdbx_seq_align_end_ins_code 
_struct_ref_seq.pdbx_db_accession 
_struct_ref_seq.db_align_beg 
_struct_ref_seq.pdbx_db_align_beg_ins_code 
_struct_ref_seq.db_align_end 
_struct_ref_seq.pdbx_db_align_end_ins_code 
_struct_ref_seq.pdbx_auth_seq_align_beg 
_struct_ref_seq.pdbx_auth_seq_align_end 
1 1 6QFM A 6 ? 162 ? Q07820 171 ? 327 ? 171 327 
2 2 6QFM B 1 ? 23  ? Q9BXH1 127 ? 149 ? 127 149 
# 
loop_
_struct_ref_seq_dif.align_id 
_struct_ref_seq_dif.pdbx_pdb_id_code 
_struct_ref_seq_dif.mon_id 
_struct_ref_seq_dif.pdbx_pdb_strand_id 
_struct_ref_seq_dif.seq_num 
_struct_ref_seq_dif.pdbx_pdb_ins_code 
_struct_ref_seq_dif.pdbx_seq_db_name 
_struct_ref_seq_dif.pdbx_seq_db_accession_code 
_struct_ref_seq_dif.db_mon_id 
_struct_ref_seq_dif.pdbx_seq_db_seq_num 
_struct_ref_seq_dif.details 
_struct_ref_seq_dif.pdbx_auth_seq_num 
_struct_ref_seq_dif.pdbx_ordinal 
1 6QFM GLY A 1   ? UNP Q07820 ?   ?   'expression tag'      166 1  
1 6QFM PRO A 2   ? UNP Q07820 ?   ?   'expression tag'      167 2  
1 6QFM LEU A 3   ? UNP Q07820 ?   ?   'expression tag'      168 3  
1 6QFM GLY A 4   ? UNP Q07820 ?   ?   'expression tag'      169 4  
1 6QFM SER A 5   ? UNP Q07820 ?   ?   'expression tag'      170 5  
1 6QFM ASP A 8   ? UNP Q07820 GLU 173 'engineered mutation' 173 6  
1 6QFM GLY A 76  ? UNP Q07820 ASP 241 'engineered mutation' 241 7  
1 6QFM PHE A 81  ? UNP Q07820 LEU 246 'engineered mutation' 246 8  
1 6QFM VAL A 86  ? UNP Q07820 ILE 251 'engineered mutation' 251 9  
1 6QFM LYS A 90  ? UNP Q07820 SER 255 'engineered mutation' 255 10 
1 6QFM SER A 115 ? UNP Q07820 THR 280 'engineered mutation' 280 11 
1 6QFM VAL A 116 ? UNP Q07820 ILE 281 'engineered mutation' 281 12 
1 6QFM PHE A 121 ? UNP Q07820 CYS 286 'engineered mutation' 286 13 
1 6QFM THR A 128 ? UNP Q07820 SER 293 'engineered mutation' 293 14 
1 6QFM GLN A 157 ? UNP Q07820 GLU 322 'engineered mutation' 322 15 
# 
_pdbx_struct_assembly.id                   1 
_pdbx_struct_assembly.details              author_and_software_defined_assembly 
_pdbx_struct_assembly.method_details       PISA 
_pdbx_struct_assembly.oligomeric_details   dimeric 
_pdbx_struct_assembly.oligomeric_count     2 
# 
loop_
_pdbx_struct_assembly_prop.biol_id 
_pdbx_struct_assembly_prop.type 
_pdbx_struct_assembly_prop.value 
_pdbx_struct_assembly_prop.details 
1 'ABSA (A^2)' 2360 ? 
1 MORE         -132 ? 
1 'SSA (A^2)'  8080 ? 
# 
_pdbx_struct_assembly_gen.assembly_id       1 
_pdbx_struct_assembly_gen.oper_expression   1 
_pdbx_struct_assembly_gen.asym_id_list      A,B,C,D,E,F,G,H,I,J 
# 
_pdbx_struct_assembly_auth_evidence.id                     1 
_pdbx_struct_assembly_auth_evidence.assembly_id            1 
_pdbx_struct_assembly_auth_evidence.experimental_support   'gel filtration' 
_pdbx_struct_assembly_auth_evidence.details                ? 
# 
_pdbx_struct_oper_list.id                   1 
_pdbx_struct_oper_list.type                 'identity operation' 
_pdbx_struct_oper_list.name                 1_555 
_pdbx_struct_oper_list.symmetry_operation   x,y,z 
_pdbx_struct_oper_list.matrix[1][1]         1.0000000000 
_pdbx_struct_oper_list.matrix[1][2]         0.0000000000 
_pdbx_struct_oper_list.matrix[1][3]         0.0000000000 
_pdbx_struct_oper_list.vector[1]            0.0000000000 
_pdbx_struct_oper_list.matrix[2][1]         0.0000000000 
_pdbx_struct_oper_list.matrix[2][2]         1.0000000000 
_pdbx_struct_oper_list.matrix[2][3]         0.0000000000 
_pdbx_struct_oper_list.vector[2]            0.0000000000 
_pdbx_struct_oper_list.matrix[3][1]         0.0000000000 
_pdbx_struct_oper_list.matrix[3][2]         0.0000000000 
_pdbx_struct_oper_list.matrix[3][3]         1.0000000000 
_pdbx_struct_oper_list.vector[3]            0.0000000000 
# 
loop_
_struct_conf.conf_type_id 
_struct_conf.id 
_struct_conf.pdbx_PDB_helix_id 
_struct_conf.beg_label_comp_id 
_struct_conf.beg_label_asym_id 
_struct_conf.beg_label_seq_id 
_struct_conf.pdbx_beg_PDB_ins_code 
_struct_conf.end_label_comp_id 
_struct_conf.end_label_asym_id 
_struct_conf.end_label_seq_id 
_struct_conf.pdbx_end_PDB_ins_code 
_struct_conf.beg_auth_comp_id 
_struct_conf.beg_auth_asym_id 
_struct_conf.beg_auth_seq_id 
_struct_conf.end_auth_comp_id 
_struct_conf.end_auth_asym_id 
_struct_conf.end_auth_seq_id 
_struct_conf.pdbx_PDB_helix_class 
_struct_conf.details 
_struct_conf.pdbx_PDB_helix_length 
HELX_P HELX_P1 AA1 ASP A 7   ? THR A 26  ? ASP A 172 THR A 191 1 ? 20 
HELX_P HELX_P2 AA2 THR A 40  ? HIS A 59  ? THR A 205 HIS A 224 1 ? 20 
HELX_P HELX_P3 AA3 HIS A 59  ? LYS A 73  ? HIS A 224 LYS A 238 1 ? 15 
HELX_P HELX_P4 AA4 GLY A 76  ? PHE A 89  ? GLY A 241 PHE A 254 1 ? 14 
HELX_P HELX_P5 AA5 ASN A 95  ? VAL A 116 ? ASN A 260 VAL A 281 1 ? 22 
HELX_P HELX_P6 AA6 GLN A 118 ? SER A 120 ? GLN A 283 SER A 285 5 ? 3  
HELX_P HELX_P7 AA7 PHE A 121 ? GLN A 144 ? PHE A 286 GLN A 309 1 ? 24 
HELX_P HELX_P8 AA8 ARG A 145 ? HIS A 155 ? ARG A 310 HIS A 320 1 ? 11 
HELX_P HELX_P9 AA9 GLN B 6   ? ASN B 23  ? GLN B 132 ASN B 149 1 ? 18 
# 
_struct_conf_type.id          HELX_P 
_struct_conf_type.criteria    ? 
_struct_conf_type.reference   ? 
# 
loop_
_struct_conn.id 
_struct_conn.conn_type_id 
_struct_conn.pdbx_leaving_atom_flag 
_struct_conn.pdbx_PDB_id 
_struct_conn.ptnr1_label_asym_id 
_struct_conn.ptnr1_label_comp_id 
_struct_conn.ptnr1_label_seq_id 
_struct_conn.ptnr1_label_atom_id 
_struct_conn.pdbx_ptnr1_label_alt_id 
_struct_conn.pdbx_ptnr1_PDB_ins_code 
_struct_conn.pdbx_ptnr1_standard_comp_id 
_struct_conn.ptnr1_symmetry 
_struct_conn.ptnr2_label_asym_id 
_struct_conn.ptnr2_label_comp_id 
_struct_conn.ptnr2_label_seq_id 
_struct_conn.ptnr2_label_atom_id 
_struct_conn.pdbx_ptnr2_label_alt_id 
_struct_conn.pdbx_ptnr2_PDB_ins_code 
_struct_conn.ptnr1_auth_asym_id 
_struct_conn.ptnr1_auth_comp_id 
_struct_conn.ptnr1_auth_seq_id 
_struct_conn.ptnr2_auth_asym_id 
_struct_conn.ptnr2_auth_comp_id 
_struct_conn.ptnr2_auth_seq_id 
_struct_conn.ptnr2_symmetry 
_struct_conn.pdbx_ptnr3_label_atom_id 
_struct_conn.pdbx_ptnr3_label_seq_id 
_struct_conn.pdbx_ptnr3_label_comp_id 
_struct_conn.pdbx_ptnr3_label_asym_id 
_struct_conn.pdbx_ptnr3_label_alt_id 
_struct_conn.pdbx_ptnr3_PDB_ins_code 
_struct_conn.details 
_struct_conn.pdbx_dist_value 
_struct_conn.pdbx_value_order 
_struct_conn.pdbx_role 
metalc1  metalc ? ? A HIS 59  NE2 ? ? ? 1_555 D ZN  .  ZN  ? ? A HIS 224 A ZN  402 1_555 ? ? ? ? ? ? ? 2.095 ? ? 
metalc2  metalc ? ? A ASP 71  OD1 ? ? ? 1_555 E ZN  .  ZN  ? ? A ASP 236 A ZN  403 1_555 ? ? ? ? ? ? ? 2.191 ? ? 
metalc3  metalc ? ? A ASP 71  OD2 ? ? ? 1_555 E ZN  .  ZN  ? ? A ASP 236 A ZN  403 1_555 ? ? ? ? ? ? ? 2.553 ? ? 
metalc4  metalc ? ? A ASP 77  OD2 ? ? ? 1_555 E ZN  .  ZN  ? ? A ASP 242 A ZN  403 1_555 ? ? ? ? ? ? ? 2.123 ? ? 
metalc5  metalc ? ? A HIS 87  ND1 ? ? ? 1_555 C ZN  .  ZN  ? ? A HIS 252 A ZN  401 1_555 ? ? ? ? ? ? ? 2.105 ? ? 
metalc6  metalc ? ? A HIS 112 NE2 ? ? ? 1_555 E ZN  .  ZN  ? ? A HIS 277 A ZN  403 1_555 ? ? ? ? ? ? ? 2.457 ? ? 
metalc7  metalc ? ? C ZN  .   ZN  ? ? ? 4_455 B ASP 21 OD2 ? ? A ZN  401 B ASP 147 1_555 ? ? ? ? ? ? ? 2.043 ? ? 
metalc8  metalc ? ? C ZN  .   ZN  ? ? ? 1_555 J HOH .  O   ? ? A ZN  401 B HOH 302 1_555 ? ? ? ? ? ? ? 2.066 ? ? 
metalc9  metalc ? ? C ZN  .   ZN  ? ? ? 1_555 J HOH .  O   ? ? A ZN  401 B HOH 306 1_555 ? ? ? ? ? ? ? 2.628 ? ? 
metalc10 metalc ? ? D ZN  .   ZN  ? ? ? 1_555 J HOH .  O   ? ? A ZN  402 B HOH 311 4_455 ? ? ? ? ? ? ? 2.215 ? ? 
# 
_struct_conn_type.id          metalc 
_struct_conn_type.criteria    ? 
_struct_conn_type.reference   ? 
# 
loop_
_pdbx_struct_conn_angle.id 
_pdbx_struct_conn_angle.ptnr1_label_atom_id 
_pdbx_struct_conn_angle.ptnr1_label_alt_id 
_pdbx_struct_conn_angle.ptnr1_label_asym_id 
_pdbx_struct_conn_angle.ptnr1_label_comp_id 
_pdbx_struct_conn_angle.ptnr1_label_seq_id 
_pdbx_struct_conn_angle.ptnr1_auth_atom_id 
_pdbx_struct_conn_angle.ptnr1_auth_asym_id 
_pdbx_struct_conn_angle.ptnr1_auth_comp_id 
_pdbx_struct_conn_angle.ptnr1_auth_seq_id 
_pdbx_struct_conn_angle.ptnr1_PDB_ins_code 
_pdbx_struct_conn_angle.ptnr1_symmetry 
_pdbx_struct_conn_angle.ptnr2_label_atom_id 
_pdbx_struct_conn_angle.ptnr2_label_alt_id 
_pdbx_struct_conn_angle.ptnr2_label_asym_id 
_pdbx_struct_conn_angle.ptnr2_label_comp_id 
_pdbx_struct_conn_angle.ptnr2_label_seq_id 
_pdbx_struct_conn_angle.ptnr2_auth_atom_id 
_pdbx_struct_conn_angle.ptnr2_auth_asym_id 
_pdbx_struct_conn_angle.ptnr2_auth_comp_id 
_pdbx_struct_conn_angle.ptnr2_auth_seq_id 
_pdbx_struct_conn_angle.ptnr2_PDB_ins_code 
_pdbx_struct_conn_angle.ptnr2_symmetry 
_pdbx_struct_conn_angle.ptnr3_label_atom_id 
_pdbx_struct_conn_angle.ptnr3_label_alt_id 
_pdbx_struct_conn_angle.ptnr3_label_asym_id 
_pdbx_struct_conn_angle.ptnr3_label_comp_id 
_pdbx_struct_conn_angle.ptnr3_label_seq_id 
_pdbx_struct_conn_angle.ptnr3_auth_atom_id 
_pdbx_struct_conn_angle.ptnr3_auth_asym_id 
_pdbx_struct_conn_angle.ptnr3_auth_comp_id 
_pdbx_struct_conn_angle.ptnr3_auth_seq_id 
_pdbx_struct_conn_angle.ptnr3_PDB_ins_code 
_pdbx_struct_conn_angle.ptnr3_symmetry 
_pdbx_struct_conn_angle.value 
_pdbx_struct_conn_angle.value_esd 
1  NE2 ? A HIS 59 ? A HIS 224 ? 1_555 ZN ? D ZN . ? A ZN 402 ? 1_555 O   ? J HOH .   ? B HOH 311 ? 4_455 105.0 ? 
2  OD1 ? A ASP 71 ? A ASP 236 ? 1_555 ZN ? E ZN . ? A ZN 403 ? 1_555 OD2 ? A ASP 71  ? A ASP 236 ? 1_555 55.1  ? 
3  OD1 ? A ASP 71 ? A ASP 236 ? 1_555 ZN ? E ZN . ? A ZN 403 ? 1_555 OD2 ? A ASP 77  ? A ASP 242 ? 1_555 100.3 ? 
4  OD2 ? A ASP 71 ? A ASP 236 ? 1_555 ZN ? E ZN . ? A ZN 403 ? 1_555 OD2 ? A ASP 77  ? A ASP 242 ? 1_555 150.9 ? 
5  OD1 ? A ASP 71 ? A ASP 236 ? 1_555 ZN ? E ZN . ? A ZN 403 ? 1_555 NE2 ? A HIS 112 ? A HIS 277 ? 1_555 121.5 ? 
6  OD2 ? A ASP 71 ? A ASP 236 ? 1_555 ZN ? E ZN . ? A ZN 403 ? 1_555 NE2 ? A HIS 112 ? A HIS 277 ? 1_555 78.8  ? 
7  OD2 ? A ASP 77 ? A ASP 242 ? 1_555 ZN ? E ZN . ? A ZN 403 ? 1_555 NE2 ? A HIS 112 ? A HIS 277 ? 1_555 107.0 ? 
8  ND1 ? A HIS 87 ? A HIS 252 ? 1_555 ZN ? C ZN . ? A ZN 401 ? 1_555 OD2 ? B ASP 21  ? B ASP 147 ? 1_555 11.2  ? 
9  ND1 ? A HIS 87 ? A HIS 252 ? 1_555 ZN ? C ZN . ? A ZN 401 ? 1_555 O   ? J HOH .   ? B HOH 302 ? 1_555 108.9 ? 
10 OD2 ? B ASP 21 ? B ASP 147 ? 1_555 ZN ? C ZN . ? A ZN 401 ? 1_555 O   ? J HOH .   ? B HOH 302 ? 1_555 116.6 ? 
11 ND1 ? A HIS 87 ? A HIS 252 ? 1_555 ZN ? C ZN . ? A ZN 401 ? 1_555 O   ? J HOH .   ? B HOH 306 ? 1_555 153.1 ? 
12 OD2 ? B ASP 21 ? B ASP 147 ? 1_555 ZN ? C ZN . ? A ZN 401 ? 1_555 O   ? J HOH .   ? B HOH 306 ? 1_555 162.2 ? 
13 O   ? J HOH .  ? B HOH 302 ? 1_555 ZN ? C ZN . ? A ZN 401 ? 1_555 O   ? J HOH .   ? B HOH 306 ? 1_555 45.7  ? 
# 
loop_
_struct_site.id 
_struct_site.pdbx_evidence_code 
_struct_site.pdbx_auth_asym_id 
_struct_site.pdbx_auth_comp_id 
_struct_site.pdbx_auth_seq_id 
_struct_site.pdbx_auth_ins_code 
_struct_site.pdbx_num_residues 
_struct_site.details 
AC1 Software A ZN 401 ? 5 'binding site for residue ZN A 401' 
AC2 Software A ZN 402 ? 4 'binding site for residue ZN A 402' 
AC3 Software A ZN 403 ? 3 'binding site for residue ZN A 403' 
AC4 Software A CL 404 ? 5 'binding site for residue CL A 404' 
AC5 Software A CL 405 ? 4 'binding site for residue CL A 405' 
AC6 Software B CL 201 ? 3 'binding site for residue CL B 201' 
# 
loop_
_struct_site_gen.id 
_struct_site_gen.site_id 
_struct_site_gen.pdbx_num_res 
_struct_site_gen.label_comp_id 
_struct_site_gen.label_asym_id 
_struct_site_gen.label_seq_id 
_struct_site_gen.pdbx_auth_ins_code 
_struct_site_gen.auth_comp_id 
_struct_site_gen.auth_asym_id 
_struct_site_gen.auth_seq_id 
_struct_site_gen.label_atom_id 
_struct_site_gen.label_alt_id 
_struct_site_gen.symmetry 
_struct_site_gen.details 
1  AC1 5 HIS A 87  ? HIS A 252 . ? 1_555 ? 
2  AC1 5 CL  G .   ? CL  A 405 . ? 1_555 ? 
3  AC1 5 ASP B 21  ? ASP B 147 . ? 4_555 ? 
4  AC1 5 HOH J .   ? HOH B 302 . ? 1_555 ? 
5  AC1 5 HOH J .   ? HOH B 306 . ? 1_555 ? 
6  AC2 4 HIS A 59  ? HIS A 224 . ? 1_555 ? 
7  AC2 4 CL  F .   ? CL  A 404 . ? 1_555 ? 
8  AC2 4 CL  H .   ? CL  B 201 . ? 1_555 ? 
9  AC2 4 HOH J .   ? HOH B 311 . ? 4_455 ? 
10 AC3 3 ASP A 71  ? ASP A 236 . ? 1_555 ? 
11 AC3 3 ASP A 77  ? ASP A 242 . ? 1_555 ? 
12 AC3 3 HIS A 112 ? HIS A 277 . ? 1_555 ? 
13 AC4 5 HIS A 59  ? HIS A 224 . ? 1_555 ? 
14 AC4 5 HIS A 87  ? HIS A 252 . ? 4_455 ? 
15 AC4 5 ZN  D .   ? ZN  A 402 . ? 1_555 ? 
16 AC4 5 ARG B 16  ? ARG B 142 . ? 4_455 ? 
17 AC4 5 CL  H .   ? CL  B 201 . ? 1_555 ? 
18 AC5 4 HIS A 87  ? HIS A 252 . ? 1_555 ? 
19 AC5 4 LYS A 90  ? LYS A 255 . ? 1_555 ? 
20 AC5 4 ZN  C .   ? ZN  A 401 . ? 1_555 ? 
21 AC5 4 ASP B 21  ? ASP B 147 . ? 4_555 ? 
22 AC6 3 ZN  D .   ? ZN  A 402 . ? 1_555 ? 
23 AC6 3 CL  F .   ? CL  A 404 . ? 1_555 ? 
24 AC6 3 LEU B 22  ? LEU B 148 . ? 1_555 ? 
# 
loop_
_pdbx_validate_close_contact.id 
_pdbx_validate_close_contact.PDB_model_num 
_pdbx_validate_close_contact.auth_atom_id_1 
_pdbx_validate_close_contact.auth_asym_id_1 
_pdbx_validate_close_contact.auth_comp_id_1 
_pdbx_validate_close_contact.auth_seq_id_1 
_pdbx_validate_close_contact.PDB_ins_code_1 
_pdbx_validate_close_contact.label_alt_id_1 
_pdbx_validate_close_contact.auth_atom_id_2 
_pdbx_validate_close_contact.auth_asym_id_2 
_pdbx_validate_close_contact.auth_comp_id_2 
_pdbx_validate_close_contact.auth_seq_id_2 
_pdbx_validate_close_contact.PDB_ins_code_2 
_pdbx_validate_close_contact.label_alt_id_2 
_pdbx_validate_close_contact.dist 
1 1 O B HOH 302 ? ? O B HOH 306 ? ? 1.90 
2 1 O A HOH 507 ? ? O A HOH 516 ? ? 1.92 
3 1 O A HOH 508 ? ? O A HOH 527 ? ? 2.14 
4 1 O A HOH 526 ? ? O A HOH 562 ? ? 2.18 
# 
_pdbx_validate_symm_contact.id                1 
_pdbx_validate_symm_contact.PDB_model_num     1 
_pdbx_validate_symm_contact.auth_atom_id_1    NH2 
_pdbx_validate_symm_contact.auth_asym_id_1    A 
_pdbx_validate_symm_contact.auth_comp_id_1    ARG 
_pdbx_validate_symm_contact.auth_seq_id_1     176 
_pdbx_validate_symm_contact.PDB_ins_code_1    ? 
_pdbx_validate_symm_contact.label_alt_id_1    ? 
_pdbx_validate_symm_contact.site_symmetry_1   1_555 
_pdbx_validate_symm_contact.auth_atom_id_2    O 
_pdbx_validate_symm_contact.auth_asym_id_2    A 
_pdbx_validate_symm_contact.auth_comp_id_2    ASN 
_pdbx_validate_symm_contact.auth_seq_id_2     239 
_pdbx_validate_symm_contact.PDB_ins_code_2    ? 
_pdbx_validate_symm_contact.label_alt_id_2    ? 
_pdbx_validate_symm_contact.site_symmetry_2   3_544 
_pdbx_validate_symm_contact.dist              2.14 
# 
loop_
_pdbx_validate_torsion.id 
_pdbx_validate_torsion.PDB_model_num 
_pdbx_validate_torsion.auth_comp_id 
_pdbx_validate_torsion.auth_asym_id 
_pdbx_validate_torsion.auth_seq_id 
_pdbx_validate_torsion.PDB_ins_code 
_pdbx_validate_torsion.label_alt_id 
_pdbx_validate_torsion.phi 
_pdbx_validate_torsion.psi 
1 1 ASN A 239 ? ? -65.59 77.68  
2 1 HIS A 320 ? ? -39.87 120.11 
# 
loop_
_pdbx_validate_planes.id 
_pdbx_validate_planes.PDB_model_num 
_pdbx_validate_planes.auth_comp_id 
_pdbx_validate_planes.auth_asym_id 
_pdbx_validate_planes.auth_seq_id 
_pdbx_validate_planes.PDB_ins_code 
_pdbx_validate_planes.label_alt_id 
_pdbx_validate_planes.rmsd 
_pdbx_validate_planes.type 
1 1 ARG A 184 ? ? 0.089 'SIDE CHAIN' 
2 1 ARG A 233 ? ? 0.116 'SIDE CHAIN' 
3 1 ARG A 303 ? ? 0.219 'SIDE CHAIN' 
# 
loop_
_pdbx_unobs_or_zero_occ_residues.id 
_pdbx_unobs_or_zero_occ_residues.PDB_model_num 
_pdbx_unobs_or_zero_occ_residues.polymer_flag 
_pdbx_unobs_or_zero_occ_residues.occupancy_flag 
_pdbx_unobs_or_zero_occ_residues.auth_asym_id 
_pdbx_unobs_or_zero_occ_residues.auth_comp_id 
_pdbx_unobs_or_zero_occ_residues.auth_seq_id 
_pdbx_unobs_or_zero_occ_residues.PDB_ins_code 
_pdbx_unobs_or_zero_occ_residues.label_asym_id 
_pdbx_unobs_or_zero_occ_residues.label_comp_id 
_pdbx_unobs_or_zero_occ_residues.label_seq_id 
1  1 Y 1 A GLY 166 ? A GLY 1   
2  1 Y 1 A PRO 167 ? A PRO 2   
3  1 Y 1 A LEU 168 ? A LEU 3   
4  1 Y 1 A GLY 169 ? A GLY 4   
5  1 Y 1 A SER 170 ? A SER 5   
6  1 Y 1 A LYS 194 ? A LYS 29  
7  1 Y 1 A ASP 195 ? A ASP 30  
8  1 Y 1 A THR 196 ? A THR 31  
9  1 Y 1 A LYS 197 ? A LYS 32  
10 1 Y 1 A PRO 198 ? A PRO 33  
11 1 Y 1 A MET 199 ? A MET 34  
12 1 Y 1 A GLY 200 ? A GLY 35  
13 1 Y 1 A ARG 201 ? A ARG 36  
14 1 Y 1 A SER 202 ? A SER 37  
15 1 Y 1 A GLY 203 ? A GLY 38  
16 1 Y 1 A GLN 322 ? A GLN 157 
17 1 Y 1 A ASP 323 ? A ASP 158 
18 1 Y 1 A LEU 324 ? A LEU 159 
19 1 Y 1 A GLU 325 ? A GLU 160 
20 1 Y 1 A GLY 326 ? A GLY 161 
21 1 Y 1 A GLY 327 ? A GLY 162 
22 1 Y 1 B ARG 127 ? B ARG 1   
23 1 Y 1 B GLY 128 ? B GLY 2   
24 1 Y 1 B GLU 129 ? B GLU 3   
25 1 Y 1 B GLU 130 ? B GLU 4   
# 
loop_
_chem_comp_atom.comp_id 
_chem_comp_atom.atom_id 
_chem_comp_atom.type_symbol 
_chem_comp_atom.pdbx_aromatic_flag 
_chem_comp_atom.pdbx_stereo_config 
_chem_comp_atom.pdbx_ordinal 
ALA N    N  N N 1   
ALA CA   C  N S 2   
ALA C    C  N N 3   
ALA O    O  N N 4   
ALA CB   C  N N 5   
ALA OXT  O  N N 6   
ALA H    H  N N 7   
ALA H2   H  N N 8   
ALA HA   H  N N 9   
ALA HB1  H  N N 10  
ALA HB2  H  N N 11  
ALA HB3  H  N N 12  
ALA HXT  H  N N 13  
ARG N    N  N N 14  
ARG CA   C  N S 15  
ARG C    C  N N 16  
ARG O    O  N N 17  
ARG CB   C  N N 18  
ARG CG   C  N N 19  
ARG CD   C  N N 20  
ARG NE   N  N N 21  
ARG CZ   C  N N 22  
ARG NH1  N  N N 23  
ARG NH2  N  N N 24  
ARG OXT  O  N N 25  
ARG H    H  N N 26  
ARG H2   H  N N 27  
ARG HA   H  N N 28  
ARG HB2  H  N N 29  
ARG HB3  H  N N 30  
ARG HG2  H  N N 31  
ARG HG3  H  N N 32  
ARG HD2  H  N N 33  
ARG HD3  H  N N 34  
ARG HE   H  N N 35  
ARG HH11 H  N N 36  
ARG HH12 H  N N 37  
ARG HH21 H  N N 38  
ARG HH22 H  N N 39  
ARG HXT  H  N N 40  
ASN N    N  N N 41  
ASN CA   C  N S 42  
ASN C    C  N N 43  
ASN O    O  N N 44  
ASN CB   C  N N 45  
ASN CG   C  N N 46  
ASN OD1  O  N N 47  
ASN ND2  N  N N 48  
ASN OXT  O  N N 49  
ASN H    H  N N 50  
ASN H2   H  N N 51  
ASN HA   H  N N 52  
ASN HB2  H  N N 53  
ASN HB3  H  N N 54  
ASN HD21 H  N N 55  
ASN HD22 H  N N 56  
ASN HXT  H  N N 57  
ASP N    N  N N 58  
ASP CA   C  N S 59  
ASP C    C  N N 60  
ASP O    O  N N 61  
ASP CB   C  N N 62  
ASP CG   C  N N 63  
ASP OD1  O  N N 64  
ASP OD2  O  N N 65  
ASP OXT  O  N N 66  
ASP H    H  N N 67  
ASP H2   H  N N 68  
ASP HA   H  N N 69  
ASP HB2  H  N N 70  
ASP HB3  H  N N 71  
ASP HD2  H  N N 72  
ASP HXT  H  N N 73  
CL  CL   CL N N 74  
CYS N    N  N N 75  
CYS CA   C  N R 76  
CYS C    C  N N 77  
CYS O    O  N N 78  
CYS CB   C  N N 79  
CYS SG   S  N N 80  
CYS OXT  O  N N 81  
CYS H    H  N N 82  
CYS H2   H  N N 83  
CYS HA   H  N N 84  
CYS HB2  H  N N 85  
CYS HB3  H  N N 86  
CYS HG   H  N N 87  
CYS HXT  H  N N 88  
GLN N    N  N N 89  
GLN CA   C  N S 90  
GLN C    C  N N 91  
GLN O    O  N N 92  
GLN CB   C  N N 93  
GLN CG   C  N N 94  
GLN CD   C  N N 95  
GLN OE1  O  N N 96  
GLN NE2  N  N N 97  
GLN OXT  O  N N 98  
GLN H    H  N N 99  
GLN H2   H  N N 100 
GLN HA   H  N N 101 
GLN HB2  H  N N 102 
GLN HB3  H  N N 103 
GLN HG2  H  N N 104 
GLN HG3  H  N N 105 
GLN HE21 H  N N 106 
GLN HE22 H  N N 107 
GLN HXT  H  N N 108 
GLU N    N  N N 109 
GLU CA   C  N S 110 
GLU C    C  N N 111 
GLU O    O  N N 112 
GLU CB   C  N N 113 
GLU CG   C  N N 114 
GLU CD   C  N N 115 
GLU OE1  O  N N 116 
GLU OE2  O  N N 117 
GLU OXT  O  N N 118 
GLU H    H  N N 119 
GLU H2   H  N N 120 
GLU HA   H  N N 121 
GLU HB2  H  N N 122 
GLU HB3  H  N N 123 
GLU HG2  H  N N 124 
GLU HG3  H  N N 125 
GLU HE2  H  N N 126 
GLU HXT  H  N N 127 
GLY N    N  N N 128 
GLY CA   C  N N 129 
GLY C    C  N N 130 
GLY O    O  N N 131 
GLY OXT  O  N N 132 
GLY H    H  N N 133 
GLY H2   H  N N 134 
GLY HA2  H  N N 135 
GLY HA3  H  N N 136 
GLY HXT  H  N N 137 
HIS N    N  N N 138 
HIS CA   C  N S 139 
HIS C    C  N N 140 
HIS O    O  N N 141 
HIS CB   C  N N 142 
HIS CG   C  Y N 143 
HIS ND1  N  Y N 144 
HIS CD2  C  Y N 145 
HIS CE1  C  Y N 146 
HIS NE2  N  Y N 147 
HIS OXT  O  N N 148 
HIS H    H  N N 149 
HIS H2   H  N N 150 
HIS HA   H  N N 151 
HIS HB2  H  N N 152 
HIS HB3  H  N N 153 
HIS HD1  H  N N 154 
HIS HD2  H  N N 155 
HIS HE1  H  N N 156 
HIS HE2  H  N N 157 
HIS HXT  H  N N 158 
HOH O    O  N N 159 
HOH H1   H  N N 160 
HOH H2   H  N N 161 
ILE N    N  N N 162 
ILE CA   C  N S 163 
ILE C    C  N N 164 
ILE O    O  N N 165 
ILE CB   C  N S 166 
ILE CG1  C  N N 167 
ILE CG2  C  N N 168 
ILE CD1  C  N N 169 
ILE OXT  O  N N 170 
ILE H    H  N N 171 
ILE H2   H  N N 172 
ILE HA   H  N N 173 
ILE HB   H  N N 174 
ILE HG12 H  N N 175 
ILE HG13 H  N N 176 
ILE HG21 H  N N 177 
ILE HG22 H  N N 178 
ILE HG23 H  N N 179 
ILE HD11 H  N N 180 
ILE HD12 H  N N 181 
ILE HD13 H  N N 182 
ILE HXT  H  N N 183 
LEU N    N  N N 184 
LEU CA   C  N S 185 
LEU C    C  N N 186 
LEU O    O  N N 187 
LEU CB   C  N N 188 
LEU CG   C  N N 189 
LEU CD1  C  N N 190 
LEU CD2  C  N N 191 
LEU OXT  O  N N 192 
LEU H    H  N N 193 
LEU H2   H  N N 194 
LEU HA   H  N N 195 
LEU HB2  H  N N 196 
LEU HB3  H  N N 197 
LEU HG   H  N N 198 
LEU HD11 H  N N 199 
LEU HD12 H  N N 200 
LEU HD13 H  N N 201 
LEU HD21 H  N N 202 
LEU HD22 H  N N 203 
LEU HD23 H  N N 204 
LEU HXT  H  N N 205 
LYS N    N  N N 206 
LYS CA   C  N S 207 
LYS C    C  N N 208 
LYS O    O  N N 209 
LYS CB   C  N N 210 
LYS CG   C  N N 211 
LYS CD   C  N N 212 
LYS CE   C  N N 213 
LYS NZ   N  N N 214 
LYS OXT  O  N N 215 
LYS H    H  N N 216 
LYS H2   H  N N 217 
LYS HA   H  N N 218 
LYS HB2  H  N N 219 
LYS HB3  H  N N 220 
LYS HG2  H  N N 221 
LYS HG3  H  N N 222 
LYS HD2  H  N N 223 
LYS HD3  H  N N 224 
LYS HE2  H  N N 225 
LYS HE3  H  N N 226 
LYS HZ1  H  N N 227 
LYS HZ2  H  N N 228 
LYS HZ3  H  N N 229 
LYS HXT  H  N N 230 
MET N    N  N N 231 
MET CA   C  N S 232 
MET C    C  N N 233 
MET O    O  N N 234 
MET CB   C  N N 235 
MET CG   C  N N 236 
MET SD   S  N N 237 
MET CE   C  N N 238 
MET OXT  O  N N 239 
MET H    H  N N 240 
MET H2   H  N N 241 
MET HA   H  N N 242 
MET HB2  H  N N 243 
MET HB3  H  N N 244 
MET HG2  H  N N 245 
MET HG3  H  N N 246 
MET HE1  H  N N 247 
MET HE2  H  N N 248 
MET HE3  H  N N 249 
MET HXT  H  N N 250 
PHE N    N  N N 251 
PHE CA   C  N S 252 
PHE C    C  N N 253 
PHE O    O  N N 254 
PHE CB   C  N N 255 
PHE CG   C  Y N 256 
PHE CD1  C  Y N 257 
PHE CD2  C  Y N 258 
PHE CE1  C  Y N 259 
PHE CE2  C  Y N 260 
PHE CZ   C  Y N 261 
PHE OXT  O  N N 262 
PHE H    H  N N 263 
PHE H2   H  N N 264 
PHE HA   H  N N 265 
PHE HB2  H  N N 266 
PHE HB3  H  N N 267 
PHE HD1  H  N N 268 
PHE HD2  H  N N 269 
PHE HE1  H  N N 270 
PHE HE2  H  N N 271 
PHE HZ   H  N N 272 
PHE HXT  H  N N 273 
PRO N    N  N N 274 
PRO CA   C  N S 275 
PRO C    C  N N 276 
PRO O    O  N N 277 
PRO CB   C  N N 278 
PRO CG   C  N N 279 
PRO CD   C  N N 280 
PRO OXT  O  N N 281 
PRO H    H  N N 282 
PRO HA   H  N N 283 
PRO HB2  H  N N 284 
PRO HB3  H  N N 285 
PRO HG2  H  N N 286 
PRO HG3  H  N N 287 
PRO HD2  H  N N 288 
PRO HD3  H  N N 289 
PRO HXT  H  N N 290 
SER N    N  N N 291 
SER CA   C  N S 292 
SER C    C  N N 293 
SER O    O  N N 294 
SER CB   C  N N 295 
SER OG   O  N N 296 
SER OXT  O  N N 297 
SER H    H  N N 298 
SER H2   H  N N 299 
SER HA   H  N N 300 
SER HB2  H  N N 301 
SER HB3  H  N N 302 
SER HG   H  N N 303 
SER HXT  H  N N 304 
THR N    N  N N 305 
THR CA   C  N S 306 
THR C    C  N N 307 
THR O    O  N N 308 
THR CB   C  N R 309 
THR OG1  O  N N 310 
THR CG2  C  N N 311 
THR OXT  O  N N 312 
THR H    H  N N 313 
THR H2   H  N N 314 
THR HA   H  N N 315 
THR HB   H  N N 316 
THR HG1  H  N N 317 
THR HG21 H  N N 318 
THR HG22 H  N N 319 
THR HG23 H  N N 320 
THR HXT  H  N N 321 
TRP N    N  N N 322 
TRP CA   C  N S 323 
TRP C    C  N N 324 
TRP O    O  N N 325 
TRP CB   C  N N 326 
TRP CG   C  Y N 327 
TRP CD1  C  Y N 328 
TRP CD2  C  Y N 329 
TRP NE1  N  Y N 330 
TRP CE2  C  Y N 331 
TRP CE3  C  Y N 332 
TRP CZ2  C  Y N 333 
TRP CZ3  C  Y N 334 
TRP CH2  C  Y N 335 
TRP OXT  O  N N 336 
TRP H    H  N N 337 
TRP H2   H  N N 338 
TRP HA   H  N N 339 
TRP HB2  H  N N 340 
TRP HB3  H  N N 341 
TRP HD1  H  N N 342 
TRP HE1  H  N N 343 
TRP HE3  H  N N 344 
TRP HZ2  H  N N 345 
TRP HZ3  H  N N 346 
TRP HH2  H  N N 347 
TRP HXT  H  N N 348 
TYR N    N  N N 349 
TYR CA   C  N S 350 
TYR C    C  N N 351 
TYR O    O  N N 352 
TYR CB   C  N N 353 
TYR CG   C  Y N 354 
TYR CD1  C  Y N 355 
TYR CD2  C  Y N 356 
TYR CE1  C  Y N 357 
TYR CE2  C  Y N 358 
TYR CZ   C  Y N 359 
TYR OH   O  N N 360 
TYR OXT  O  N N 361 
TYR H    H  N N 362 
TYR H2   H  N N 363 
TYR HA   H  N N 364 
TYR HB2  H  N N 365 
TYR HB3  H  N N 366 
TYR HD1  H  N N 367 
TYR HD2  H  N N 368 
TYR HE1  H  N N 369 
TYR HE2  H  N N 370 
TYR HH   H  N N 371 
TYR HXT  H  N N 372 
VAL N    N  N N 373 
VAL CA   C  N S 374 
VAL C    C  N N 375 
VAL O    O  N N 376 
VAL CB   C  N N 377 
VAL CG1  C  N N 378 
VAL CG2  C  N N 379 
VAL OXT  O  N N 380 
VAL H    H  N N 381 
VAL H2   H  N N 382 
VAL HA   H  N N 383 
VAL HB   H  N N 384 
VAL HG11 H  N N 385 
VAL HG12 H  N N 386 
VAL HG13 H  N N 387 
VAL HG21 H  N N 388 
VAL HG22 H  N N 389 
VAL HG23 H  N N 390 
VAL HXT  H  N N 391 
ZN  ZN   ZN N N 392 
# 
loop_
_chem_comp_bond.comp_id 
_chem_comp_bond.atom_id_1 
_chem_comp_bond.atom_id_2 
_chem_comp_bond.value_order 
_chem_comp_bond.pdbx_aromatic_flag 
_chem_comp_bond.pdbx_stereo_config 
_chem_comp_bond.pdbx_ordinal 
ALA N   CA   sing N N 1   
ALA N   H    sing N N 2   
ALA N   H2   sing N N 3   
ALA CA  C    sing N N 4   
ALA CA  CB   sing N N 5   
ALA CA  HA   sing N N 6   
ALA C   O    doub N N 7   
ALA C   OXT  sing N N 8   
ALA CB  HB1  sing N N 9   
ALA CB  HB2  sing N N 10  
ALA CB  HB3  sing N N 11  
ALA OXT HXT  sing N N 12  
ARG N   CA   sing N N 13  
ARG N   H    sing N N 14  
ARG N   H2   sing N N 15  
ARG CA  C    sing N N 16  
ARG CA  CB   sing N N 17  
ARG CA  HA   sing N N 18  
ARG C   O    doub N N 19  
ARG C   OXT  sing N N 20  
ARG CB  CG   sing N N 21  
ARG CB  HB2  sing N N 22  
ARG CB  HB3  sing N N 23  
ARG CG  CD   sing N N 24  
ARG CG  HG2  sing N N 25  
ARG CG  HG3  sing N N 26  
ARG CD  NE   sing N N 27  
ARG CD  HD2  sing N N 28  
ARG CD  HD3  sing N N 29  
ARG NE  CZ   sing N N 30  
ARG NE  HE   sing N N 31  
ARG CZ  NH1  sing N N 32  
ARG CZ  NH2  doub N N 33  
ARG NH1 HH11 sing N N 34  
ARG NH1 HH12 sing N N 35  
ARG NH2 HH21 sing N N 36  
ARG NH2 HH22 sing N N 37  
ARG OXT HXT  sing N N 38  
ASN N   CA   sing N N 39  
ASN N   H    sing N N 40  
ASN N   H2   sing N N 41  
ASN CA  C    sing N N 42  
ASN CA  CB   sing N N 43  
ASN CA  HA   sing N N 44  
ASN C   O    doub N N 45  
ASN C   OXT  sing N N 46  
ASN CB  CG   sing N N 47  
ASN CB  HB2  sing N N 48  
ASN CB  HB3  sing N N 49  
ASN CG  OD1  doub N N 50  
ASN CG  ND2  sing N N 51  
ASN ND2 HD21 sing N N 52  
ASN ND2 HD22 sing N N 53  
ASN OXT HXT  sing N N 54  
ASP N   CA   sing N N 55  
ASP N   H    sing N N 56  
ASP N   H2   sing N N 57  
ASP CA  C    sing N N 58  
ASP CA  CB   sing N N 59  
ASP CA  HA   sing N N 60  
ASP C   O    doub N N 61  
ASP C   OXT  sing N N 62  
ASP CB  CG   sing N N 63  
ASP CB  HB2  sing N N 64  
ASP CB  HB3  sing N N 65  
ASP CG  OD1  doub N N 66  
ASP CG  OD2  sing N N 67  
ASP OD2 HD2  sing N N 68  
ASP OXT HXT  sing N N 69  
CYS N   CA   sing N N 70  
CYS N   H    sing N N 71  
CYS N   H2   sing N N 72  
CYS CA  C    sing N N 73  
CYS CA  CB   sing N N 74  
CYS CA  HA   sing N N 75  
CYS C   O    doub N N 76  
CYS C   OXT  sing N N 77  
CYS CB  SG   sing N N 78  
CYS CB  HB2  sing N N 79  
CYS CB  HB3  sing N N 80  
CYS SG  HG   sing N N 81  
CYS OXT HXT  sing N N 82  
GLN N   CA   sing N N 83  
GLN N   H    sing N N 84  
GLN N   H2   sing N N 85  
GLN CA  C    sing N N 86  
GLN CA  CB   sing N N 87  
GLN CA  HA   sing N N 88  
GLN C   O    doub N N 89  
GLN C   OXT  sing N N 90  
GLN CB  CG   sing N N 91  
GLN CB  HB2  sing N N 92  
GLN CB  HB3  sing N N 93  
GLN CG  CD   sing N N 94  
GLN CG  HG2  sing N N 95  
GLN CG  HG3  sing N N 96  
GLN CD  OE1  doub N N 97  
GLN CD  NE2  sing N N 98  
GLN NE2 HE21 sing N N 99  
GLN NE2 HE22 sing N N 100 
GLN OXT HXT  sing N N 101 
GLU N   CA   sing N N 102 
GLU N   H    sing N N 103 
GLU N   H2   sing N N 104 
GLU CA  C    sing N N 105 
GLU CA  CB   sing N N 106 
GLU CA  HA   sing N N 107 
GLU C   O    doub N N 108 
GLU C   OXT  sing N N 109 
GLU CB  CG   sing N N 110 
GLU CB  HB2  sing N N 111 
GLU CB  HB3  sing N N 112 
GLU CG  CD   sing N N 113 
GLU CG  HG2  sing N N 114 
GLU CG  HG3  sing N N 115 
GLU CD  OE1  doub N N 116 
GLU CD  OE2  sing N N 117 
GLU OE2 HE2  sing N N 118 
GLU OXT HXT  sing N N 119 
GLY N   CA   sing N N 120 
GLY N   H    sing N N 121 
GLY N   H2   sing N N 122 
GLY CA  C    sing N N 123 
GLY CA  HA2  sing N N 124 
GLY CA  HA3  sing N N 125 
GLY C   O    doub N N 126 
GLY C   OXT  sing N N 127 
GLY OXT HXT  sing N N 128 
HIS N   CA   sing N N 129 
HIS N   H    sing N N 130 
HIS N   H2   sing N N 131 
HIS CA  C    sing N N 132 
HIS CA  CB   sing N N 133 
HIS CA  HA   sing N N 134 
HIS C   O    doub N N 135 
HIS C   OXT  sing N N 136 
HIS CB  CG   sing N N 137 
HIS CB  HB2  sing N N 138 
HIS CB  HB3  sing N N 139 
HIS CG  ND1  sing Y N 140 
HIS CG  CD2  doub Y N 141 
HIS ND1 CE1  doub Y N 142 
HIS ND1 HD1  sing N N 143 
HIS CD2 NE2  sing Y N 144 
HIS CD2 HD2  sing N N 145 
HIS CE1 NE2  sing Y N 146 
HIS CE1 HE1  sing N N 147 
HIS NE2 HE2  sing N N 148 
HIS OXT HXT  sing N N 149 
HOH O   H1   sing N N 150 
HOH O   H2   sing N N 151 
ILE N   CA   sing N N 152 
ILE N   H    sing N N 153 
ILE N   H2   sing N N 154 
ILE CA  C    sing N N 155 
ILE CA  CB   sing N N 156 
ILE CA  HA   sing N N 157 
ILE C   O    doub N N 158 
ILE C   OXT  sing N N 159 
ILE CB  CG1  sing N N 160 
ILE CB  CG2  sing N N 161 
ILE CB  HB   sing N N 162 
ILE CG1 CD1  sing N N 163 
ILE CG1 HG12 sing N N 164 
ILE CG1 HG13 sing N N 165 
ILE CG2 HG21 sing N N 166 
ILE CG2 HG22 sing N N 167 
ILE CG2 HG23 sing N N 168 
ILE CD1 HD11 sing N N 169 
ILE CD1 HD12 sing N N 170 
ILE CD1 HD13 sing N N 171 
ILE OXT HXT  sing N N 172 
LEU N   CA   sing N N 173 
LEU N   H    sing N N 174 
LEU N   H2   sing N N 175 
LEU CA  C    sing N N 176 
LEU CA  CB   sing N N 177 
LEU CA  HA   sing N N 178 
LEU C   O    doub N N 179 
LEU C   OXT  sing N N 180 
LEU CB  CG   sing N N 181 
LEU CB  HB2  sing N N 182 
LEU CB  HB3  sing N N 183 
LEU CG  CD1  sing N N 184 
LEU CG  CD2  sing N N 185 
LEU CG  HG   sing N N 186 
LEU CD1 HD11 sing N N 187 
LEU CD1 HD12 sing N N 188 
LEU CD1 HD13 sing N N 189 
LEU CD2 HD21 sing N N 190 
LEU CD2 HD22 sing N N 191 
LEU CD2 HD23 sing N N 192 
LEU OXT HXT  sing N N 193 
LYS N   CA   sing N N 194 
LYS N   H    sing N N 195 
LYS N   H2   sing N N 196 
LYS CA  C    sing N N 197 
LYS CA  CB   sing N N 198 
LYS CA  HA   sing N N 199 
LYS C   O    doub N N 200 
LYS C   OXT  sing N N 201 
LYS CB  CG   sing N N 202 
LYS CB  HB2  sing N N 203 
LYS CB  HB3  sing N N 204 
LYS CG  CD   sing N N 205 
LYS CG  HG2  sing N N 206 
LYS CG  HG3  sing N N 207 
LYS CD  CE   sing N N 208 
LYS CD  HD2  sing N N 209 
LYS CD  HD3  sing N N 210 
LYS CE  NZ   sing N N 211 
LYS CE  HE2  sing N N 212 
LYS CE  HE3  sing N N 213 
LYS NZ  HZ1  sing N N 214 
LYS NZ  HZ2  sing N N 215 
LYS NZ  HZ3  sing N N 216 
LYS OXT HXT  sing N N 217 
MET N   CA   sing N N 218 
MET N   H    sing N N 219 
MET N   H2   sing N N 220 
MET CA  C    sing N N 221 
MET CA  CB   sing N N 222 
MET CA  HA   sing N N 223 
MET C   O    doub N N 224 
MET C   OXT  sing N N 225 
MET CB  CG   sing N N 226 
MET CB  HB2  sing N N 227 
MET CB  HB3  sing N N 228 
MET CG  SD   sing N N 229 
MET CG  HG2  sing N N 230 
MET CG  HG3  sing N N 231 
MET SD  CE   sing N N 232 
MET CE  HE1  sing N N 233 
MET CE  HE2  sing N N 234 
MET CE  HE3  sing N N 235 
MET OXT HXT  sing N N 236 
PHE N   CA   sing N N 237 
PHE N   H    sing N N 238 
PHE N   H2   sing N N 239 
PHE CA  C    sing N N 240 
PHE CA  CB   sing N N 241 
PHE CA  HA   sing N N 242 
PHE C   O    doub N N 243 
PHE C   OXT  sing N N 244 
PHE CB  CG   sing N N 245 
PHE CB  HB2  sing N N 246 
PHE CB  HB3  sing N N 247 
PHE CG  CD1  doub Y N 248 
PHE CG  CD2  sing Y N 249 
PHE CD1 CE1  sing Y N 250 
PHE CD1 HD1  sing N N 251 
PHE CD2 CE2  doub Y N 252 
PHE CD2 HD2  sing N N 253 
PHE CE1 CZ   doub Y N 254 
PHE CE1 HE1  sing N N 255 
PHE CE2 CZ   sing Y N 256 
PHE CE2 HE2  sing N N 257 
PHE CZ  HZ   sing N N 258 
PHE OXT HXT  sing N N 259 
PRO N   CA   sing N N 260 
PRO N   CD   sing N N 261 
PRO N   H    sing N N 262 
PRO CA  C    sing N N 263 
PRO CA  CB   sing N N 264 
PRO CA  HA   sing N N 265 
PRO C   O    doub N N 266 
PRO C   OXT  sing N N 267 
PRO CB  CG   sing N N 268 
PRO CB  HB2  sing N N 269 
PRO CB  HB3  sing N N 270 
PRO CG  CD   sing N N 271 
PRO CG  HG2  sing N N 272 
PRO CG  HG3  sing N N 273 
PRO CD  HD2  sing N N 274 
PRO CD  HD3  sing N N 275 
PRO OXT HXT  sing N N 276 
SER N   CA   sing N N 277 
SER N   H    sing N N 278 
SER N   H2   sing N N 279 
SER CA  C    sing N N 280 
SER CA  CB   sing N N 281 
SER CA  HA   sing N N 282 
SER C   O    doub N N 283 
SER C   OXT  sing N N 284 
SER CB  OG   sing N N 285 
SER CB  HB2  sing N N 286 
SER CB  HB3  sing N N 287 
SER OG  HG   sing N N 288 
SER OXT HXT  sing N N 289 
THR N   CA   sing N N 290 
THR N   H    sing N N 291 
THR N   H2   sing N N 292 
THR CA  C    sing N N 293 
THR CA  CB   sing N N 294 
THR CA  HA   sing N N 295 
THR C   O    doub N N 296 
THR C   OXT  sing N N 297 
THR CB  OG1  sing N N 298 
THR CB  CG2  sing N N 299 
THR CB  HB   sing N N 300 
THR OG1 HG1  sing N N 301 
THR CG2 HG21 sing N N 302 
THR CG2 HG22 sing N N 303 
THR CG2 HG23 sing N N 304 
THR OXT HXT  sing N N 305 
TRP N   CA   sing N N 306 
TRP N   H    sing N N 307 
TRP N   H2   sing N N 308 
TRP CA  C    sing N N 309 
TRP CA  CB   sing N N 310 
TRP CA  HA   sing N N 311 
TRP C   O    doub N N 312 
TRP C   OXT  sing N N 313 
TRP CB  CG   sing N N 314 
TRP CB  HB2  sing N N 315 
TRP CB  HB3  sing N N 316 
TRP CG  CD1  doub Y N 317 
TRP CG  CD2  sing Y N 318 
TRP CD1 NE1  sing Y N 319 
TRP CD1 HD1  sing N N 320 
TRP CD2 CE2  doub Y N 321 
TRP CD2 CE3  sing Y N 322 
TRP NE1 CE2  sing Y N 323 
TRP NE1 HE1  sing N N 324 
TRP CE2 CZ2  sing Y N 325 
TRP CE3 CZ3  doub Y N 326 
TRP CE3 HE3  sing N N 327 
TRP CZ2 CH2  doub Y N 328 
TRP CZ2 HZ2  sing N N 329 
TRP CZ3 CH2  sing Y N 330 
TRP CZ3 HZ3  sing N N 331 
TRP CH2 HH2  sing N N 332 
TRP OXT HXT  sing N N 333 
TYR N   CA   sing N N 334 
TYR N   H    sing N N 335 
TYR N   H2   sing N N 336 
TYR CA  C    sing N N 337 
TYR CA  CB   sing N N 338 
TYR CA  HA   sing N N 339 
TYR C   O    doub N N 340 
TYR C   OXT  sing N N 341 
TYR CB  CG   sing N N 342 
TYR CB  HB2  sing N N 343 
TYR CB  HB3  sing N N 344 
TYR CG  CD1  doub Y N 345 
TYR CG  CD2  sing Y N 346 
TYR CD1 CE1  sing Y N 347 
TYR CD1 HD1  sing N N 348 
TYR CD2 CE2  doub Y N 349 
TYR CD2 HD2  sing N N 350 
TYR CE1 CZ   doub Y N 351 
TYR CE1 HE1  sing N N 352 
TYR CE2 CZ   sing Y N 353 
TYR CE2 HE2  sing N N 354 
TYR CZ  OH   sing N N 355 
TYR OH  HH   sing N N 356 
TYR OXT HXT  sing N N 357 
VAL N   CA   sing N N 358 
VAL N   H    sing N N 359 
VAL N   H2   sing N N 360 
VAL CA  C    sing N N 361 
VAL CA  CB   sing N N 362 
VAL CA  HA   sing N N 363 
VAL C   O    doub N N 364 
VAL C   OXT  sing N N 365 
VAL CB  CG1  sing N N 366 
VAL CB  CG2  sing N N 367 
VAL CB  HB   sing N N 368 
VAL CG1 HG11 sing N N 369 
VAL CG1 HG12 sing N N 370 
VAL CG1 HG13 sing N N 371 
VAL CG2 HG21 sing N N 372 
VAL CG2 HG22 sing N N 373 
VAL CG2 HG23 sing N N 374 
VAL OXT HXT  sing N N 375 
# 
_pdbx_initial_refinement_model.id               1 
_pdbx_initial_refinement_model.entity_id_list   ? 
_pdbx_initial_refinement_model.type             'experimental model' 
_pdbx_initial_refinement_model.source_name      PDB 
_pdbx_initial_refinement_model.accession_code   2NL9 
_pdbx_initial_refinement_model.details          ? 
# 
_atom_sites.entry_id                    6QFM 
_atom_sites.fract_transf_matrix[1][1]   -0.02124504 
_atom_sites.fract_transf_matrix[1][2]   0.01715126 
_atom_sites.fract_transf_matrix[1][3]   0.00492620 
_atom_sites.fract_transf_matrix[2][1]   -0.00935593 
_atom_sites.fract_transf_matrix[2][2]   -0.01320785 
_atom_sites.fract_transf_matrix[2][3]   0.00563602 
_atom_sites.fract_transf_matrix[3][1]   0.00442142 
_atom_sites.fract_transf_matrix[3][2]   0.00201343 
_atom_sites.fract_transf_matrix[3][3]   0.01205807 
_atom_sites.fract_transf_vector[1]      -0.231527 
_atom_sites.fract_transf_vector[2]      0.055050 
_atom_sites.fract_transf_vector[3]      -0.104503 
# 
loop_
_atom_type.symbol 
C  
CL 
N  
O  
S  
ZN 
# 
loop_
_atom_site.group_PDB 
_atom_site.id 
_atom_site.type_symbol 
_atom_site.label_atom_id 
_atom_site.label_alt_id 
_atom_site.label_comp_id 
_atom_site.label_asym_id 
_atom_site.label_entity_id 
_atom_site.label_seq_id 
_atom_site.pdbx_PDB_ins_code 
_atom_site.Cartn_x 
_atom_site.Cartn_y 
_atom_site.Cartn_z 
_atom_site.occupancy 
_atom_site.B_iso_or_equiv 
_atom_site.pdbx_formal_charge 
_atom_site.auth_seq_id 
_atom_site.auth_comp_id 
_atom_site.auth_asym_id 
_atom_site.auth_atom_id 
_atom_site.pdbx_PDB_model_num 
ATOM   1    N  N   . GLU A 1 6   ? -4.375  16.142  -6.425  1.00 68.46 ? 171 GLU A N   1 
ATOM   2    C  CA  . GLU A 1 6   ? -4.561  17.461  -7.106  1.00 70.55 ? 171 GLU A CA  1 
ATOM   3    C  C   . GLU A 1 6   ? -3.891  18.596  -6.303  1.00 70.11 ? 171 GLU A C   1 
ATOM   4    O  O   . GLU A 1 6   ? -4.279  19.763  -6.449  1.00 72.33 ? 171 GLU A O   1 
ATOM   5    C  CB  . GLU A 1 6   ? -6.059  17.723  -7.308  1.00 65.43 ? 171 GLU A CB  1 
ATOM   6    N  N   . ASP A 1 7   ? -2.882  18.252  -5.485  1.00 70.90 ? 172 ASP A N   1 
ATOM   7    C  CA  . ASP A 1 7   ? -2.106  19.187  -4.613  1.00 67.28 ? 172 ASP A CA  1 
ATOM   8    C  C   . ASP A 1 7   ? -0.659  18.667  -4.532  1.00 61.53 ? 172 ASP A C   1 
ATOM   9    O  O   . ASP A 1 7   ? -0.286  17.798  -5.295  1.00 71.72 ? 172 ASP A O   1 
ATOM   10   C  CB  . ASP A 1 7   ? -2.761  19.313  -3.233  1.00 64.59 ? 172 ASP A CB  1 
ATOM   11   C  CG  . ASP A 1 7   ? -2.716  18.010  -2.456  1.00 64.51 ? 172 ASP A CG  1 
ATOM   12   O  OD1 . ASP A 1 7   ? -3.667  17.210  -2.590  1.00 60.34 ? 172 ASP A OD1 1 
ATOM   13   O  OD2 . ASP A 1 7   ? -1.703  17.780  -1.766  1.00 69.47 ? 172 ASP A OD2 1 
ATOM   14   N  N   . ASP A 1 8   ? 0.150   19.169  -3.598  1.00 58.26 ? 173 ASP A N   1 
ATOM   15   C  CA  . ASP A 1 8   ? 1.583   18.854  -3.575  1.00 59.33 ? 173 ASP A CA  1 
ATOM   16   C  C   . ASP A 1 8   ? 1.886   17.649  -2.678  1.00 60.08 ? 173 ASP A C   1 
ATOM   17   O  O   . ASP A 1 8   ? 2.907   16.988  -2.870  1.00 57.78 ? 173 ASP A O   1 
ATOM   18   C  CB  . ASP A 1 8   ? 2.417   20.038  -3.094  1.00 63.57 ? 173 ASP A CB  1 
ATOM   19   C  CG  . ASP A 1 8   ? 2.321   21.253  -3.999  1.00 70.63 ? 173 ASP A CG  1 
ATOM   20   O  OD1 . ASP A 1 8   ? 1.919   21.085  -5.176  1.00 71.33 ? 173 ASP A OD1 1 
ATOM   21   O  OD2 . ASP A 1 8   ? 2.641   22.360  -3.516  1.00 78.20 ? 173 ASP A OD2 1 
ATOM   22   N  N   . LEU A 1 9   ? 1.049   17.415  -1.663  1.00 50.02 ? 174 LEU A N   1 
ATOM   23   C  CA  . LEU A 1 9   ? 1.153   16.223  -0.865  1.00 46.27 ? 174 LEU A CA  1 
ATOM   24   C  C   . LEU A 1 9   ? 0.752   15.035  -1.745  1.00 44.53 ? 174 LEU A C   1 
ATOM   25   O  O   . LEU A 1 9   ? 1.464   14.017  -1.788  1.00 38.65 ? 174 LEU A O   1 
ATOM   26   C  CB  . LEU A 1 9   ? 0.241   16.355  0.354   1.00 48.66 ? 174 LEU A CB  1 
ATOM   27   C  CG  . LEU A 1 9   ? 0.225   15.153  1.291   1.00 50.89 ? 174 LEU A CG  1 
ATOM   28   C  CD1 . LEU A 1 9   ? 1.641   14.756  1.687   1.00 50.00 ? 174 LEU A CD1 1 
ATOM   29   C  CD2 . LEU A 1 9   ? -0.630  15.442  2.516   1.00 51.94 ? 174 LEU A CD2 1 
ATOM   30   N  N   . TYR A 1 10  ? -0.341  15.229  -2.492  1.00 40.63 ? 175 TYR A N   1 
ATOM   31   C  CA  . TYR A 1 10  ? -0.951  14.209  -3.324  1.00 43.00 ? 175 TYR A CA  1 
ATOM   32   C  C   . TYR A 1 10  ? -0.009  13.724  -4.432  1.00 50.41 ? 175 TYR A C   1 
ATOM   33   O  O   . TYR A 1 10  ? 0.110   12.507  -4.648  1.00 44.30 ? 175 TYR A O   1 
ATOM   34   C  CB  . TYR A 1 10  ? -2.203  14.707  -4.037  1.00 42.86 ? 175 TYR A CB  1 
ATOM   35   C  CG  . TYR A 1 10  ? -2.785  13.642  -4.928  1.00 45.83 ? 175 TYR A CG  1 
ATOM   36   C  CD1 . TYR A 1 10  ? -2.311  13.428  -6.214  1.00 51.45 ? 175 TYR A CD1 1 
ATOM   37   C  CD2 . TYR A 1 10  ? -3.750  12.778  -4.446  1.00 46.91 ? 175 TYR A CD2 1 
ATOM   38   C  CE1 . TYR A 1 10  ? -2.823  12.416  -7.012  1.00 49.61 ? 175 TYR A CE1 1 
ATOM   39   C  CE2 . TYR A 1 10  ? -4.267  11.761  -5.226  1.00 48.69 ? 175 TYR A CE2 1 
ATOM   40   C  CZ  . TYR A 1 10  ? -3.801  11.577  -6.511  1.00 49.11 ? 175 TYR A CZ  1 
ATOM   41   O  OH  . TYR A 1 10  ? -4.317  10.557  -7.253  1.00 63.55 ? 175 TYR A OH  1 
ATOM   42   N  N   . ARG A 1 11  ? 0.561   14.670  -5.193  1.00 51.30 ? 176 ARG A N   1 
ATOM   43   C  CA  . ARG A 1 11  ? 1.396   14.326  -6.336  1.00 52.39 ? 176 ARG A CA  1 
ATOM   44   C  C   . ARG A 1 11  ? 2.726   13.754  -5.832  1.00 46.87 ? 176 ARG A C   1 
ATOM   45   O  O   . ARG A 1 11  ? 3.268   12.874  -6.460  1.00 47.59 ? 176 ARG A O   1 
ATOM   46   C  CB  . ARG A 1 11  ? 1.591   15.510  -7.290  1.00 52.25 ? 176 ARG A CB  1 
ATOM   47   C  CG  . ARG A 1 11  ? 0.684   15.467  -8.513  1.00 56.31 ? 176 ARG A CG  1 
ATOM   48   C  CD  . ARG A 1 11  ? 0.854   16.649  -9.459  1.00 59.46 ? 176 ARG A CD  1 
ATOM   49   N  NE  . ARG A 1 11  ? -0.211  17.637  -9.316  1.00 62.85 ? 176 ARG A NE  1 
ATOM   50   C  CZ  . ARG A 1 11  ? -0.168  18.721  -8.536  1.00 65.00 ? 176 ARG A CZ  1 
ATOM   51   N  NH1 . ARG A 1 11  ? 0.935   19.054  -7.885  1.00 61.44 ? 176 ARG A NH1 1 
ATOM   52   N  NH2 . ARG A 1 11  ? -1.245  19.474  -8.407  1.00 66.65 ? 176 ARG A NH2 1 
ATOM   53   N  N   . GLN A 1 12  ? 3.214   14.234  -4.684  1.00 43.00 ? 177 GLN A N   1 
ATOM   54   C  CA  . GLN A 1 12  ? 4.427   13.695  -4.064  1.00 39.14 ? 177 GLN A CA  1 
ATOM   55   C  C   . GLN A 1 12  ? 4.199   12.271  -3.529  1.00 37.09 ? 177 GLN A C   1 
ATOM   56   O  O   . GLN A 1 12  ? 5.116   11.471  -3.504  1.00 40.50 ? 177 GLN A O   1 
ATOM   57   C  CB  . GLN A 1 12  ? 4.877   14.596  -2.918  1.00 40.62 ? 177 GLN A CB  1 
ATOM   58   C  CG  . GLN A 1 12  ? 6.230   14.221  -2.329  1.00 41.41 ? 177 GLN A CG  1 
ATOM   59   C  CD  . GLN A 1 12  ? 6.397   14.771  -0.936  1.00 43.38 ? 177 GLN A CD  1 
ATOM   60   O  OE1 . GLN A 1 12  ? 5.428   15.160  -0.292  1.00 39.17 ? 177 GLN A OE1 1 
ATOM   61   N  NE2 . GLN A 1 12  ? 7.627   14.782  -0.445  1.00 42.70 ? 177 GLN A NE2 1 
ATOM   62   N  N   . SER A 1 13  ? 2.980   11.979  -3.071  1.00 37.66 ? 178 SER A N   1 
ATOM   63   C  CA  . SER A 1 13  ? 2.602   10.659  -2.574  1.00 39.12 ? 178 SER A CA  1 
ATOM   64   C  C   . SER A 1 13  ? 2.505   9.698   -3.759  1.00 38.50 ? 178 SER A C   1 
ATOM   65   O  O   . SER A 1 13  ? 2.994   8.578   -3.692  1.00 36.94 ? 178 SER A O   1 
ATOM   66   C  CB  . SER A 1 13  ? 1.293   10.708  -1.800  1.00 40.65 ? 178 SER A CB  1 
ATOM   67   O  OG  . SER A 1 13  ? 1.450   11.385  -0.550  1.00 38.62 ? 178 SER A OG  1 
ATOM   68   N  N   . LEU A 1 14  ? 1.875   10.162  -4.842  1.00 37.34 ? 179 LEU A N   1 
ATOM   69   C  CA  . LEU A 1 14  ? 1.650   9.343   -6.019  1.00 43.16 ? 179 LEU A CA  1 
ATOM   70   C  C   . LEU A 1 14  ? 2.988   9.069   -6.706  1.00 47.17 ? 179 LEU A C   1 
ATOM   71   O  O   . LEU A 1 14  ? 3.172   8.032   -7.303  1.00 51.98 ? 179 LEU A O   1 
ATOM   72   C  CB  . LEU A 1 14  ? 0.676   10.042  -6.970  1.00 45.42 ? 179 LEU A CB  1 
ATOM   73   C  CG  . LEU A 1 14  ? 0.326   9.263   -8.232  1.00 45.31 ? 179 LEU A CG  1 
ATOM   74   C  CD1 . LEU A 1 14  ? -0.383  7.974   -7.876  1.00 46.90 ? 179 LEU A CD1 1 
ATOM   75   C  CD2 . LEU A 1 14  ? -0.536  10.089  -9.171  1.00 46.77 ? 179 LEU A CD2 1 
ATOM   76   N  N   . GLU A 1 15  ? 3.930   10.000  -6.581  1.00 53.52 ? 180 GLU A N   1 
ATOM   77   C  CA  . GLU A 1 15  ? 5.259   9.816   -7.123  1.00 51.70 ? 180 GLU A CA  1 
ATOM   78   C  C   . GLU A 1 15  ? 5.886   8.595   -6.441  1.00 46.70 ? 180 GLU A C   1 
ATOM   79   O  O   . GLU A 1 15  ? 6.173   7.615   -7.125  1.00 41.74 ? 180 GLU A O   1 
ATOM   80   C  CB  . GLU A 1 15  ? 6.070   11.101  -6.944  1.00 59.70 ? 180 GLU A CB  1 
ATOM   81   C  CG  . GLU A 1 15  ? 7.501   11.014  -7.440  1.00 67.54 ? 180 GLU A CG  1 
ATOM   82   C  CD  . GLU A 1 15  ? 8.010   12.283  -8.110  1.00 73.70 ? 180 GLU A CD  1 
ATOM   83   O  OE1 . GLU A 1 15  ? 7.542   12.581  -9.233  1.00 78.20 ? 180 GLU A OE1 1 
ATOM   84   O  OE2 . GLU A 1 15  ? 8.862   12.977  -7.508  1.00 71.43 ? 180 GLU A OE2 1 
ATOM   85   N  N   . ILE A 1 16  ? 6.063   8.671   -5.110  1.00 39.00 ? 181 ILE A N   1 
ATOM   86   C  CA  . ILE A 1 16  ? 6.673   7.597   -4.292  1.00 39.83 ? 181 ILE A CA  1 
ATOM   87   C  C   . ILE A 1 16  ? 5.983   6.248   -4.558  1.00 38.15 ? 181 ILE A C   1 
ATOM   88   O  O   . ILE A 1 16  ? 6.650   5.251   -4.869  1.00 36.03 ? 181 ILE A O   1 
ATOM   89   C  CB  . ILE A 1 16  ? 6.634   7.952   -2.794  1.00 41.39 ? 181 ILE A CB  1 
ATOM   90   C  CG1 . ILE A 1 16  ? 7.510   9.167   -2.487  1.00 41.18 ? 181 ILE A CG1 1 
ATOM   91   C  CG2 . ILE A 1 16  ? 7.013   6.754   -1.934  1.00 40.57 ? 181 ILE A CG2 1 
ATOM   92   C  CD1 . ILE A 1 16  ? 6.934   10.071  -1.426  1.00 43.95 ? 181 ILE A CD1 1 
ATOM   93   N  N   . ILE A 1 17  ? 4.651   6.212   -4.430  1.00 35.08 ? 182 ILE A N   1 
ATOM   94   C  CA  . ILE A 1 17  ? 3.920   4.962   -4.486  1.00 33.36 ? 182 ILE A CA  1 
ATOM   95   C  C   . ILE A 1 17  ? 4.056   4.333   -5.883  1.00 32.84 ? 182 ILE A C   1 
ATOM   96   O  O   . ILE A 1 17  ? 4.453   3.174   -5.982  1.00 32.68 ? 182 ILE A O   1 
ATOM   97   C  CB  . ILE A 1 17  ? 2.453   5.140   -4.052  1.00 32.65 ? 182 ILE A CB  1 
ATOM   98   C  CG1 . ILE A 1 17  ? 2.331   5.523   -2.573  1.00 35.37 ? 182 ILE A CG1 1 
ATOM   99   C  CG2 . ILE A 1 17  ? 1.646   3.887   -4.351  1.00 33.91 ? 182 ILE A CG2 1 
ATOM   100  C  CD1 . ILE A 1 17  ? 0.924   5.957   -2.172  1.00 33.75 ? 182 ILE A CD1 1 
ATOM   101  N  N   . SER A 1 18  ? 3.662   5.069   -6.931  1.00 33.10 ? 183 SER A N   1 
ATOM   102  C  CA  . SER A 1 18  ? 3.744   4.624   -8.352  1.00 34.37 ? 183 SER A CA  1 
ATOM   103  C  C   . SER A 1 18  ? 5.130   4.041   -8.663  1.00 31.73 ? 183 SER A C   1 
ATOM   104  O  O   . SER A 1 18  ? 5.233   2.972   -9.221  1.00 31.54 ? 183 SER A O   1 
ATOM   105  C  CB  . SER A 1 18  ? 3.440   5.765   -9.301  1.00 36.94 ? 183 SER A CB  1 
ATOM   106  O  OG  . SER A 1 18  ? 2.101   6.210   -9.157  1.00 42.06 ? 183 SER A OG  1 
ATOM   107  N  N   . ARG A 1 19  ? 6.174   4.758   -8.251  1.00 31.96 ? 184 ARG A N   1 
ATOM   108  C  CA  . ARG A 1 19  ? 7.557   4.388   -8.525  1.00 35.52 ? 184 ARG A CA  1 
ATOM   109  C  C   . ARG A 1 19  ? 7.852   3.033   -7.876  1.00 35.94 ? 184 ARG A C   1 
ATOM   110  O  O   . ARG A 1 19  ? 8.405   2.122   -8.528  1.00 32.29 ? 184 ARG A O   1 
ATOM   111  C  CB  . ARG A 1 19  ? 8.529   5.420   -7.945  1.00 41.03 ? 184 ARG A CB  1 
ATOM   112  C  CG  . ARG A 1 19  ? 9.479   6.060   -8.948  1.00 47.30 ? 184 ARG A CG  1 
ATOM   113  C  CD  . ARG A 1 19  ? 8.980   7.435   -9.356  1.00 54.85 ? 184 ARG A CD  1 
ATOM   114  N  NE  . ARG A 1 19  ? 9.790   8.130   -10.352 1.00 63.24 ? 184 ARG A NE  1 
ATOM   115  C  CZ  . ARG A 1 19  ? 10.591  9.166   -10.099 1.00 68.34 ? 184 ARG A CZ  1 
ATOM   116  N  NH1 . ARG A 1 19  ? 10.977  9.434   -8.862  1.00 69.35 ? 184 ARG A NH1 1 
ATOM   117  N  NH2 . ARG A 1 19  ? 10.989  9.943   -11.090 1.00 68.54 ? 184 ARG A NH2 1 
ATOM   118  N  N   . TYR A 1 20  ? 7.486   2.915   -6.588  1.00 30.88 ? 185 TYR A N   1 
ATOM   119  C  CA  . TYR A 1 20  ? 7.775   1.721   -5.817  1.00 27.00 ? 185 TYR A CA  1 
ATOM   120  C  C   . TYR A 1 20  ? 7.045   0.528   -6.451  1.00 25.58 ? 185 TYR A C   1 
ATOM   121  O  O   . TYR A 1 20  ? 7.664   -0.527  -6.690  1.00 26.47 ? 185 TYR A O   1 
ATOM   122  C  CB  . TYR A 1 20  ? 7.433   1.884   -4.329  1.00 26.91 ? 185 TYR A CB  1 
ATOM   123  C  CG  . TYR A 1 20  ? 7.788   0.653   -3.539  1.00 26.37 ? 185 TYR A CG  1 
ATOM   124  C  CD1 . TYR A 1 20  ? 9.087   0.190   -3.524  1.00 26.51 ? 185 TYR A CD1 1 
ATOM   125  C  CD2 . TYR A 1 20  ? 6.828   -0.103  -2.892  1.00 25.92 ? 185 TYR A CD2 1 
ATOM   126  C  CE1 . TYR A 1 20  ? 9.432   -0.975  -2.864  1.00 27.85 ? 185 TYR A CE1 1 
ATOM   127  C  CE2 . TYR A 1 20  ? 7.162   -1.248  -2.190  1.00 25.93 ? 185 TYR A CE2 1 
ATOM   128  C  CZ  . TYR A 1 20  ? 8.469   -1.695  -2.187  1.00 26.58 ? 185 TYR A CZ  1 
ATOM   129  O  OH  . TYR A 1 20  ? 8.852   -2.832  -1.530  1.00 26.60 ? 185 TYR A OH  1 
ATOM   130  N  N   . LEU A 1 21  ? 5.775   0.713   -6.794  1.00 22.36 ? 186 LEU A N   1 
ATOM   131  C  CA  . LEU A 1 21  ? 4.998   -0.347  -7.390  1.00 25.04 ? 186 LEU A CA  1 
ATOM   132  C  C   . LEU A 1 21  ? 5.549   -0.747  -8.772  1.00 29.01 ? 186 LEU A C   1 
ATOM   133  O  O   . LEU A 1 21  ? 5.566   -1.936  -9.093  1.00 25.74 ? 186 LEU A O   1 
ATOM   134  C  CB  . LEU A 1 21  ? 3.531   0.078   -7.484  1.00 25.33 ? 186 LEU A CB  1 
ATOM   135  C  CG  . LEU A 1 21  ? 2.634   -0.493  -6.382  1.00 26.56 ? 186 LEU A CG  1 
ATOM   136  C  CD1 . LEU A 1 21  ? 3.110   -0.034  -5.024  1.00 25.66 ? 186 LEU A CD1 1 
ATOM   137  C  CD2 . LEU A 1 21  ? 1.178   -0.130  -6.605  1.00 27.21 ? 186 LEU A CD2 1 
ATOM   138  N  N   . ARG A 1 22  ? 5.940   0.239   -9.598  1.00 33.02 ? 187 ARG A N   1 
ATOM   139  C  CA  . ARG A 1 22  ? 6.407   -0.049  -10.973 1.00 38.37 ? 187 ARG A CA  1 
ATOM   140  C  C   . ARG A 1 22  ? 7.756   -0.776  -10.902 1.00 35.42 ? 187 ARG A C   1 
ATOM   141  O  O   . ARG A 1 22  ? 7.932   -1.777  -11.583 1.00 35.55 ? 187 ARG A O   1 
ATOM   142  C  CB  . ARG A 1 22  ? 6.459   1.213   -11.841 1.00 42.28 ? 187 ARG A CB  1 
ATOM   143  C  CG  . ARG A 1 22  ? 5.082   1.768   -12.175 1.00 53.17 ? 187 ARG A CG  1 
ATOM   144  C  CD  . ARG A 1 22  ? 5.054   2.643   -13.416 1.00 59.03 ? 187 ARG A CD  1 
ATOM   145  N  NE  . ARG A 1 22  ? 5.101   1.842   -14.632 1.00 66.55 ? 187 ARG A NE  1 
ATOM   146  C  CZ  . ARG A 1 22  ? 4.042   1.304   -15.236 1.00 69.52 ? 187 ARG A CZ  1 
ATOM   147  N  NH1 . ARG A 1 22  ? 2.839   1.396   -14.689 1.00 67.06 ? 187 ARG A NH1 1 
ATOM   148  N  NH2 . ARG A 1 22  ? 4.196   0.682   -16.394 1.00 69.53 ? 187 ARG A NH2 1 
ATOM   149  N  N   . GLU A 1 23  ? 8.671   -0.333  -10.035 1.00 34.78 ? 188 GLU A N   1 
ATOM   150  C  CA  . GLU A 1 23  ? 9.991   -0.971  -9.976  1.00 36.33 ? 188 GLU A CA  1 
ATOM   151  C  C   . GLU A 1 23  ? 9.891   -2.381  -9.356  1.00 37.54 ? 188 GLU A C   1 
ATOM   152  O  O   . GLU A 1 23  ? 10.678  -3.261  -9.721  1.00 36.53 ? 188 GLU A O   1 
ATOM   153  C  CB  . GLU A 1 23  ? 11.027  -0.035  -9.341  1.00 42.00 ? 188 GLU A CB  1 
ATOM   154  C  CG  . GLU A 1 23  ? 11.140  -0.079  -7.833  1.00 44.52 ? 188 GLU A CG  1 
ATOM   155  C  CD  . GLU A 1 23  ? 12.119  0.952   -7.295  1.00 51.29 ? 188 GLU A CD  1 
ATOM   156  O  OE1 . GLU A 1 23  ? 12.547  0.805   -6.143  1.00 56.17 ? 188 GLU A OE1 1 
ATOM   157  O  OE2 . GLU A 1 23  ? 12.465  1.897   -8.038  1.00 56.04 ? 188 GLU A OE2 1 
ATOM   158  N  N   . GLN A 1 24  ? 8.890   -2.638  -8.501  1.00 34.04 ? 189 GLN A N   1 
ATOM   159  C  CA  . GLN A 1 24  ? 8.729   -3.962  -7.891  1.00 32.51 ? 189 GLN A CA  1 
ATOM   160  C  C   . GLN A 1 24  ? 8.204   -4.947  -8.937  1.00 30.49 ? 189 GLN A C   1 
ATOM   161  O  O   . GLN A 1 24  ? 8.682   -6.061  -9.019  1.00 28.82 ? 189 GLN A O   1 
ATOM   162  C  CB  . GLN A 1 24  ? 7.779   -3.911  -6.694  1.00 31.73 ? 189 GLN A CB  1 
ATOM   163  C  CG  . GLN A 1 24  ? 8.400   -3.268  -5.467  1.00 31.66 ? 189 GLN A CG  1 
ATOM   164  C  CD  . GLN A 1 24  ? 9.328   -4.207  -4.746  1.00 29.00 ? 189 GLN A CD  1 
ATOM   165  O  OE1 . GLN A 1 24  ? 8.925   -5.287  -4.330  1.00 30.50 ? 189 GLN A OE1 1 
ATOM   166  N  NE2 . GLN A 1 24  ? 10.587  -3.818  -4.642  1.00 28.26 ? 189 GLN A NE2 1 
ATOM   167  N  N   . ALA A 1 25  ? 7.202   -4.517  -9.704  1.00 31.40 ? 190 ALA A N   1 
ATOM   168  C  CA  . ALA A 1 25  ? 6.618   -5.328  -10.779 1.00 34.81 ? 190 ALA A CA  1 
ATOM   169  C  C   . ALA A 1 25  ? 7.665   -5.691  -11.853 1.00 37.88 ? 190 ALA A C   1 
ATOM   170  O  O   . ALA A 1 25  ? 7.742   -6.845  -12.279 1.00 35.35 ? 190 ALA A O   1 
ATOM   171  C  CB  . ALA A 1 25  ? 5.458   -4.595  -11.390 1.00 35.07 ? 190 ALA A CB  1 
ATOM   172  N  N   . THR A 1 26  ? 8.467   -4.708  -12.277 1.00 42.24 ? 191 THR A N   1 
ATOM   173  C  CA  . THR A 1 26  ? 9.384   -4.846  -13.434 1.00 48.05 ? 191 THR A CA  1 
ATOM   174  C  C   . THR A 1 26  ? 10.773  -5.315  -12.982 1.00 52.84 ? 191 THR A C   1 
ATOM   175  O  O   . THR A 1 26  ? 11.697  -5.338  -13.785 1.00 64.61 ? 191 THR A O   1 
ATOM   176  C  CB  . THR A 1 26  ? 9.486   -3.545  -14.248 1.00 43.60 ? 191 THR A CB  1 
ATOM   177  O  OG1 . THR A 1 26  ? 10.125  -2.521  -13.486 1.00 43.40 ? 191 THR A OG1 1 
ATOM   178  C  CG2 . THR A 1 26  ? 8.142   -3.035  -14.710 1.00 40.98 ? 191 THR A CG2 1 
ATOM   179  N  N   . GLY A 1 27  ? 10.917  -5.665  -11.699 1.00 59.96 ? 192 GLY A N   1 
ATOM   180  C  CA  . GLY A 1 27  ? 12.086  -6.393  -11.185 1.00 62.61 ? 192 GLY A CA  1 
ATOM   181  C  C   . GLY A 1 27  ? 13.306  -5.509  -10.954 1.00 65.32 ? 192 GLY A C   1 
ATOM   182  O  O   . GLY A 1 27  ? 14.313  -5.984  -10.420 1.00 61.62 ? 192 GLY A O   1 
ATOM   183  N  N   . ALA A 1 28  ? 13.226  -4.241  -11.388 1.00 67.26 ? 193 ALA A N   1 
ATOM   184  C  CA  . ALA A 1 28  ? 14.259  -3.211  -11.193 1.00 65.82 ? 193 ALA A CA  1 
ATOM   185  C  C   . ALA A 1 28  ? 14.101  -2.139  -12.279 1.00 67.47 ? 193 ALA A C   1 
ATOM   186  O  O   . ALA A 1 28  ? 13.257  -2.266  -13.168 1.00 66.58 ? 193 ALA A O   1 
ATOM   187  C  CB  . ALA A 1 28  ? 15.645  -3.807  -11.212 1.00 66.50 ? 193 ALA A CB  1 
ATOM   188  N  N   . ALA A 1 39  ? 14.176  14.468  -3.099  1.00 63.39 ? 204 ALA A N   1 
ATOM   189  C  CA  . ALA A 1 39  ? 14.873  14.770  -1.836  1.00 70.61 ? 204 ALA A CA  1 
ATOM   190  C  C   . ALA A 1 39  ? 14.180  14.047  -0.676  1.00 68.16 ? 204 ALA A C   1 
ATOM   191  O  O   . ALA A 1 39  ? 14.733  13.102  -0.121  1.00 65.19 ? 204 ALA A O   1 
ATOM   192  C  CB  . ALA A 1 39  ? 14.927  16.264  -1.601  1.00 70.29 ? 204 ALA A CB  1 
ATOM   193  N  N   . THR A 1 40  ? 12.989  14.537  -0.302  1.00 66.27 ? 205 THR A N   1 
ATOM   194  C  CA  . THR A 1 40  ? 12.061  13.803  0.545   1.00 62.54 ? 205 THR A CA  1 
ATOM   195  C  C   . THR A 1 40  ? 11.654  12.527  -0.196  1.00 56.22 ? 205 THR A C   1 
ATOM   196  O  O   . THR A 1 40  ? 11.827  11.429  0.310   1.00 56.45 ? 205 THR A O   1 
ATOM   197  C  CB  . THR A 1 40  ? 10.798  14.609  0.893   1.00 64.12 ? 205 THR A CB  1 
ATOM   198  O  OG1 . THR A 1 40  ? 11.084  15.706  1.767   1.00 61.97 ? 205 THR A OG1 1 
ATOM   199  C  CG2 . THR A 1 40  ? 9.742   13.747  1.552   1.00 62.45 ? 205 THR A CG2 1 
ATOM   200  N  N   . SER A 1 41  ? 11.124  12.702  -1.408  1.00 49.29 ? 206 SER A N   1 
ATOM   201  C  CA  . SER A 1 41  ? 10.632  11.604  -2.203  1.00 49.41 ? 206 SER A CA  1 
ATOM   202  C  C   . SER A 1 41  ? 11.669  10.476  -2.293  1.00 51.69 ? 206 SER A C   1 
ATOM   203  O  O   . SER A 1 41  ? 11.335  9.303   -2.066  1.00 46.96 ? 206 SER A O   1 
ATOM   204  C  CB  . SER A 1 41  ? 10.207  12.075  -3.547  1.00 47.97 ? 206 SER A CB  1 
ATOM   205  O  OG  . SER A 1 41  ? 9.051   12.889  -3.426  1.00 51.46 ? 206 SER A OG  1 
ATOM   206  N  N   . ARG A 1 42  ? 12.926  10.825  -2.591  1.00 50.69 ? 207 ARG A N   1 
ATOM   207  C  CA  . ARG A 1 42  ? 13.928  9.796   -2.864  1.00 50.67 ? 207 ARG A CA  1 
ATOM   208  C  C   . ARG A 1 42  ? 14.275  9.089   -1.554  1.00 43.94 ? 207 ARG A C   1 
ATOM   209  O  O   . ARG A 1 42  ? 14.500  7.896   -1.560  1.00 39.38 ? 207 ARG A O   1 
ATOM   210  C  CB  . ARG A 1 42  ? 15.154  10.363  -3.599  1.00 56.40 ? 207 ARG A CB  1 
ATOM   211  C  CG  . ARG A 1 42  ? 14.954  10.497  -5.106  1.00 60.23 ? 207 ARG A CG  1 
ATOM   212  C  CD  . ARG A 1 42  ? 16.230  10.517  -5.943  1.00 63.63 ? 207 ARG A CD  1 
ATOM   213  N  NE  . ARG A 1 42  ? 16.918  11.807  -5.944  1.00 64.13 ? 207 ARG A NE  1 
ATOM   214  C  CZ  . ARG A 1 42  ? 16.578  12.853  -6.691  1.00 63.96 ? 207 ARG A CZ  1 
ATOM   215  N  NH1 . ARG A 1 42  ? 15.614  12.746  -7.591  1.00 60.64 ? 207 ARG A NH1 1 
ATOM   216  N  NH2 . ARG A 1 42  ? 17.196  14.010  -6.523  1.00 63.35 ? 207 ARG A NH2 1 
ATOM   217  N  N   . LYS A 1 43  ? 14.283  9.823   -0.436  1.00 47.51 ? 208 LYS A N   1 
ATOM   218  C  CA  . LYS A 1 43  ? 14.566  9.219   0.892   1.00 47.74 ? 208 LYS A CA  1 
ATOM   219  C  C   . LYS A 1 43  ? 13.433  8.247   1.284   1.00 45.93 ? 208 LYS A C   1 
ATOM   220  O  O   . LYS A 1 43  ? 13.693  7.162   1.828   1.00 45.26 ? 208 LYS A O   1 
ATOM   221  C  CB  . LYS A 1 43  ? 14.799  10.301  1.948   1.00 47.58 ? 208 LYS A CB  1 
ATOM   222  C  CG  . LYS A 1 43  ? 16.263  10.585  2.248   1.00 49.78 ? 208 LYS A CG  1 
ATOM   223  C  CD  . LYS A 1 43  ? 16.470  11.623  3.331   1.00 52.56 ? 208 LYS A CD  1 
ATOM   224  C  CE  . LYS A 1 43  ? 17.584  11.247  4.286   1.00 54.95 ? 208 LYS A CE  1 
ATOM   225  N  NZ  . LYS A 1 43  ? 17.884  12.337  5.240   1.00 55.42 ? 208 LYS A NZ  1 
ATOM   226  N  N   . ALA A 1 44  ? 12.188  8.625   0.970   1.00 43.90 ? 209 ALA A N   1 
ATOM   227  C  CA  . ALA A 1 44  ? 11.001  7.811   1.239   1.00 44.66 ? 209 ALA A CA  1 
ATOM   228  C  C   . ALA A 1 44  ? 11.067  6.530   0.406   1.00 43.80 ? 209 ALA A C   1 
ATOM   229  O  O   . ALA A 1 44  ? 10.780  5.447   0.901   1.00 40.95 ? 209 ALA A O   1 
ATOM   230  C  CB  . ALA A 1 44  ? 9.742   8.589   0.945   1.00 41.46 ? 209 ALA A CB  1 
ATOM   231  N  N   . LEU A 1 45  ? 11.475  6.670   -0.855  1.00 42.60 ? 210 LEU A N   1 
ATOM   232  C  CA  . LEU A 1 45  ? 11.577  5.533   -1.760  1.00 43.58 ? 210 LEU A CA  1 
ATOM   233  C  C   . LEU A 1 45  ? 12.594  4.503   -1.246  1.00 39.81 ? 210 LEU A C   1 
ATOM   234  O  O   . LEU A 1 45  ? 12.346  3.285   -1.338  1.00 38.35 ? 210 LEU A O   1 
ATOM   235  C  CB  . LEU A 1 45  ? 11.972  6.043   -3.145  1.00 45.60 ? 210 LEU A CB  1 
ATOM   236  C  CG  . LEU A 1 45  ? 11.744  5.055   -4.275  1.00 44.07 ? 210 LEU A CG  1 
ATOM   237  C  CD1 . LEU A 1 45  ? 10.298  4.573   -4.292  1.00 44.54 ? 210 LEU A CD1 1 
ATOM   238  C  CD2 . LEU A 1 45  ? 12.124  5.690   -5.593  1.00 45.95 ? 210 LEU A CD2 1 
ATOM   239  N  N   . GLU A 1 46  ? 13.726  5.003   -0.739  1.00 38.87 ? 211 GLU A N   1 
ATOM   240  C  CA  . GLU A 1 46  ? 14.796  4.205   -0.141  1.00 41.40 ? 211 GLU A CA  1 
ATOM   241  C  C   . GLU A 1 46  ? 14.262  3.471   1.086   1.00 39.74 ? 211 GLU A C   1 
ATOM   242  O  O   . GLU A 1 46  ? 14.608  2.314   1.315   1.00 39.79 ? 211 GLU A O   1 
ATOM   243  C  CB  . GLU A 1 46  ? 15.967  5.073   0.333   1.00 49.06 ? 211 GLU A CB  1 
ATOM   244  C  CG  . GLU A 1 46  ? 17.243  4.962   -0.494  1.00 55.15 ? 211 GLU A CG  1 
ATOM   245  C  CD  . GLU A 1 46  ? 18.223  6.135   -0.377  1.00 63.48 ? 211 GLU A CD  1 
ATOM   246  O  OE1 . GLU A 1 46  ? 17.991  7.065   0.465   1.00 61.78 ? 211 GLU A OE1 1 
ATOM   247  O  OE2 . GLU A 1 46  ? 19.231  6.133   -1.135  1.00 64.91 ? 211 GLU A OE2 1 
ATOM   248  N  N   . THR A 1 47  ? 13.456  4.169   1.892   1.00 36.13 ? 212 THR A N   1 
ATOM   249  C  CA  . THR A 1 47  ? 12.905  3.588   3.104   1.00 37.66 ? 212 THR A CA  1 
ATOM   250  C  C   . THR A 1 47  ? 11.877  2.526   2.702   1.00 37.02 ? 212 THR A C   1 
ATOM   251  O  O   . THR A 1 47  ? 11.868  1.422   3.246   1.00 33.87 ? 212 THR A O   1 
ATOM   252  C  CB  . THR A 1 47  ? 12.325  4.661   4.031   1.00 42.03 ? 212 THR A CB  1 
ATOM   253  O  OG1 . THR A 1 47  ? 13.404  5.404   4.600   1.00 48.08 ? 212 THR A OG1 1 
ATOM   254  C  CG2 . THR A 1 47  ? 11.508  4.075   5.162   1.00 44.98 ? 212 THR A CG2 1 
ATOM   255  N  N   . LEU A 1 48  ? 11.052  2.868   1.712   1.00 32.33 ? 213 LEU A N   1 
ATOM   256  C  CA  . LEU A 1 48  ? 10.049  1.966   1.195   1.00 33.90 ? 213 LEU A CA  1 
ATOM   257  C  C   . LEU A 1 48  ? 10.702  0.678   0.682   1.00 34.12 ? 213 LEU A C   1 
ATOM   258  O  O   . LEU A 1 48  ? 10.219  -0.393  0.973   1.00 29.71 ? 213 LEU A O   1 
ATOM   259  C  CB  . LEU A 1 48  ? 9.282   2.664   0.075   1.00 34.22 ? 213 LEU A CB  1 
ATOM   260  C  CG  . LEU A 1 48  ? 7.856   2.186   -0.162  1.00 33.35 ? 213 LEU A CG  1 
ATOM   261  C  CD1 . LEU A 1 48  ? 7.144   1.916   1.150   1.00 33.20 ? 213 LEU A CD1 1 
ATOM   262  C  CD2 . LEU A 1 48  ? 7.096   3.221   -0.963  1.00 33.28 ? 213 LEU A CD2 1 
ATOM   263  N  N   . ARG A 1 49  ? 11.812  0.789   -0.058  1.00 35.72 ? 214 ARG A N   1 
ATOM   264  C  CA  . ARG A 1 49  ? 12.494  -0.402  -0.561  1.00 36.15 ? 214 ARG A CA  1 
ATOM   265  C  C   . ARG A 1 49  ? 12.966  -1.257  0.612   1.00 35.22 ? 214 ARG A C   1 
ATOM   266  O  O   . ARG A 1 49  ? 12.828  -2.461  0.580   1.00 42.41 ? 214 ARG A O   1 
ATOM   267  C  CB  . ARG A 1 49  ? 13.704  -0.065  -1.435  1.00 37.91 ? 214 ARG A CB  1 
ATOM   268  C  CG  . ARG A 1 49  ? 13.370  0.632   -2.748  1.00 39.14 ? 214 ARG A CG  1 
ATOM   269  C  CD  . ARG A 1 49  ? 14.637  1.004   -3.498  1.00 41.63 ? 214 ARG A CD  1 
ATOM   270  N  NE  . ARG A 1 49  ? 14.340  1.468   -4.845  1.00 44.88 ? 214 ARG A NE  1 
ATOM   271  C  CZ  . ARG A 1 49  ? 14.564  2.695   -5.300  1.00 42.75 ? 214 ARG A CZ  1 
ATOM   272  N  NH1 . ARG A 1 49  ? 15.262  3.550   -4.579  1.00 45.82 ? 214 ARG A NH1 1 
ATOM   273  N  NH2 . ARG A 1 49  ? 14.098  3.052   -6.480  1.00 43.22 ? 214 ARG A NH2 1 
ATOM   274  N  N   . ARG A 1 50  ? 13.573  -0.628  1.617   1.00 35.24 ? 215 ARG A N   1 
ATOM   275  C  CA  . ARG A 1 50  ? 14.162  -1.349  2.762   1.00 34.21 ? 215 ARG A CA  1 
ATOM   276  C  C   . ARG A 1 50  ? 13.035  -2.068  3.523   1.00 31.12 ? 215 ARG A C   1 
ATOM   277  O  O   . ARG A 1 50  ? 13.038  -3.269  3.644   1.00 30.19 ? 215 ARG A O   1 
ATOM   278  C  CB  . ARG A 1 50  ? 14.937  -0.385  3.673   1.00 35.23 ? 215 ARG A CB  1 
ATOM   279  C  CG  . ARG A 1 50  ? 15.896  -1.068  4.636   1.00 38.53 ? 215 ARG A CG  1 
ATOM   280  C  CD  . ARG A 1 50  ? 16.302  -0.244  5.848   1.00 39.60 ? 215 ARG A CD  1 
ATOM   281  N  NE  . ARG A 1 50  ? 16.005  1.185   5.743   1.00 42.84 ? 215 ARG A NE  1 
ATOM   282  C  CZ  . ARG A 1 50  ? 15.282  1.877   6.626   1.00 40.25 ? 215 ARG A CZ  1 
ATOM   283  N  NH1 . ARG A 1 50  ? 14.744  1.263   7.664   1.00 38.38 ? 215 ARG A NH1 1 
ATOM   284  N  NH2 . ARG A 1 50  ? 15.128  3.180   6.484   1.00 36.96 ? 215 ARG A NH2 1 
ATOM   285  N  N   . VAL A 1 51  ? 12.043  -1.305  3.990   1.00 27.38 ? 216 VAL A N   1 
ATOM   286  C  CA  . VAL A 1 51  ? 11.005  -1.818  4.856   1.00 26.30 ? 216 VAL A CA  1 
ATOM   287  C  C   . VAL A 1 51  ? 10.003  -2.672  4.052   1.00 23.65 ? 216 VAL A C   1 
ATOM   288  O  O   . VAL A 1 51  ? 9.614   -3.767  4.484   1.00 21.32 ? 216 VAL A O   1 
ATOM   289  C  CB  . VAL A 1 51  ? 10.339  -0.656  5.623   1.00 27.07 ? 216 VAL A CB  1 
ATOM   290  C  CG1 . VAL A 1 51  ? 9.121   -1.108  6.405   1.00 27.82 ? 216 VAL A CG1 1 
ATOM   291  C  CG2 . VAL A 1 51  ? 11.341  -0.011  6.554   1.00 26.26 ? 216 VAL A CG2 1 
ATOM   292  N  N   . GLY A 1 52  ? 9.647   -2.205  2.858   1.00 21.38 ? 217 GLY A N   1 
ATOM   293  C  CA  . GLY A 1 52  ? 8.593   -2.810  2.041   1.00 22.69 ? 217 GLY A CA  1 
ATOM   294  C  C   . GLY A 1 52  ? 8.978   -4.175  1.499   1.00 23.94 ? 217 GLY A C   1 
ATOM   295  O  O   . GLY A 1 52  ? 8.135   -5.051  1.429   1.00 23.09 ? 217 GLY A O   1 
ATOM   296  N  N   . ASP A 1 53  ? 10.255  -4.348  1.127   1.00 23.05 ? 218 ASP A N   1 
ATOM   297  C  CA  . ASP A 1 53  ? 10.770  -5.616  0.651   1.00 25.24 ? 218 ASP A CA  1 
ATOM   298  C  C   . ASP A 1 53  ? 10.778  -6.602  1.825   1.00 23.55 ? 218 ASP A C   1 
ATOM   299  O  O   . ASP A 1 53  ? 10.485  -7.797  1.664   1.00 20.41 ? 218 ASP A O   1 
ATOM   300  C  CB  . ASP A 1 53  ? 12.162  -5.488  0.034   1.00 28.17 ? 218 ASP A CB  1 
ATOM   301  C  CG  . ASP A 1 53  ? 12.227  -4.700  -1.279  1.00 33.39 ? 218 ASP A CG  1 
ATOM   302  O  OD1 . ASP A 1 53  ? 11.281  -3.934  -1.614  1.00 36.02 ? 218 ASP A OD1 1 
ATOM   303  O  OD2 . ASP A 1 53  ? 13.225  -4.861  -1.975  1.00 41.57 ? 218 ASP A OD2 1 
ATOM   304  N  N   . GLY A 1 54  ? 11.094  -6.081  3.012   1.00 22.94 ? 219 GLY A N   1 
ATOM   305  C  CA  . GLY A 1 54  ? 10.967  -6.854  4.270   1.00 23.19 ? 219 GLY A CA  1 
ATOM   306  C  C   . GLY A 1 54  ? 9.567   -7.407  4.471   1.00 20.76 ? 219 GLY A C   1 
ATOM   307  O  O   . GLY A 1 54  ? 9.389   -8.575  4.729   1.00 21.93 ? 219 GLY A O   1 
ATOM   308  N  N   . VAL A 1 55  ? 8.554   -6.544  4.357   1.00 21.91 ? 220 VAL A N   1 
ATOM   309  C  CA  . VAL A 1 55  ? 7.195   -6.927  4.644   1.00 20.17 ? 220 VAL A CA  1 
ATOM   310  C  C   . VAL A 1 55  ? 6.783   -8.026  3.667   1.00 21.61 ? 220 VAL A C   1 
ATOM   311  O  O   . VAL A 1 55  ? 6.115   -8.988  4.043   1.00 20.60 ? 220 VAL A O   1 
ATOM   312  C  CB  . VAL A 1 55  ? 6.227   -5.729  4.587   1.00 20.34 ? 220 VAL A CB  1 
ATOM   313  C  CG1 . VAL A 1 55  ? 4.764   -6.170  4.585   1.00 21.13 ? 220 VAL A CG1 1 
ATOM   314  C  CG2 . VAL A 1 55  ? 6.477   -4.759  5.721   1.00 20.32 ? 220 VAL A CG2 1 
ATOM   315  N  N   . GLN A 1 56  ? 7.220   -7.896  2.409   1.00 22.51 ? 221 GLN A N   1 
ATOM   316  C  CA  . GLN A 1 56  ? 6.806   -8.817  1.359   1.00 22.23 ? 221 GLN A CA  1 
ATOM   317  C  C   . GLN A 1 56  ? 7.392   -10.209 1.629   1.00 22.68 ? 221 GLN A C   1 
ATOM   318  O  O   . GLN A 1 56  ? 6.647   -11.176 1.518   1.00 21.99 ? 221 GLN A O   1 
ATOM   319  C  CB  . GLN A 1 56  ? 7.172   -8.267  -0.021  1.00 22.97 ? 221 GLN A CB  1 
ATOM   320  C  CG  . GLN A 1 56  ? 6.224   -7.170  -0.492  1.00 24.05 ? 221 GLN A CG  1 
ATOM   321  C  CD  . GLN A 1 56  ? 6.536   -6.762  -1.907  1.00 25.01 ? 221 GLN A CD  1 
ATOM   322  O  OE1 . GLN A 1 56  ? 6.162   -7.448  -2.870  1.00 25.31 ? 221 GLN A OE1 1 
ATOM   323  N  NE2 . GLN A 1 56  ? 7.285   -5.676  -2.030  1.00 25.87 ? 221 GLN A NE2 1 
ATOM   324  N  N   . ARG A 1 57  ? 8.676   -10.292 2.025   1.00 23.27 ? 222 ARG A N   1 
ATOM   325  C  CA  . ARG A 1 57  ? 9.343   -11.569 2.368   1.00 24.73 ? 222 ARG A CA  1 
ATOM   326  C  C   . ARG A 1 57  ? 8.649   -12.227 3.563   1.00 25.11 ? 222 ARG A C   1 
ATOM   327  O  O   . ARG A 1 57  ? 8.400   -13.441 3.582   1.00 28.63 ? 222 ARG A O   1 
ATOM   328  C  CB  . ARG A 1 57  ? 10.815  -11.393 2.771   1.00 26.98 ? 222 ARG A CB  1 
ATOM   329  C  CG  . ARG A 1 57  ? 11.754  -11.082 1.612   1.00 32.11 ? 222 ARG A CG  1 
ATOM   330  C  CD  . ARG A 1 57  ? 13.213  -11.121 2.039   1.00 33.58 ? 222 ARG A CD  1 
ATOM   331  N  NE  . ARG A 1 57  ? 13.538  -10.089 3.021   1.00 35.19 ? 222 ARG A NE  1 
ATOM   332  C  CZ  . ARG A 1 57  ? 13.964  -8.868  2.723   1.00 37.48 ? 222 ARG A CZ  1 
ATOM   333  N  NH1 . ARG A 1 57  ? 13.948  -8.439  1.475   1.00 39.97 ? 222 ARG A NH1 1 
ATOM   334  N  NH2 . ARG A 1 57  ? 14.402  -8.072  3.677   1.00 40.63 ? 222 ARG A NH2 1 
ATOM   335  N  N   . ASN A 1 58  ? 8.405   -11.437 4.603   1.00 20.24 ? 223 ASN A N   1 
ATOM   336  C  CA  . ASN A 1 58  ? 8.025   -12.016 5.883   1.00 20.46 ? 223 ASN A CA  1 
ATOM   337  C  C   . ASN A 1 58  ? 6.534   -12.395 5.914   1.00 19.75 ? 223 ASN A C   1 
ATOM   338  O  O   . ASN A 1 58  ? 6.123   -13.127 6.791   1.00 21.26 ? 223 ASN A O   1 
ATOM   339  C  CB  . ASN A 1 58  ? 8.383   -11.040 6.998   1.00 21.20 ? 223 ASN A CB  1 
ATOM   340  C  CG  . ASN A 1 58  ? 9.876   -10.948 7.216   1.00 21.31 ? 223 ASN A CG  1 
ATOM   341  O  OD1 . ASN A 1 58  ? 10.601  -11.846 6.831   1.00 24.52 ? 223 ASN A OD1 1 
ATOM   342  N  ND2 . ASN A 1 58  ? 10.336  -9.882  7.833   1.00 23.21 ? 223 ASN A ND2 1 
ATOM   343  N  N   . HIS A 1 59  ? 5.722   -11.838 5.006   1.00 18.83 ? 224 HIS A N   1 
ATOM   344  C  CA  . HIS A 1 59  ? 4.275   -12.066 5.001   1.00 20.67 ? 224 HIS A CA  1 
ATOM   345  C  C   . HIS A 1 59  ? 3.804   -12.618 3.667   1.00 21.41 ? 224 HIS A C   1 
ATOM   346  O  O   . HIS A 1 59  ? 2.617   -12.430 3.291   1.00 20.71 ? 224 HIS A O   1 
ATOM   347  C  CB  . HIS A 1 59  ? 3.512   -10.776 5.281   1.00 20.70 ? 224 HIS A CB  1 
ATOM   348  C  CG  . HIS A 1 59  ? 4.034   -10.101 6.486   1.00 20.40 ? 224 HIS A CG  1 
ATOM   349  N  ND1 . HIS A 1 59  ? 4.874   -9.038  6.397   1.00 22.97 ? 224 HIS A ND1 1 
ATOM   350  C  CD2 . HIS A 1 59  ? 3.888   -10.377 7.790   1.00 21.89 ? 224 HIS A CD2 1 
ATOM   351  C  CE1 . HIS A 1 59  ? 5.191   -8.619  7.608   1.00 24.47 ? 224 HIS A CE1 1 
ATOM   352  N  NE2 . HIS A 1 59  ? 4.619   -9.448  8.486   1.00 24.63 ? 224 HIS A NE2 1 
ATOM   353  N  N   . GLU A 1 60  ? 4.740   -13.294 2.991   1.00 24.19 ? 225 GLU A N   1 
ATOM   354  C  CA  . GLU A 1 60  ? 4.551   -13.876 1.681   1.00 25.52 ? 225 GLU A CA  1 
ATOM   355  C  C   . GLU A 1 60  ? 3.336   -14.817 1.669   1.00 21.67 ? 225 GLU A C   1 
ATOM   356  O  O   . GLU A 1 60  ? 2.496   -14.728 0.781   1.00 21.21 ? 225 GLU A O   1 
ATOM   357  C  CB  . GLU A 1 60  ? 5.830   -14.605 1.278   1.00 29.84 ? 225 GLU A CB  1 
ATOM   358  C  CG  . GLU A 1 60  ? 5.827   -15.102 -0.146  1.00 35.81 ? 225 GLU A CG  1 
ATOM   359  C  CD  . GLU A 1 60  ? 7.229   -15.443 -0.634  1.00 44.04 ? 225 GLU A CD  1 
ATOM   360  O  OE1 . GLU A 1 60  ? 7.905   -16.278 0.021   1.00 47.57 ? 225 GLU A OE1 1 
ATOM   361  O  OE2 . GLU A 1 60  ? 7.660   -14.847 -1.638  1.00 49.28 ? 225 GLU A OE2 1 
ATOM   362  N  N   . THR A 1 61  ? 3.252   -15.726 2.641   1.00 19.46 ? 226 THR A N   1 
ATOM   363  C  CA  . THR A 1 61  ? 2.166   -16.735 2.672   1.00 20.32 ? 226 THR A CA  1 
ATOM   364  C  C   . THR A 1 61  ? 0.803   -16.059 2.843   1.00 17.93 ? 226 THR A C   1 
ATOM   365  O  O   . THR A 1 61  ? -0.170  -16.457 2.242   1.00 17.32 ? 226 THR A O   1 
ATOM   366  C  CB  . THR A 1 61  ? 2.345   -17.709 3.839   1.00 22.11 ? 226 THR A CB  1 
ATOM   367  O  OG1 . THR A 1 61  ? 3.659   -18.252 3.734   1.00 24.35 ? 226 THR A OG1 1 
ATOM   368  C  CG2 . THR A 1 61  ? 1.330   -18.826 3.830   1.00 23.90 ? 226 THR A CG2 1 
ATOM   369  N  N   . ALA A 1 62  ? 0.751   -15.077 3.744   1.00 16.83 ? 227 ALA A N   1 
ATOM   370  C  CA  . ALA A 1 62  ? -0.479  -14.350 4.029   1.00 17.30 ? 227 ALA A CA  1 
ATOM   371  C  C   . ALA A 1 62  ? -0.886  -13.543 2.784   1.00 16.94 ? 227 ALA A C   1 
ATOM   372  O  O   . ALA A 1 62  ? -2.055  -13.583 2.341   1.00 17.79 ? 227 ALA A O   1 
ATOM   373  C  CB  . ALA A 1 62  ? -0.266  -13.488 5.244   1.00 16.65 ? 227 ALA A CB  1 
ATOM   374  N  N   . PHE A 1 63  ? 0.075   -12.819 2.218   1.00 16.33 ? 228 PHE A N   1 
ATOM   375  C  CA  . PHE A 1 63  ? -0.164  -11.992 0.988   1.00 18.39 ? 228 PHE A CA  1 
ATOM   376  C  C   . PHE A 1 63  ? -0.728  -12.837 -0.169  1.00 19.22 ? 228 PHE A C   1 
ATOM   377  O  O   . PHE A 1 63  ? -1.695  -12.458 -0.830  1.00 17.89 ? 228 PHE A O   1 
ATOM   378  C  CB  . PHE A 1 63  ? 1.105   -11.243 0.600   1.00 17.28 ? 228 PHE A CB  1 
ATOM   379  C  CG  . PHE A 1 63  ? 1.372   -9.981  1.383   1.00 17.98 ? 228 PHE A CG  1 
ATOM   380  C  CD1 . PHE A 1 63  ? 0.599   -9.621  2.471   1.00 18.62 ? 228 PHE A CD1 1 
ATOM   381  C  CD2 . PHE A 1 63  ? 2.397   -9.134  1.012   1.00 19.22 ? 228 PHE A CD2 1 
ATOM   382  C  CE1 . PHE A 1 63  ? 0.858   -8.460  3.175   1.00 18.39 ? 228 PHE A CE1 1 
ATOM   383  C  CE2 . PHE A 1 63  ? 2.670   -7.981  1.735   1.00 20.01 ? 228 PHE A CE2 1 
ATOM   384  C  CZ  . PHE A 1 63  ? 1.885   -7.629  2.802   1.00 18.66 ? 228 PHE A CZ  1 
ATOM   385  N  N   . GLN A 1 64  ? -0.156  -14.016 -0.380  1.00 22.46 ? 229 GLN A N   1 
ATOM   386  C  CA  . GLN A 1 64  ? -0.578  -14.927 -1.447  1.00 24.17 ? 229 GLN A CA  1 
ATOM   387  C  C   . GLN A 1 64  ? -2.006  -15.419 -1.176  1.00 25.41 ? 229 GLN A C   1 
ATOM   388  O  O   . GLN A 1 64  ? -2.850  -15.501 -2.096  1.00 26.87 ? 229 GLN A O   1 
ATOM   389  C  CB  . GLN A 1 64  ? 0.480   -16.026 -1.559  1.00 27.72 ? 229 GLN A CB  1 
ATOM   390  C  CG  . GLN A 1 64  ? 0.166   -17.083 -2.604  1.00 34.98 ? 229 GLN A CG  1 
ATOM   391  C  CD  . GLN A 1 64  ? 0.090   -16.581 -4.028  1.00 39.71 ? 229 GLN A CD  1 
ATOM   392  O  OE1 . GLN A 1 64  ? 0.779   -15.643 -4.433  1.00 37.75 ? 229 GLN A OE1 1 
ATOM   393  N  NE2 . GLN A 1 64  ? -0.764  -17.225 -4.808  1.00 45.78 ? 229 GLN A NE2 1 
ATOM   394  N  N   . GLY A 1 65  ? -2.313  -15.715 0.094   1.00 24.58 ? 230 GLY A N   1 
ATOM   395  C  CA  . GLY A 1 65  ? -3.661  -16.101 0.497   1.00 23.44 ? 230 GLY A CA  1 
ATOM   396  C  C   . GLY A 1 65  ? -4.667  -14.994 0.219   1.00 24.22 ? 230 GLY A C   1 
ATOM   397  O  O   . GLY A 1 65  ? -5.739  -15.244 -0.242  1.00 24.84 ? 230 GLY A O   1 
ATOM   398  N  N   . MET A 1 66  ? -4.289  -13.751 0.498   1.00 24.72 ? 231 MET A N   1 
ATOM   399  C  CA  . MET A 1 66  ? -5.199  -12.614 0.338   1.00 26.98 ? 231 MET A CA  1 
ATOM   400  C  C   . MET A 1 66  ? -5.443  -12.332 -1.145  1.00 25.75 ? 231 MET A C   1 
ATOM   401  O  O   . MET A 1 66  ? -6.555  -11.976 -1.524  1.00 26.18 ? 231 MET A O   1 
ATOM   402  C  CB  . MET A 1 66  ? -4.630  -11.350 0.972   1.00 26.23 ? 231 MET A CB  1 
ATOM   403  C  CG  . MET A 1 66  ? -4.556  -11.405 2.453   1.00 26.92 ? 231 MET A CG  1 
ATOM   404  S  SD  . MET A 1 66  ? -3.508  -10.043 2.936   1.00 34.00 ? 231 MET A SD  1 
ATOM   405  C  CE  . MET A 1 66  ? -3.155  -10.456 4.633   1.00 29.66 ? 231 MET A CE  1 
ATOM   406  N  N   . LEU A 1 67  ? -4.391  -12.470 -1.951  1.00 27.70 ? 232 LEU A N   1 
ATOM   407  C  CA  . LEU A 1 67  ? -4.438  -12.259 -3.415  1.00 31.46 ? 232 LEU A CA  1 
ATOM   408  C  C   . LEU A 1 67  ? -5.418  -13.245 -4.065  1.00 35.13 ? 232 LEU A C   1 
ATOM   409  O  O   . LEU A 1 67  ? -6.218  -12.865 -4.939  1.00 33.62 ? 232 LEU A O   1 
ATOM   410  C  CB  . LEU A 1 67  ? -3.040  -12.434 -4.001  1.00 32.27 ? 232 LEU A CB  1 
ATOM   411  C  CG  . LEU A 1 67  ? -2.962  -12.402 -5.523  1.00 35.35 ? 232 LEU A CG  1 
ATOM   412  C  CD1 . LEU A 1 67  ? -3.409  -11.055 -6.061  1.00 36.88 ? 232 LEU A CD1 1 
ATOM   413  C  CD2 . LEU A 1 67  ? -1.562  -12.740 -6.008  1.00 38.72 ? 232 LEU A CD2 1 
ATOM   414  N  N   . ARG A 1 68  ? -5.311  -14.513 -3.657  1.00 37.30 ? 233 ARG A N   1 
ATOM   415  C  CA  . ARG A 1 68  ? -6.164  -15.575 -4.124  1.00 40.63 ? 233 ARG A CA  1 
ATOM   416  C  C   . ARG A 1 68  ? -7.613  -15.178 -3.835  1.00 43.05 ? 233 ARG A C   1 
ATOM   417  O  O   . ARG A 1 68  ? -8.444  -15.151 -4.741  1.00 41.66 ? 233 ARG A O   1 
ATOM   418  C  CB  . ARG A 1 68  ? -5.749  -16.883 -3.447  1.00 46.80 ? 233 ARG A CB  1 
ATOM   419  C  CG  . ARG A 1 68  ? -6.758  -18.021 -3.521  1.00 52.39 ? 233 ARG A CG  1 
ATOM   420  C  CD  . ARG A 1 68  ? -6.093  -19.381 -3.340  1.00 59.58 ? 233 ARG A CD  1 
ATOM   421  N  NE  . ARG A 1 68  ? -4.772  -19.276 -2.721  1.00 65.79 ? 233 ARG A NE  1 
ATOM   422  C  CZ  . ARG A 1 68  ? -3.731  -20.050 -3.011  1.00 73.48 ? 233 ARG A CZ  1 
ATOM   423  N  NH1 . ARG A 1 68  ? -3.919  -21.252 -3.534  1.00 80.33 ? 233 ARG A NH1 1 
ATOM   424  N  NH2 . ARG A 1 68  ? -2.503  -19.615 -2.789  1.00 76.94 ? 233 ARG A NH2 1 
ATOM   425  N  N   . LYS A 1 69  ? -7.860  -14.824 -2.571  1.00 41.29 ? 234 LYS A N   1 
ATOM   426  C  CA  . LYS A 1 69  ? -9.166  -14.456 -2.049  1.00 44.03 ? 234 LYS A CA  1 
ATOM   427  C  C   . LYS A 1 69  ? -9.758  -13.310 -2.873  1.00 41.84 ? 234 LYS A C   1 
ATOM   428  O  O   . LYS A 1 69  ? -10.929 -13.349 -3.236  1.00 46.16 ? 234 LYS A O   1 
ATOM   429  C  CB  . LYS A 1 69  ? -9.030  -14.081 -0.570  1.00 47.21 ? 234 LYS A CB  1 
ATOM   430  C  CG  . LYS A 1 69  ? -10.289 -14.231 0.266   1.00 50.88 ? 234 LYS A CG  1 
ATOM   431  C  CD  . LYS A 1 69  ? -10.026 -14.290 1.767   1.00 56.00 ? 234 LYS A CD  1 
ATOM   432  C  CE  . LYS A 1 69  ? -11.279 -14.600 2.563   1.00 59.34 ? 234 LYS A CE  1 
ATOM   433  N  NZ  . LYS A 1 69  ? -11.278 -13.964 3.903   1.00 60.17 ? 234 LYS A NZ  1 
ATOM   434  N  N   . LEU A 1 70  ? -8.941  -12.288 -3.142  1.00 44.15 ? 235 LEU A N   1 
ATOM   435  C  CA  . LEU A 1 70  ? -9.313  -11.157 -3.990  1.00 42.61 ? 235 LEU A CA  1 
ATOM   436  C  C   . LEU A 1 70  ? -9.682  -11.648 -5.397  1.00 48.15 ? 235 LEU A C   1 
ATOM   437  O  O   . LEU A 1 70  ? -10.705 -11.242 -5.955  1.00 45.21 ? 235 LEU A O   1 
ATOM   438  C  CB  . LEU A 1 70  ? -8.154  -10.162 -4.059  1.00 41.43 ? 235 LEU A CB  1 
ATOM   439  C  CG  . LEU A 1 70  ? -8.344  -8.881  -3.248  1.00 46.60 ? 235 LEU A CG  1 
ATOM   440  C  CD1 . LEU A 1 70  ? -8.614  -9.177  -1.780  1.00 46.16 ? 235 LEU A CD1 1 
ATOM   441  C  CD2 . LEU A 1 70  ? -7.134  -7.975  -3.391  1.00 46.57 ? 235 LEU A CD2 1 
ATOM   442  N  N   . ASP A 1 71  ? -8.849  -12.523 -5.967  1.00 43.53 ? 236 ASP A N   1 
ATOM   443  C  CA  . ASP A 1 71  ? -9.070  -13.015 -7.315  1.00 46.49 ? 236 ASP A CA  1 
ATOM   444  C  C   . ASP A 1 71  ? -10.328 -13.895 -7.392  1.00 50.20 ? 236 ASP A C   1 
ATOM   445  O  O   . ASP A 1 71  ? -11.084 -13.755 -8.346  1.00 54.74 ? 236 ASP A O   1 
ATOM   446  C  CB  . ASP A 1 71  ? -7.823  -13.714 -7.846  1.00 45.27 ? 236 ASP A CB  1 
ATOM   447  C  CG  . ASP A 1 71  ? -6.810  -12.717 -8.385  1.00 43.95 ? 236 ASP A CG  1 
ATOM   448  O  OD1 . ASP A 1 71  ? -7.033  -11.487 -8.215  1.00 36.60 ? 236 ASP A OD1 1 
ATOM   449  O  OD2 . ASP A 1 71  ? -5.815  -13.176 -8.983  1.00 45.88 ? 236 ASP A OD2 1 
ATOM   450  N  N   . ILE A 1 72  ? -10.544 -14.783 -6.410  1.00 52.16 ? 237 ILE A N   1 
ATOM   451  C  CA  . ILE A 1 72  ? -11.754 -15.637 -6.338  1.00 58.10 ? 237 ILE A CA  1 
ATOM   452  C  C   . ILE A 1 72  ? -13.003 -14.763 -6.536  1.00 63.46 ? 237 ILE A C   1 
ATOM   453  O  O   . ILE A 1 72  ? -13.866 -15.070 -7.374  1.00 69.09 ? 237 ILE A O   1 
ATOM   454  C  CB  . ILE A 1 72  ? -11.818 -16.425 -5.008  1.00 60.48 ? 237 ILE A CB  1 
ATOM   455  C  CG1 . ILE A 1 72  ? -10.914 -17.661 -5.036  1.00 59.25 ? 237 ILE A CG1 1 
ATOM   456  C  CG2 . ILE A 1 72  ? -13.255 -16.792 -4.648  1.00 62.45 ? 237 ILE A CG2 1 
ATOM   457  C  CD1 . ILE A 1 72  ? -10.901 -18.448 -3.743  1.00 59.70 ? 237 ILE A CD1 1 
ATOM   458  N  N   . LYS A 1 73  ? -13.101 -13.692 -5.740  1.00 63.68 ? 238 LYS A N   1 
ATOM   459  C  CA  . LYS A 1 73  ? -14.169 -12.699 -5.857  1.00 68.49 ? 238 LYS A CA  1 
ATOM   460  C  C   . LYS A 1 73  ? -13.756 -11.641 -6.890  1.00 74.17 ? 238 LYS A C   1 
ATOM   461  O  O   . LYS A 1 73  ? -13.542 -10.482 -6.529  1.00 88.18 ? 238 LYS A O   1 
ATOM   462  C  CB  . LYS A 1 73  ? -14.446 -12.067 -4.485  1.00 64.89 ? 238 LYS A CB  1 
ATOM   463  N  N   . ASN A 1 74  ? -13.653 -12.048 -8.164  1.00 74.58 ? 239 ASN A N   1 
ATOM   464  C  CA  . ASN A 1 74  ? -13.102 -11.216 -9.260  1.00 77.79 ? 239 ASN A CA  1 
ATOM   465  C  C   . ASN A 1 74  ? -14.000 -9.997  -9.529  1.00 78.93 ? 239 ASN A C   1 
ATOM   466  O  O   . ASN A 1 74  ? -14.730 -9.983  -10.525 1.00 80.36 ? 239 ASN A O   1 
ATOM   467  C  CB  . ASN A 1 74  ? -12.952 -12.047 -10.541 1.00 74.67 ? 239 ASN A CB  1 
ATOM   468  N  N   . GLU A 1 75  ? -13.898 -8.971  -8.666  1.00 76.14 ? 240 GLU A N   1 
ATOM   469  C  CA  . GLU A 1 75  ? -14.684 -7.709  -8.751  1.00 66.63 ? 240 GLU A CA  1 
ATOM   470  C  C   . GLU A 1 75  ? -13.802 -6.526  -9.191  1.00 61.86 ? 240 GLU A C   1 
ATOM   471  O  O   . GLU A 1 75  ? -14.211 -5.364  -9.057  1.00 56.33 ? 240 GLU A O   1 
ATOM   472  C  CB  . GLU A 1 75  ? -15.342 -7.400  -7.404  1.00 66.19 ? 240 GLU A CB  1 
ATOM   473  N  N   . GLY A 1 76  ? -12.604 -6.827  -9.716  1.00 55.49 ? 241 GLY A N   1 
ATOM   474  C  CA  . GLY A 1 76  ? -11.621 -5.824  -10.108 1.00 55.44 ? 241 GLY A CA  1 
ATOM   475  C  C   . GLY A 1 76  ? -10.556 -5.660  -9.036  1.00 51.63 ? 241 GLY A C   1 
ATOM   476  O  O   . GLY A 1 76  ? -10.877 -5.255  -7.907  1.00 44.50 ? 241 GLY A O   1 
ATOM   477  N  N   . ASP A 1 77  ? -9.300  -5.963  -9.409  1.00 48.62 ? 242 ASP A N   1 
ATOM   478  C  CA  . ASP A 1 77  ? -8.150  -6.088  -8.486  1.00 44.45 ? 242 ASP A CA  1 
ATOM   479  C  C   . ASP A 1 77  ? -7.902  -4.752  -7.756  1.00 47.03 ? 242 ASP A C   1 
ATOM   480  O  O   . ASP A 1 77  ? -7.716  -4.739  -6.533  1.00 40.95 ? 242 ASP A O   1 
ATOM   481  C  CB  . ASP A 1 77  ? -6.918  -6.632  -9.220  1.00 40.77 ? 242 ASP A CB  1 
ATOM   482  C  CG  . ASP A 1 77  ? -6.818  -8.160  -9.280  1.00 40.83 ? 242 ASP A CG  1 
ATOM   483  O  OD1 . ASP A 1 77  ? -7.851  -8.855  -9.254  1.00 35.12 ? 242 ASP A OD1 1 
ATOM   484  O  OD2 . ASP A 1 77  ? -5.680  -8.661  -9.291  1.00 43.67 ? 242 ASP A OD2 1 
ATOM   485  N  N   . VAL A 1 78  ? -7.960  -3.620  -8.472  1.00 48.79 ? 243 VAL A N   1 
ATOM   486  C  CA  . VAL A 1 78  ? -7.594  -2.330  -7.852  1.00 50.33 ? 243 VAL A CA  1 
ATOM   487  C  C   . VAL A 1 78  ? -8.786  -1.814  -7.025  1.00 48.14 ? 243 VAL A C   1 
ATOM   488  O  O   . VAL A 1 78  ? -8.583  -1.108  -6.037  1.00 41.69 ? 243 VAL A O   1 
ATOM   489  C  CB  . VAL A 1 78  ? -7.078  -1.269  -8.850  1.00 52.88 ? 243 VAL A CB  1 
ATOM   490  C  CG1 . VAL A 1 78  ? -6.532  -1.883  -10.131 1.00 54.56 ? 243 VAL A CG1 1 
ATOM   491  C  CG2 . VAL A 1 78  ? -8.115  -0.197  -9.161  1.00 54.80 ? 243 VAL A CG2 1 
ATOM   492  N  N   . LYS A 1 79  ? -10.013 -2.175  -7.420  1.00 42.93 ? 244 LYS A N   1 
ATOM   493  C  CA  . LYS A 1 79  ? -11.205 -1.785  -6.679  1.00 42.57 ? 244 LYS A CA  1 
ATOM   494  C  C   . LYS A 1 79  ? -11.328 -2.612  -5.382  1.00 41.34 ? 244 LYS A C   1 
ATOM   495  O  O   . LYS A 1 79  ? -11.660 -2.090  -4.294  1.00 35.98 ? 244 LYS A O   1 
ATOM   496  C  CB  . LYS A 1 79  ? -12.434 -1.981  -7.564  1.00 45.47 ? 244 LYS A CB  1 
ATOM   497  C  CG  . LYS A 1 79  ? -13.748 -1.578  -6.918  1.00 51.10 ? 244 LYS A CG  1 
ATOM   498  C  CD  . LYS A 1 79  ? -14.869 -1.396  -7.926  1.00 55.62 ? 244 LYS A CD  1 
ATOM   499  C  CE  . LYS A 1 79  ? -15.716 -0.174  -7.647  1.00 58.65 ? 244 LYS A CE  1 
ATOM   500  N  NZ  . LYS A 1 79  ? -16.266 -0.201  -6.270  1.00 59.65 ? 244 LYS A NZ  1 
ATOM   501  N  N   . SER A 1 80  ? -11.100 -3.921  -5.507  1.00 35.54 ? 245 SER A N   1 
ATOM   502  C  CA  . SER A 1 80  ? -11.046 -4.822  -4.380  1.00 34.11 ? 245 SER A CA  1 
ATOM   503  C  C   . SER A 1 80  ? -10.003 -4.332  -3.375  1.00 34.07 ? 245 SER A C   1 
ATOM   504  O  O   . SER A 1 80  ? -10.256 -4.343  -2.144  1.00 34.86 ? 245 SER A O   1 
ATOM   505  C  CB  . SER A 1 80  ? -10.757 -6.235  -4.829  1.00 40.40 ? 245 SER A CB  1 
ATOM   506  O  OG  . SER A 1 80  ? -11.958 -6.900  -5.222  1.00 41.12 ? 245 SER A OG  1 
ATOM   507  N  N   . PHE A 1 81  ? -8.853  -3.888  -3.902  1.00 32.33 ? 246 PHE A N   1 
ATOM   508  C  CA  . PHE A 1 81  ? -7.777  -3.327  -3.087  1.00 34.31 ? 246 PHE A CA  1 
ATOM   509  C  C   . PHE A 1 81  ? -8.285  -2.092  -2.323  1.00 34.87 ? 246 PHE A C   1 
ATOM   510  O  O   . PHE A 1 81  ? -7.928  -1.878  -1.137  1.00 32.21 ? 246 PHE A O   1 
ATOM   511  C  CB  . PHE A 1 81  ? -6.556  -2.966  -3.933  1.00 31.01 ? 246 PHE A CB  1 
ATOM   512  C  CG  . PHE A 1 81  ? -5.300  -2.794  -3.124  1.00 29.93 ? 246 PHE A CG  1 
ATOM   513  C  CD1 . PHE A 1 81  ? -5.071  -1.625  -2.420  1.00 31.22 ? 246 PHE A CD1 1 
ATOM   514  C  CD2 . PHE A 1 81  ? -4.368  -3.816  -3.025  1.00 29.47 ? 246 PHE A CD2 1 
ATOM   515  C  CE1 . PHE A 1 81  ? -3.933  -1.472  -1.636  1.00 34.54 ? 246 PHE A CE1 1 
ATOM   516  C  CE2 . PHE A 1 81  ? -3.219  -3.654  -2.258  1.00 32.60 ? 246 PHE A CE2 1 
ATOM   517  C  CZ  . PHE A 1 81  ? -3.001  -2.485  -1.558  1.00 31.07 ? 246 PHE A CZ  1 
ATOM   518  N  N   . SER A 1 82  ? -9.096  -1.277  -3.009  1.00 32.48 ? 247 SER A N   1 
ATOM   519  C  CA  . SER A 1 82  ? -9.642  -0.043  -2.460  1.00 32.12 ? 247 SER A CA  1 
ATOM   520  C  C   . SER A 1 82  ? -10.565 -0.319  -1.265  1.00 28.85 ? 247 SER A C   1 
ATOM   521  O  O   . SER A 1 82  ? -10.450 0.342   -0.264  1.00 27.23 ? 247 SER A O   1 
ATOM   522  C  CB  . SER A 1 82  ? -10.376 0.753   -3.500  1.00 31.06 ? 247 SER A CB  1 
ATOM   523  O  OG  . SER A 1 82  ? -11.262 1.645   -2.862  1.00 34.51 ? 247 SER A OG  1 
ATOM   524  N  N   . ARG A 1 83  ? -11.486 -1.268  -1.412  1.00 28.43 ? 248 ARG A N   1 
ATOM   525  C  CA  . ARG A 1 83  ? -12.428 -1.643  -0.357  1.00 34.27 ? 248 ARG A CA  1 
ATOM   526  C  C   . ARG A 1 83  ? -11.672 -2.199  0.857   1.00 33.56 ? 248 ARG A C   1 
ATOM   527  O  O   . ARG A 1 83  ? -11.990 -1.866  1.984   1.00 31.31 ? 248 ARG A O   1 
ATOM   528  C  CB  . ARG A 1 83  ? -13.430 -2.698  -0.831  1.00 38.68 ? 248 ARG A CB  1 
ATOM   529  C  CG  . ARG A 1 83  ? -14.813 -2.138  -1.131  1.00 44.79 ? 248 ARG A CG  1 
ATOM   530  C  CD  . ARG A 1 83  ? -15.895 -3.210  -1.216  1.00 50.06 ? 248 ARG A CD  1 
ATOM   531  N  NE  . ARG A 1 83  ? -15.928 -3.919  -2.490  1.00 53.82 ? 248 ARG A NE  1 
ATOM   532  C  CZ  . ARG A 1 83  ? -16.316 -3.379  -3.644  1.00 54.48 ? 248 ARG A CZ  1 
ATOM   533  N  NH1 . ARG A 1 83  ? -16.546 -2.080  -3.723  1.00 53.99 ? 248 ARG A NH1 1 
ATOM   534  N  NH2 . ARG A 1 83  ? -16.459 -4.140  -4.715  1.00 54.94 ? 248 ARG A NH2 1 
ATOM   535  N  N   . VAL A 1 84  ? -10.690 -3.057  0.602   1.00 29.53 ? 249 VAL A N   1 
ATOM   536  C  CA  . VAL A 1 84  ? -9.898  -3.673  1.655   1.00 29.28 ? 249 VAL A CA  1 
ATOM   537  C  C   . VAL A 1 84  ? -9.125  -2.584  2.408   1.00 28.55 ? 249 VAL A C   1 
ATOM   538  O  O   . VAL A 1 84  ? -9.075  -2.577  3.659   1.00 23.32 ? 249 VAL A O   1 
ATOM   539  C  CB  . VAL A 1 84  ? -8.952  -4.739  1.071   1.00 32.84 ? 249 VAL A CB  1 
ATOM   540  C  CG1 . VAL A 1 84  ? -7.573  -4.729  1.725   1.00 33.17 ? 249 VAL A CG1 1 
ATOM   541  C  CG2 . VAL A 1 84  ? -9.586  -6.120  1.124   1.00 34.70 ? 249 VAL A CG2 1 
ATOM   542  N  N   . MET A 1 85  ? -8.527  -1.675  1.633   1.00 23.38 ? 250 MET A N   1 
ATOM   543  C  CA  . MET A 1 85  ? -7.725  -0.619  2.165   1.00 24.61 ? 250 MET A CA  1 
ATOM   544  C  C   . MET A 1 85  ? -8.561  0.290   3.084   1.00 22.42 ? 250 MET A C   1 
ATOM   545  O  O   . MET A 1 85  ? -8.100  0.658   4.172   1.00 21.26 ? 250 MET A O   1 
ATOM   546  C  CB  . MET A 1 85  ? -7.109  0.177   1.013   1.00 28.07 ? 250 MET A CB  1 
ATOM   547  C  CG  . MET A 1 85  ? -6.277  1.331   1.463   1.00 31.52 ? 250 MET A CG  1 
ATOM   548  S  SD  . MET A 1 85  ? -5.112  1.827   0.175   1.00 40.20 ? 250 MET A SD  1 
ATOM   549  C  CE  . MET A 1 85  ? -4.334  3.248   0.952   1.00 38.85 ? 250 MET A CE  1 
ATOM   550  N  N   . VAL A 1 86  ? -9.797  0.614   2.678   1.00 20.77 ? 251 VAL A N   1 
ATOM   551  C  CA  . VAL A 1 86  ? -10.681 1.463   3.482   1.00 21.15 ? 251 VAL A CA  1 
ATOM   552  C  C   . VAL A 1 86  ? -11.010 0.751   4.807   1.00 19.72 ? 251 VAL A C   1 
ATOM   553  O  O   . VAL A 1 86  ? -11.023 1.379   5.879   1.00 20.31 ? 251 VAL A O   1 
ATOM   554  C  CB  . VAL A 1 86  ? -11.969 1.854   2.720   1.00 21.43 ? 251 VAL A CB  1 
ATOM   555  C  CG1 . VAL A 1 86  ? -12.978 2.550   3.637   1.00 20.45 ? 251 VAL A CG1 1 
ATOM   556  C  CG2 . VAL A 1 86  ? -11.655 2.735   1.524   1.00 20.93 ? 251 VAL A CG2 1 
ATOM   557  N  N   . HIS A 1 87  ? -11.318 -0.541  4.732   1.00 18.14 ? 252 HIS A N   1 
ATOM   558  C  CA  . HIS A 1 87  ? -11.638 -1.313  5.912   1.00 20.52 ? 252 HIS A CA  1 
ATOM   559  C  C   . HIS A 1 87  ? -10.479 -1.295  6.935   1.00 19.40 ? 252 HIS A C   1 
ATOM   560  O  O   . HIS A 1 87  ? -10.759 -1.161  8.127   1.00 18.45 ? 252 HIS A O   1 
ATOM   561  C  CB  . HIS A 1 87  ? -12.125 -2.733  5.567   1.00 19.20 ? 252 HIS A CB  1 
ATOM   562  C  CG  . HIS A 1 87  ? -12.569 -3.463  6.796   1.00 20.69 ? 252 HIS A CG  1 
ATOM   563  N  ND1 . HIS A 1 87  ? -13.825 -3.310  7.326   1.00 19.92 ? 252 HIS A ND1 1 
ATOM   564  C  CD2 . HIS A 1 87  ? -11.912 -4.291  7.649   1.00 21.89 ? 252 HIS A CD2 1 
ATOM   565  C  CE1 . HIS A 1 87  ? -13.951 -4.040  8.419   1.00 21.15 ? 252 HIS A CE1 1 
ATOM   566  N  NE2 . HIS A 1 87  ? -12.785 -4.639  8.651   1.00 21.35 ? 252 HIS A NE2 1 
ATOM   567  N  N   . VAL A 1 88  ? -9.212  -1.375  6.500   1.00 17.85 ? 253 VAL A N   1 
ATOM   568  C  CA  . VAL A 1 88  ? -8.091  -1.350  7.419   1.00 19.69 ? 253 VAL A CA  1 
ATOM   569  C  C   . VAL A 1 88  ? -8.234  -0.172  8.398   1.00 19.99 ? 253 VAL A C   1 
ATOM   570  O  O   . VAL A 1 88  ? -7.966  -0.328  9.561   1.00 19.48 ? 253 VAL A O   1 
ATOM   571  C  CB  . VAL A 1 88  ? -6.706  -1.327  6.736   1.00 20.08 ? 253 VAL A CB  1 
ATOM   572  C  CG1 . VAL A 1 88  ? -5.609  -1.018  7.740   1.00 21.79 ? 253 VAL A CG1 1 
ATOM   573  C  CG2 . VAL A 1 88  ? -6.402  -2.634  6.021   1.00 21.66 ? 253 VAL A CG2 1 
ATOM   574  N  N   . PHE A 1 89  ? -8.696  0.986   7.921   1.00 21.24 ? 254 PHE A N   1 
ATOM   575  C  CA  . PHE A 1 89  ? -8.656  2.233   8.696   1.00 21.16 ? 254 PHE A CA  1 
ATOM   576  C  C   . PHE A 1 89  ? -9.991  2.492   9.404   1.00 20.58 ? 254 PHE A C   1 
ATOM   577  O  O   . PHE A 1 89  ? -10.196 3.570   9.983   1.00 18.33 ? 254 PHE A O   1 
ATOM   578  C  CB  . PHE A 1 89  ? -8.299  3.386   7.746   1.00 22.87 ? 254 PHE A CB  1 
ATOM   579  C  CG  . PHE A 1 89  ? -6.867  3.359   7.274   1.00 24.07 ? 254 PHE A CG  1 
ATOM   580  C  CD1 . PHE A 1 89  ? -5.827  3.591   8.162   1.00 24.91 ? 254 PHE A CD1 1 
ATOM   581  C  CD2 . PHE A 1 89  ? -6.558  3.097   5.953   1.00 24.81 ? 254 PHE A CD2 1 
ATOM   582  C  CE1 . PHE A 1 89  ? -4.514  3.578   7.735   1.00 24.95 ? 254 PHE A CE1 1 
ATOM   583  C  CE2 . PHE A 1 89  ? -5.242  3.077   5.528   1.00 26.12 ? 254 PHE A CE2 1 
ATOM   584  C  CZ  . PHE A 1 89  ? -4.227  3.318   6.415   1.00 25.08 ? 254 PHE A CZ  1 
ATOM   585  N  N   . LYS A 1 90  ? -10.915 1.533   9.323   1.00 20.02 ? 255 LYS A N   1 
ATOM   586  C  CA  . LYS A 1 90  ? -12.303 1.739   9.760   1.00 23.11 ? 255 LYS A CA  1 
ATOM   587  C  C   . LYS A 1 90  ? -12.367 1.881   11.282  1.00 21.49 ? 255 LYS A C   1 
ATOM   588  O  O   . LYS A 1 90  ? -13.334 2.436   11.843  1.00 21.37 ? 255 LYS A O   1 
ATOM   589  C  CB  . LYS A 1 90  ? -13.214 0.565   9.382   1.00 25.82 ? 255 LYS A CB  1 
ATOM   590  C  CG  . LYS A 1 90  ? -14.310 0.874   8.389   1.00 30.87 ? 255 LYS A CG  1 
ATOM   591  C  CD  . LYS A 1 90  ? -15.236 2.013   8.771   1.00 33.44 ? 255 LYS A CD  1 
ATOM   592  C  CE  . LYS A 1 90  ? -16.034 2.475   7.566   1.00 34.03 ? 255 LYS A CE  1 
ATOM   593  N  NZ  . LYS A 1 90  ? -16.876 1.377   7.018   1.00 32.95 ? 255 LYS A NZ  1 
ATOM   594  N  N   . ASP A 1 91  ? -11.353 1.345   11.956  1.00 20.97 ? 256 ASP A N   1 
ATOM   595  C  CA  . ASP A 1 91  ? -11.293 1.369   13.397  1.00 19.72 ? 256 ASP A CA  1 
ATOM   596  C  C   . ASP A 1 91  ? -10.800 2.725   13.914  1.00 19.44 ? 256 ASP A C   1 
ATOM   597  O  O   . ASP A 1 91  ? -10.612 2.877   15.152  1.00 20.50 ? 256 ASP A O   1 
ATOM   598  C  CB  . ASP A 1 91  ? -10.397 0.233   13.902  1.00 20.88 ? 256 ASP A CB  1 
ATOM   599  C  CG  . ASP A 1 91  ? -8.916  0.448   13.633  1.00 23.00 ? 256 ASP A CG  1 
ATOM   600  O  OD1 . ASP A 1 91  ? -8.571  1.376   12.848  1.00 21.61 ? 256 ASP A OD1 1 
ATOM   601  O  OD2 . ASP A 1 91  ? -8.118  -0.295  14.227  1.00 23.68 ? 256 ASP A OD2 1 
ATOM   602  N  N   . GLY A 1 92  ? -10.562 3.696   13.021  1.00 17.67 ? 257 GLY A N   1 
ATOM   603  C  CA  . GLY A 1 92  ? -10.224 5.059   13.431  1.00 17.24 ? 257 GLY A CA  1 
ATOM   604  C  C   . GLY A 1 92  ? -8.757  5.262   13.813  1.00 19.54 ? 257 GLY A C   1 
ATOM   605  O  O   . GLY A 1 92  ? -8.366  6.364   14.175  1.00 20.27 ? 257 GLY A O   1 
ATOM   606  N  N   . VAL A 1 93  ? -7.914  4.231   13.666  1.00 19.86 ? 258 VAL A N   1 
ATOM   607  C  CA  . VAL A 1 93  ? -6.482  4.331   13.957  1.00 19.83 ? 258 VAL A CA  1 
ATOM   608  C  C   . VAL A 1 93  ? -5.691  4.513   12.645  1.00 20.80 ? 258 VAL A C   1 
ATOM   609  O  O   . VAL A 1 93  ? -5.991  3.884   11.622  1.00 20.01 ? 258 VAL A O   1 
ATOM   610  C  CB  . VAL A 1 93  ? -5.977  3.116   14.747  1.00 19.82 ? 258 VAL A CB  1 
ATOM   611  C  CG1 . VAL A 1 93  ? -4.459  3.172   14.920  1.00 20.60 ? 258 VAL A CG1 1 
ATOM   612  C  CG2 . VAL A 1 93  ? -6.665  2.996   16.106  1.00 20.00 ? 258 VAL A CG2 1 
ATOM   613  N  N   . THR A 1 94  ? -4.673  5.379   12.691  1.00 19.90 ? 259 THR A N   1 
ATOM   614  C  CA  . THR A 1 94  ? -3.773  5.609   11.566  1.00 21.96 ? 259 THR A CA  1 
ATOM   615  C  C   . THR A 1 94  ? -2.339  5.543   12.084  1.00 21.52 ? 259 THR A C   1 
ATOM   616  O  O   . THR A 1 94  ? -2.062  6.091   13.143  1.00 21.00 ? 259 THR A O   1 
ATOM   617  C  CB  . THR A 1 94  ? -4.035  6.957   10.884  1.00 23.95 ? 259 THR A CB  1 
ATOM   618  O  OG1 . THR A 1 94  ? -5.432  7.118   10.649  1.00 24.14 ? 259 THR A OG1 1 
ATOM   619  C  CG2 . THR A 1 94  ? -3.307  7.078   9.565   1.00 24.14 ? 259 THR A CG2 1 
ATOM   620  N  N   . ASN A 1 95  ? -1.448  4.850   11.348  1.00 19.85 ? 260 ASN A N   1 
ATOM   621  C  CA  . ASN A 1 95  ? -0.040  4.763   11.742  1.00 18.68 ? 260 ASN A CA  1 
ATOM   622  C  C   . ASN A 1 95  ? 0.789   4.351   10.521  1.00 18.83 ? 260 ASN A C   1 
ATOM   623  O  O   . ASN A 1 95  ? 0.255   3.867   9.531   1.00 21.05 ? 260 ASN A O   1 
ATOM   624  C  CB  . ASN A 1 95  ? 0.145   3.858   12.974  1.00 19.24 ? 260 ASN A CB  1 
ATOM   625  C  CG  . ASN A 1 95  ? -0.260  2.416   12.748  1.00 18.81 ? 260 ASN A CG  1 
ATOM   626  O  OD1 . ASN A 1 95  ? 0.172   1.808   11.767  1.00 16.59 ? 260 ASN A OD1 1 
ATOM   627  N  ND2 . ASN A 1 95  ? -0.977  1.823   13.701  1.00 17.71 ? 260 ASN A ND2 1 
ATOM   628  N  N   . TRP A 1 96  ? 2.093   4.565   10.596  1.00 20.34 ? 261 TRP A N   1 
ATOM   629  C  CA  . TRP A 1 96  ? 3.041   4.265   9.496   1.00 21.76 ? 261 TRP A CA  1 
ATOM   630  C  C   . TRP A 1 96  ? 3.100   2.769   9.128   1.00 20.92 ? 261 TRP A C   1 
ATOM   631  O  O   . TRP A 1 96  ? 3.237   2.444   7.961   1.00 20.70 ? 261 TRP A O   1 
ATOM   632  C  CB  . TRP A 1 96  ? 4.415   4.837   9.833   1.00 23.07 ? 261 TRP A CB  1 
ATOM   633  C  CG  . TRP A 1 96  ? 4.424   6.333   9.720   1.00 25.11 ? 261 TRP A CG  1 
ATOM   634  C  CD1 . TRP A 1 96  ? 4.774   7.235   10.682  1.00 27.27 ? 261 TRP A CD1 1 
ATOM   635  C  CD2 . TRP A 1 96  ? 4.060   7.107   8.569   1.00 25.10 ? 261 TRP A CD2 1 
ATOM   636  N  NE1 . TRP A 1 96  ? 4.664   8.512   10.205  1.00 25.77 ? 261 TRP A NE1 1 
ATOM   637  C  CE2 . TRP A 1 96  ? 4.244   8.466   8.905   1.00 27.47 ? 261 TRP A CE2 1 
ATOM   638  C  CE3 . TRP A 1 96  ? 3.614   6.796   7.286   1.00 26.00 ? 261 TRP A CE3 1 
ATOM   639  C  CZ2 . TRP A 1 96  ? 3.969   9.503   8.012   1.00 27.07 ? 261 TRP A CZ2 1 
ATOM   640  C  CZ3 . TRP A 1 96  ? 3.359   7.817   6.398   1.00 27.34 ? 261 TRP A CZ3 1 
ATOM   641  C  CH2 . TRP A 1 96  ? 3.539   9.155   6.756   1.00 26.98 ? 261 TRP A CH2 1 
ATOM   642  N  N   . GLY A 1 97  ? 2.970   1.877   10.113  1.00 19.21 ? 262 GLY A N   1 
ATOM   643  C  CA  . GLY A 1 97  ? 2.871   0.440   9.885   1.00 17.65 ? 262 GLY A CA  1 
ATOM   644  C  C   . GLY A 1 97  ? 1.760   0.081   8.914   1.00 16.18 ? 262 GLY A C   1 
ATOM   645  O  O   . GLY A 1 97  ? 1.960   -0.700  7.984   1.00 15.28 ? 262 GLY A O   1 
ATOM   646  N  N   . ARG A 1 98  ? 0.583   0.686   9.109   1.00 16.54 ? 263 ARG A N   1 
ATOM   647  C  CA  . ARG A 1 98  ? -0.579  0.472   8.274   1.00 17.80 ? 263 ARG A CA  1 
ATOM   648  C  C   . ARG A 1 98  ? -0.317  0.979   6.856   1.00 20.03 ? 263 ARG A C   1 
ATOM   649  O  O   . ARG A 1 98  ? -0.655  0.306   5.847   1.00 19.62 ? 263 ARG A O   1 
ATOM   650  C  CB  . ARG A 1 98  ? -1.808  1.145   8.873   1.00 18.48 ? 263 ARG A CB  1 
ATOM   651  C  CG  . ARG A 1 98  ? -2.330  0.379   10.075  1.00 19.21 ? 263 ARG A CG  1 
ATOM   652  C  CD  . ARG A 1 98  ? -3.498  1.086   10.713  1.00 18.62 ? 263 ARG A CD  1 
ATOM   653  N  NE  . ARG A 1 98  ? -3.895  0.342   11.891  1.00 18.89 ? 263 ARG A NE  1 
ATOM   654  C  CZ  . ARG A 1 98  ? -5.110  0.349   12.402  1.00 18.09 ? 263 ARG A CZ  1 
ATOM   655  N  NH1 . ARG A 1 98  ? -6.067  1.028   11.786  1.00 17.83 ? 263 ARG A NH1 1 
ATOM   656  N  NH2 . ARG A 1 98  ? -5.360  -0.365  13.491  1.00 16.80 ? 263 ARG A NH2 1 
ATOM   657  N  N   . ILE A 1 99  ? 0.335   2.132   6.775   1.00 19.40 ? 264 ILE A N   1 
ATOM   658  C  CA  . ILE A 1 99  ? 0.564   2.743   5.501   1.00 22.51 ? 264 ILE A CA  1 
ATOM   659  C  C   . ILE A 1 99  ? 1.601   1.911   4.722   1.00 21.58 ? 264 ILE A C   1 
ATOM   660  O  O   . ILE A 1 99  ? 1.362   1.545   3.591   1.00 21.49 ? 264 ILE A O   1 
ATOM   661  C  CB  . ILE A 1 99  ? 0.890   4.232   5.723   1.00 24.14 ? 264 ILE A CB  1 
ATOM   662  C  CG1 . ILE A 1 99  ? -0.398  4.936   6.199   1.00 25.25 ? 264 ILE A CG1 1 
ATOM   663  C  CG2 . ILE A 1 99  ? 1.488   4.860   4.478   1.00 25.90 ? 264 ILE A CG2 1 
ATOM   664  C  CD1 . ILE A 1 99  ? -0.229  6.353   6.662   1.00 25.88 ? 264 ILE A CD1 1 
ATOM   665  N  N   . VAL A 1 100 ? 2.694   1.522   5.376   1.00 23.13 ? 265 VAL A N   1 
ATOM   666  C  CA  . VAL A 1 100 ? 3.752   0.778   4.707   1.00 23.29 ? 265 VAL A CA  1 
ATOM   667  C  C   . VAL A 1 100 ? 3.264   -0.639  4.353   1.00 22.00 ? 265 VAL A C   1 
ATOM   668  O  O   . VAL A 1 100 ? 3.645   -1.181  3.314   1.00 22.63 ? 265 VAL A O   1 
ATOM   669  C  CB  . VAL A 1 100 ? 5.068   0.761   5.504   1.00 23.27 ? 265 VAL A CB  1 
ATOM   670  C  CG1 . VAL A 1 100 ? 4.989   -0.143  6.716   1.00 25.53 ? 265 VAL A CG1 1 
ATOM   671  C  CG2 . VAL A 1 100 ? 6.237   0.311   4.637   1.00 25.98 ? 265 VAL A CG2 1 
ATOM   672  N  N   . THR A 1 101 ? 2.441   -1.252  5.201   1.00 20.28 ? 266 THR A N   1 
ATOM   673  C  CA  . THR A 1 101 ? 1.947   -2.615  4.944   1.00 21.49 ? 266 THR A CA  1 
ATOM   674  C  C   . THR A 1 101 ? 1.046   -2.627  3.700   1.00 21.41 ? 266 THR A C   1 
ATOM   675  O  O   . THR A 1 101 ? 1.042   -3.599  2.945   1.00 19.80 ? 266 THR A O   1 
ATOM   676  C  CB  . THR A 1 101 ? 1.211   -3.263  6.130   1.00 20.91 ? 266 THR A CB  1 
ATOM   677  O  OG1 . THR A 1 101 ? 2.093   -3.366  7.250   1.00 21.05 ? 266 THR A OG1 1 
ATOM   678  C  CG2 . THR A 1 101 ? 0.704   -4.652  5.805   1.00 20.11 ? 266 THR A CG2 1 
ATOM   679  N  N   . LEU A 1 102 ? 0.287   -1.553  3.491   1.00 20.77 ? 267 LEU A N   1 
ATOM   680  C  CA  . LEU A 1 102 ? -0.663  -1.474  2.380   1.00 23.60 ? 267 LEU A CA  1 
ATOM   681  C  C   . LEU A 1 102 ? 0.064   -1.223  1.047   1.00 22.18 ? 267 LEU A C   1 
ATOM   682  O  O   . LEU A 1 102 ? -0.286  -1.799  0.040   1.00 20.66 ? 267 LEU A O   1 
ATOM   683  C  CB  . LEU A 1 102 ? -1.676  -0.364  2.677   1.00 24.77 ? 267 LEU A CB  1 
ATOM   684  C  CG  . LEU A 1 102 ? -2.831  -0.819  3.551   1.00 26.33 ? 267 LEU A CG  1 
ATOM   685  C  CD1 . LEU A 1 102 ? -3.546  0.373   4.147   1.00 29.18 ? 267 LEU A CD1 1 
ATOM   686  C  CD2 . LEU A 1 102 ? -3.787  -1.675  2.736   1.00 28.40 ? 267 LEU A CD2 1 
ATOM   687  N  N   . ILE A 1 103 ? 1.065   -0.352  1.061   1.00 21.24 ? 268 ILE A N   1 
ATOM   688  C  CA  . ILE A 1 103 ? 1.872   -0.098  -0.111  1.00 22.87 ? 268 ILE A CA  1 
ATOM   689  C  C   . ILE A 1 103 ? 2.587   -1.404  -0.489  1.00 22.57 ? 268 ILE A C   1 
ATOM   690  O  O   . ILE A 1 103 ? 2.611   -1.764  -1.663  1.00 24.26 ? 268 ILE A O   1 
ATOM   691  C  CB  . ILE A 1 103 ? 2.825   1.086   0.155   1.00 23.90 ? 268 ILE A CB  1 
ATOM   692  C  CG1 . ILE A 1 103 ? 2.047   2.402   0.259   1.00 24.41 ? 268 ILE A CG1 1 
ATOM   693  C  CG2 . ILE A 1 103 ? 3.941   1.166   -0.879  1.00 22.94 ? 268 ILE A CG2 1 
ATOM   694  C  CD1 . ILE A 1 103 ? 2.794   3.484   1.013   1.00 26.06 ? 268 ILE A CD1 1 
ATOM   695  N  N   . SER A 1 104 ? 3.111   -2.117  0.519   1.00 21.76 ? 269 SER A N   1 
ATOM   696  C  CA  . SER A 1 104 ? 3.798   -3.405  0.353   1.00 20.20 ? 269 SER A CA  1 
ATOM   697  C  C   . SER A 1 104 ? 2.893   -4.444  -0.310  1.00 20.47 ? 269 SER A C   1 
ATOM   698  O  O   . SER A 1 104 ? 3.317   -5.145  -1.247  1.00 17.45 ? 269 SER A O   1 
ATOM   699  C  CB  . SER A 1 104 ? 4.319   -3.919  1.670   1.00 20.79 ? 269 SER A CB  1 
ATOM   700  O  OG  . SER A 1 104 ? 5.363   -3.066  2.160   1.00 21.71 ? 269 SER A OG  1 
ATOM   701  N  N   . PHE A 1 105 ? 1.673   -4.588  0.208   1.00 18.63 ? 270 PHE A N   1 
ATOM   702  C  CA  . PHE A 1 105 ? 0.704   -5.482  -0.384  1.00 19.85 ? 270 PHE A CA  1 
ATOM   703  C  C   . PHE A 1 105 ? 0.372   -5.003  -1.808  1.00 21.61 ? 270 PHE A C   1 
ATOM   704  O  O   . PHE A 1 105 ? 0.206   -5.790  -2.694  1.00 18.26 ? 270 PHE A O   1 
ATOM   705  C  CB  . PHE A 1 105 ? -0.522  -5.622  0.516   1.00 19.89 ? 270 PHE A CB  1 
ATOM   706  C  CG  . PHE A 1 105 ? -1.520  -6.613  -0.001  1.00 21.37 ? 270 PHE A CG  1 
ATOM   707  C  CD1 . PHE A 1 105 ? -1.140  -7.906  -0.294  1.00 21.54 ? 270 PHE A CD1 1 
ATOM   708  C  CD2 . PHE A 1 105 ? -2.830  -6.239  -0.238  1.00 22.38 ? 270 PHE A CD2 1 
ATOM   709  C  CE1 . PHE A 1 105 ? -2.049  -8.817  -0.801  1.00 22.82 ? 270 PHE A CE1 1 
ATOM   710  C  CE2 . PHE A 1 105 ? -3.742  -7.154  -0.727  1.00 24.17 ? 270 PHE A CE2 1 
ATOM   711  C  CZ  . PHE A 1 105 ? -3.350  -8.442  -1.018  1.00 24.62 ? 270 PHE A CZ  1 
ATOM   712  N  N   . GLY A 1 106 ? 0.310   -3.679  -2.007  1.00 23.30 ? 271 GLY A N   1 
ATOM   713  C  CA  . GLY A 1 106 ? 0.200   -3.092  -3.350  1.00 23.87 ? 271 GLY A CA  1 
ATOM   714  C  C   . GLY A 1 106 ? 1.323   -3.517  -4.288  1.00 21.88 ? 271 GLY A C   1 
ATOM   715  O  O   . GLY A 1 106 ? 1.092   -3.822  -5.448  1.00 20.19 ? 271 GLY A O   1 
ATOM   716  N  N   . ALA A 1 107 ? 2.555   -3.510  -3.796  1.00 20.99 ? 272 ALA A N   1 
ATOM   717  C  CA  . ALA A 1 107 ? 3.694   -3.966  -4.616  1.00 21.55 ? 272 ALA A CA  1 
ATOM   718  C  C   . ALA A 1 107 ? 3.524   -5.447  -4.984  1.00 21.81 ? 272 ALA A C   1 
ATOM   719  O  O   . ALA A 1 107 ? 3.752   -5.882  -6.124  1.00 23.04 ? 272 ALA A O   1 
ATOM   720  C  CB  . ALA A 1 107 ? 4.978   -3.722  -3.870  1.00 21.89 ? 272 ALA A CB  1 
ATOM   721  N  N   . PHE A 1 108 ? 3.090   -6.241  -4.007  1.00 22.61 ? 273 PHE A N   1 
ATOM   722  C  CA  . PHE A 1 108 ? 2.886   -7.664  -4.200  1.00 21.57 ? 273 PHE A CA  1 
ATOM   723  C  C   . PHE A 1 108 ? 1.798   -7.881  -5.268  1.00 21.84 ? 273 PHE A C   1 
ATOM   724  O  O   . PHE A 1 108 ? 1.878   -8.764  -6.139  1.00 20.77 ? 273 PHE A O   1 
ATOM   725  C  CB  . PHE A 1 108 ? 2.561   -8.301  -2.849  1.00 20.80 ? 273 PHE A CB  1 
ATOM   726  C  CG  . PHE A 1 108 ? 2.376   -9.789  -2.908  1.00 20.13 ? 273 PHE A CG  1 
ATOM   727  C  CD1 . PHE A 1 108 ? 1.140   -10.324 -3.198  1.00 19.74 ? 273 PHE A CD1 1 
ATOM   728  C  CD2 . PHE A 1 108 ? 3.433   -10.640 -2.620  1.00 20.41 ? 273 PHE A CD2 1 
ATOM   729  C  CE1 . PHE A 1 108 ? 0.965   -11.697 -3.260  1.00 22.34 ? 273 PHE A CE1 1 
ATOM   730  C  CE2 . PHE A 1 108 ? 3.258   -12.015 -2.660  1.00 22.89 ? 273 PHE A CE2 1 
ATOM   731  C  CZ  . PHE A 1 108 ? 2.024   -12.544 -3.002  1.00 22.09 ? 273 PHE A CZ  1 
ATOM   732  N  N   . VAL A 1 109 ? 0.751   -7.071  -5.199  1.00 22.59 ? 274 VAL A N   1 
ATOM   733  C  CA  . VAL A 1 109 ? -0.293  -7.179  -6.184  1.00 24.88 ? 274 VAL A CA  1 
ATOM   734  C  C   . VAL A 1 109 ? 0.228   -6.629  -7.533  1.00 25.27 ? 274 VAL A C   1 
ATOM   735  O  O   . VAL A 1 109 ? -0.108  -7.158  -8.583  1.00 24.22 ? 274 VAL A O   1 
ATOM   736  C  CB  . VAL A 1 109 ? -1.575  -6.482  -5.704  1.00 25.92 ? 274 VAL A CB  1 
ATOM   737  C  CG1 . VAL A 1 109 ? -2.608  -6.382  -6.817  1.00 28.72 ? 274 VAL A CG1 1 
ATOM   738  C  CG2 . VAL A 1 109 ? -2.176  -7.187  -4.487  1.00 25.92 ? 274 VAL A CG2 1 
ATOM   739  N  N   . ALA A 1 110 ? 1.074   -5.593  -7.511  1.00 24.19 ? 275 ALA A N   1 
ATOM   740  C  CA  . ALA A 1 110 ? 1.579   -5.036  -8.775  1.00 24.70 ? 275 ALA A CA  1 
ATOM   741  C  C   . ALA A 1 110 ? 2.438   -6.083  -9.505  1.00 27.58 ? 275 ALA A C   1 
ATOM   742  O  O   . ALA A 1 110 ? 2.348   -6.198  -10.734 1.00 26.96 ? 275 ALA A O   1 
ATOM   743  C  CB  . ALA A 1 110 ? 2.326   -3.758  -8.538  1.00 23.47 ? 275 ALA A CB  1 
ATOM   744  N  N   . LYS A 1 111 ? 3.238   -6.866  -8.757  1.00 26.62 ? 276 LYS A N   1 
ATOM   745  C  CA  . LYS A 1 111 ? 4.025   -7.946  -9.354  1.00 28.22 ? 276 LYS A CA  1 
ATOM   746  C  C   . LYS A 1 111 ? 3.108   -8.996  -9.980  1.00 29.18 ? 276 LYS A C   1 
ATOM   747  O  O   . LYS A 1 111 ? 3.416   -9.607  -10.993 1.00 29.09 ? 276 LYS A O   1 
ATOM   748  C  CB  . LYS A 1 111 ? 4.886   -8.683  -8.327  1.00 28.20 ? 276 LYS A CB  1 
ATOM   749  C  CG  . LYS A 1 111 ? 6.188   -8.002  -7.986  1.00 30.06 ? 276 LYS A CG  1 
ATOM   750  C  CD  . LYS A 1 111 ? 7.089   -8.814  -7.110  1.00 31.91 ? 276 LYS A CD  1 
ATOM   751  C  CE  . LYS A 1 111 ? 6.989   -8.393  -5.671  1.00 33.79 ? 276 LYS A CE  1 
ATOM   752  N  NZ  . LYS A 1 111 ? 8.284   -8.565  -4.974  1.00 35.62 ? 276 LYS A NZ  1 
ATOM   753  N  N   . HIS A 1 112 ? 2.021   -9.255  -9.275  1.00 30.60 ? 277 HIS A N   1 
ATOM   754  C  CA  . HIS A 1 112 ? 0.994   -10.134 -9.686  1.00 33.05 ? 277 HIS A CA  1 
ATOM   755  C  C   . HIS A 1 112 ? 0.403   -9.702  -11.045 1.00 36.21 ? 277 HIS A C   1 
ATOM   756  O  O   . HIS A 1 112 ? 0.297   -10.500 -11.967 1.00 34.63 ? 277 HIS A O   1 
ATOM   757  C  CB  . HIS A 1 112 ? -0.065  -10.137 -8.588  1.00 33.20 ? 277 HIS A CB  1 
ATOM   758  C  CG  . HIS A 1 112 ? -1.291  -10.809 -9.056  1.00 32.19 ? 277 HIS A CG  1 
ATOM   759  N  ND1 . HIS A 1 112 ? -1.245  -12.094 -9.503  1.00 34.85 ? 277 HIS A ND1 1 
ATOM   760  C  CD2 . HIS A 1 112 ? -2.550  -10.366 -9.234  1.00 34.13 ? 277 HIS A CD2 1 
ATOM   761  C  CE1 . HIS A 1 112 ? -2.443  -12.461 -9.883  1.00 33.63 ? 277 HIS A CE1 1 
ATOM   762  N  NE2 . HIS A 1 112 ? -3.268  -11.418 -9.724  1.00 32.94 ? 277 HIS A NE2 1 
ATOM   763  N  N   . LEU A 1 113 ? 0.007   -8.430  -11.147 1.00 35.81 ? 278 LEU A N   1 
ATOM   764  C  CA  . LEU A 1 113 ? -0.574  -7.878  -12.382 1.00 37.58 ? 278 LEU A CA  1 
ATOM   765  C  C   . LEU A 1 113 ? 0.410   -8.004  -13.564 1.00 38.72 ? 278 LEU A C   1 
ATOM   766  O  O   . LEU A 1 113 ? 0.002   -8.280  -14.679 1.00 41.25 ? 278 LEU A O   1 
ATOM   767  C  CB  . LEU A 1 113 ? -0.977  -6.425  -12.135 1.00 37.41 ? 278 LEU A CB  1 
ATOM   768  C  CG  . LEU A 1 113 ? -2.205  -6.207  -11.250 1.00 37.05 ? 278 LEU A CG  1 
ATOM   769  C  CD1 . LEU A 1 113 ? -2.341  -4.733  -10.904 1.00 38.98 ? 278 LEU A CD1 1 
ATOM   770  C  CD2 . LEU A 1 113 ? -3.480  -6.702  -11.917 1.00 36.62 ? 278 LEU A CD2 1 
ATOM   771  N  N   . LYS A 1 114 ? 1.709   -7.839  -13.311 1.00 39.60 ? 279 LYS A N   1 
ATOM   772  C  CA  . LYS A 1 114 ? 2.745   -7.938  -14.346 1.00 41.50 ? 279 LYS A CA  1 
ATOM   773  C  C   . LYS A 1 114 ? 2.887   -9.385  -14.829 1.00 44.02 ? 279 LYS A C   1 
ATOM   774  O  O   . LYS A 1 114 ? 3.203   -9.618  -15.993 1.00 41.76 ? 279 LYS A O   1 
ATOM   775  C  CB  . LYS A 1 114 ? 4.096   -7.436  -13.821 1.00 43.40 ? 279 LYS A CB  1 
ATOM   776  C  CG  . LYS A 1 114 ? 5.317   -7.746  -14.684 1.00 47.61 ? 279 LYS A CG  1 
ATOM   777  C  CD  . LYS A 1 114 ? 5.534   -6.768  -15.826 1.00 53.36 ? 279 LYS A CD  1 
ATOM   778  C  CE  . LYS A 1 114 ? 6.260   -7.347  -17.027 1.00 53.60 ? 279 LYS A CE  1 
ATOM   779  N  NZ  . LYS A 1 114 ? 7.422   -8.173  -16.630 1.00 57.58 ? 279 LYS A NZ  1 
ATOM   780  N  N   . SER A 1 115 ? 2.704   -10.346 -13.918 1.00 43.49 ? 280 SER A N   1 
ATOM   781  C  CA  . SER A 1 115 ? 2.853   -11.753 -14.258 1.00 47.10 ? 280 SER A CA  1 
ATOM   782  C  C   . SER A 1 115 ? 1.642   -12.250 -15.071 1.00 44.46 ? 280 SER A C   1 
ATOM   783  O  O   . SER A 1 115 ? 1.749   -13.249 -15.750 1.00 48.50 ? 280 SER A O   1 
ATOM   784  C  CB  . SER A 1 115 ? 3.064   -12.593 -13.028 1.00 42.84 ? 280 SER A CB  1 
ATOM   785  O  OG  . SER A 1 115 ? 1.813   -12.990 -12.503 1.00 41.98 ? 280 SER A OG  1 
ATOM   786  N  N   . VAL A 1 116 ? 0.496   -11.571 -14.968 1.00 42.79 ? 281 VAL A N   1 
ATOM   787  C  CA  . VAL A 1 116 ? -0.685  -11.930 -15.754 1.00 44.56 ? 281 VAL A CA  1 
ATOM   788  C  C   . VAL A 1 116 ? -0.825  -10.978 -16.964 1.00 48.14 ? 281 VAL A C   1 
ATOM   789  O  O   . VAL A 1 116 ? -1.925  -10.731 -17.439 1.00 46.93 ? 281 VAL A O   1 
ATOM   790  C  CB  . VAL A 1 116 ? -1.952  -11.939 -14.874 1.00 42.58 ? 281 VAL A CB  1 
ATOM   791  C  CG1 . VAL A 1 116 ? -1.814  -12.892 -13.703 1.00 41.08 ? 281 VAL A CG1 1 
ATOM   792  C  CG2 . VAL A 1 116 ? -2.349  -10.556 -14.377 1.00 45.07 ? 281 VAL A CG2 1 
ATOM   793  N  N   . ASN A 1 117 ? 0.302   -10.443 -17.460 1.00 50.83 ? 282 ASN A N   1 
ATOM   794  C  CA  . ASN A 1 117 ? 0.349   -9.515  -18.615 1.00 50.52 ? 282 ASN A CA  1 
ATOM   795  C  C   . ASN A 1 117 ? -0.726  -8.433  -18.499 1.00 48.42 ? 282 ASN A C   1 
ATOM   796  O  O   . ASN A 1 117 ? -1.356  -8.111  -19.500 1.00 50.80 ? 282 ASN A O   1 
ATOM   797  C  CB  . ASN A 1 117 ? 0.186   -10.237 -19.957 1.00 47.35 ? 282 ASN A CB  1 
ATOM   798  C  CG  . ASN A 1 117 ? 1.428   -11.013 -20.333 1.00 53.15 ? 282 ASN A CG  1 
ATOM   799  O  OD1 . ASN A 1 117 ? 2.301   -10.487 -21.020 1.00 57.98 ? 282 ASN A OD1 1 
ATOM   800  N  ND2 . ASN A 1 117 ? 1.539   -12.243 -19.853 1.00 49.78 ? 282 ASN A ND2 1 
ATOM   801  N  N   . GLN A 1 118 ? -0.899  -7.862  -17.297 1.00 45.08 ? 283 GLN A N   1 
ATOM   802  C  CA  . GLN A 1 118 ? -1.845  -6.758  -17.057 1.00 43.44 ? 283 GLN A CA  1 
ATOM   803  C  C   . GLN A 1 118 ? -1.136  -5.566  -16.399 1.00 40.08 ? 283 GLN A C   1 
ATOM   804  O  O   . GLN A 1 118 ? -1.638  -4.973  -15.453 1.00 43.29 ? 283 GLN A O   1 
ATOM   805  C  CB  . GLN A 1 118 ? -3.024  -7.261  -16.227 1.00 49.72 ? 283 GLN A CB  1 
ATOM   806  C  CG  . GLN A 1 118 ? -4.355  -7.196  -16.965 1.00 56.30 ? 283 GLN A CG  1 
ATOM   807  C  CD  . GLN A 1 118 ? -5.223  -8.381  -16.629 1.00 61.64 ? 283 GLN A CD  1 
ATOM   808  O  OE1 . GLN A 1 118 ? -6.239  -8.260  -15.945 1.00 66.04 ? 283 GLN A OE1 1 
ATOM   809  N  NE2 . GLN A 1 118 ? -4.816  -9.548  -17.108 1.00 63.93 ? 283 GLN A NE2 1 
ATOM   810  N  N   . GLU A 1 119 ? 0.009   -5.183  -16.965 1.00 39.81 ? 284 GLU A N   1 
ATOM   811  C  CA  . GLU A 1 119 ? 0.838   -4.062  -16.476 1.00 42.52 ? 284 GLU A CA  1 
ATOM   812  C  C   . GLU A 1 119 ? 0.088   -2.717  -16.471 1.00 38.28 ? 284 GLU A C   1 
ATOM   813  O  O   . GLU A 1 119 ? 0.482   -1.791  -15.746 1.00 38.74 ? 284 GLU A O   1 
ATOM   814  C  CB  . GLU A 1 119 ? 2.083   -3.893  -17.355 1.00 43.92 ? 284 GLU A CB  1 
ATOM   815  C  CG  . GLU A 1 119 ? 3.370   -4.416  -16.739 1.00 50.40 ? 284 GLU A CG  1 
ATOM   816  C  CD  . GLU A 1 119 ? 4.472   -3.386  -16.492 1.00 54.28 ? 284 GLU A CD  1 
ATOM   817  O  OE1 . GLU A 1 119 ? 4.224   -2.387  -15.754 1.00 57.56 ? 284 GLU A OE1 1 
ATOM   818  O  OE2 . GLU A 1 119 ? 5.586   -3.578  -17.038 1.00 59.14 ? 284 GLU A OE2 1 
ATOM   819  N  N   . SER A 1 120 ? -0.924  -2.556  -17.326 1.00 37.05 ? 285 SER A N   1 
ATOM   820  C  CA  . SER A 1 120 ? -1.577  -1.243  -17.477 1.00 41.70 ? 285 SER A CA  1 
ATOM   821  C  C   . SER A 1 120 ? -2.460  -0.928  -16.256 1.00 40.65 ? 285 SER A C   1 
ATOM   822  O  O   . SER A 1 120 ? -2.866  0.215   -16.060 1.00 41.14 ? 285 SER A O   1 
ATOM   823  C  CB  . SER A 1 120 ? -2.354  -1.146  -18.776 1.00 39.82 ? 285 SER A CB  1 
ATOM   824  O  OG  . SER A 1 120 ? -3.478  -2.017  -18.770 1.00 43.37 ? 285 SER A OG  1 
ATOM   825  N  N   . PHE A 1 121 ? -2.750  -1.957  -15.450 1.00 41.54 ? 286 PHE A N   1 
ATOM   826  C  CA  . PHE A 1 121 ? -3.563  -1.842  -14.254 1.00 42.71 ? 286 PHE A CA  1 
ATOM   827  C  C   . PHE A 1 121 ? -2.725  -1.378  -13.048 1.00 36.48 ? 286 PHE A C   1 
ATOM   828  O  O   . PHE A 1 121 ? -3.283  -0.990  -12.042 1.00 38.67 ? 286 PHE A O   1 
ATOM   829  C  CB  . PHE A 1 121 ? -4.271  -3.175  -13.992 1.00 46.55 ? 286 PHE A CB  1 
ATOM   830  C  CG  . PHE A 1 121 ? -5.306  -3.579  -15.014 1.00 49.01 ? 286 PHE A CG  1 
ATOM   831  C  CD1 . PHE A 1 121 ? -5.733  -2.708  -16.009 1.00 53.63 ? 286 PHE A CD1 1 
ATOM   832  C  CD2 . PHE A 1 121 ? -5.915  -4.824  -14.942 1.00 49.87 ? 286 PHE A CD2 1 
ATOM   833  C  CE1 . PHE A 1 121 ? -6.713  -3.085  -16.919 1.00 53.34 ? 286 PHE A CE1 1 
ATOM   834  C  CE2 . PHE A 1 121 ? -6.892  -5.199  -15.854 1.00 51.69 ? 286 PHE A CE2 1 
ATOM   835  C  CZ  . PHE A 1 121 ? -7.284  -4.334  -16.849 1.00 51.30 ? 286 PHE A CZ  1 
ATOM   836  N  N   . ILE A 1 122 ? -1.395  -1.383  -13.166 1.00 36.19 ? 287 ILE A N   1 
ATOM   837  C  CA  . ILE A 1 122 ? -0.502  -0.993  -12.078 1.00 34.73 ? 287 ILE A CA  1 
ATOM   838  C  C   . ILE A 1 122 ? -0.656  0.504   -11.760 1.00 36.19 ? 287 ILE A C   1 
ATOM   839  O  O   . ILE A 1 122 ? -0.726  0.865   -10.597 1.00 31.55 ? 287 ILE A O   1 
ATOM   840  C  CB  . ILE A 1 122 ? 0.953   -1.391  -12.394 1.00 34.46 ? 287 ILE A CB  1 
ATOM   841  C  CG1 . ILE A 1 122 ? 1.080   -2.910  -12.559 1.00 36.95 ? 287 ILE A CG1 1 
ATOM   842  C  CG2 . ILE A 1 122 ? 1.912   -0.855  -11.336 1.00 35.07 ? 287 ILE A CG2 1 
ATOM   843  C  CD1 . ILE A 1 122 ? 2.506   -3.427  -12.676 1.00 37.22 ? 287 ILE A CD1 1 
ATOM   844  N  N   . GLU A 1 123 ? -0.686  1.364   -12.791 1.00 38.75 ? 288 GLU A N   1 
ATOM   845  C  CA  . GLU A 1 123 ? -0.814  2.822   -12.631 1.00 40.44 ? 288 GLU A CA  1 
ATOM   846  C  C   . GLU A 1 123 ? -2.072  3.172   -11.832 1.00 40.66 ? 288 GLU A C   1 
ATOM   847  O  O   . GLU A 1 123 ? -1.984  3.881   -10.836 1.00 38.61 ? 288 GLU A O   1 
ATOM   848  C  CB  . GLU A 1 123 ? -0.856  3.536   -13.984 1.00 45.52 ? 288 GLU A CB  1 
ATOM   849  N  N   . PRO A 1 124 ? -3.286  2.741   -12.243 1.00 38.53 ? 289 PRO A N   1 
ATOM   850  C  CA  . PRO A 1 124 ? -4.477  2.909   -11.409 1.00 36.02 ? 289 PRO A CA  1 
ATOM   851  C  C   . PRO A 1 124 ? -4.409  2.304   -9.989  1.00 37.02 ? 289 PRO A C   1 
ATOM   852  O  O   . PRO A 1 124 ? -4.918  2.926   -9.027  1.00 32.47 ? 289 PRO A O   1 
ATOM   853  C  CB  . PRO A 1 124 ? -5.603  2.236   -12.209 1.00 36.66 ? 289 PRO A CB  1 
ATOM   854  C  CG  . PRO A 1 124 ? -4.906  1.420   -13.270 1.00 37.85 ? 289 PRO A CG  1 
ATOM   855  C  CD  . PRO A 1 124 ? -3.597  2.133   -13.545 1.00 37.02 ? 289 PRO A CD  1 
ATOM   856  N  N   . LEU A 1 125 ? -3.818  1.113   -9.827  1.00 34.84 ? 290 LEU A N   1 
ATOM   857  C  CA  . LEU A 1 125 ? -3.566  0.576   -8.462  1.00 30.03 ? 290 LEU A CA  1 
ATOM   858  C  C   . LEU A 1 125 ? -2.882  1.647   -7.610  1.00 29.60 ? 290 LEU A C   1 
ATOM   859  O  O   . LEU A 1 125 ? -3.360  1.996   -6.556  1.00 31.50 ? 290 LEU A O   1 
ATOM   860  C  CB  . LEU A 1 125 ? -2.694  -0.681  -8.523  1.00 29.73 ? 290 LEU A CB  1 
ATOM   861  C  CG  . LEU A 1 125 ? -2.382  -1.332  -7.173  1.00 28.26 ? 290 LEU A CG  1 
ATOM   862  C  CD1 . LEU A 1 125 ? -3.614  -1.399  -6.286  1.00 29.32 ? 290 LEU A CD1 1 
ATOM   863  C  CD2 . LEU A 1 125 ? -1.816  -2.724  -7.383  1.00 27.47 ? 290 LEU A CD2 1 
ATOM   864  N  N   . ALA A 1 126 ? -1.758  2.172   -8.106  1.00 29.80 ? 291 ALA A N   1 
ATOM   865  C  CA  . ALA A 1 126 ? -0.981  3.193   -7.431  1.00 31.82 ? 291 ALA A CA  1 
ATOM   866  C  C   . ALA A 1 126 ? -1.818  4.435   -7.068  1.00 34.51 ? 291 ALA A C   1 
ATOM   867  O  O   . ALA A 1 126 ? -1.529  5.111   -6.045  1.00 31.96 ? 291 ALA A O   1 
ATOM   868  C  CB  . ALA A 1 126 ? 0.191   3.568   -8.306  1.00 33.58 ? 291 ALA A CB  1 
ATOM   869  N  N   . GLU A 1 127 ? -2.790  4.783   -7.930  1.00 36.06 ? 292 GLU A N   1 
ATOM   870  C  CA  . GLU A 1 127 ? -3.614  5.993   -7.785  1.00 38.67 ? 292 GLU A CA  1 
ATOM   871  C  C   . GLU A 1 127 ? -4.634  5.749   -6.671  1.00 33.62 ? 292 GLU A C   1 
ATOM   872  O  O   . GLU A 1 127 ? -4.830  6.598   -5.823  1.00 38.77 ? 292 GLU A O   1 
ATOM   873  C  CB  . GLU A 1 127 ? -4.307  6.371   -9.110  1.00 40.30 ? 292 GLU A CB  1 
ATOM   874  C  CG  . GLU A 1 127 ? -3.388  7.051   -10.131 1.00 43.56 ? 292 GLU A CG  1 
ATOM   875  C  CD  . GLU A 1 127 ? -3.871  7.176   -11.584 1.00 47.00 ? 292 GLU A CD  1 
ATOM   876  O  OE1 . GLU A 1 127 ? -5.038  6.815   -11.901 1.00 47.77 ? 292 GLU A OE1 1 
ATOM   877  O  OE2 . GLU A 1 127 ? -3.063  7.640   -12.417 1.00 48.00 ? 292 GLU A OE2 1 
ATOM   878  N  N   . THR A 1 128 ? -5.272  4.581   -6.705  1.00 34.83 ? 293 THR A N   1 
ATOM   879  C  CA  . THR A 1 128 ? -6.221  4.147   -5.668  1.00 40.48 ? 293 THR A CA  1 
ATOM   880  C  C   . THR A 1 128 ? -5.605  4.257   -4.269  1.00 37.59 ? 293 THR A C   1 
ATOM   881  O  O   . THR A 1 128 ? -6.207  4.817   -3.362  1.00 39.41 ? 293 THR A O   1 
ATOM   882  C  CB  . THR A 1 128 ? -6.642  2.687   -5.850  1.00 44.07 ? 293 THR A CB  1 
ATOM   883  O  OG1 . THR A 1 128 ? -7.249  2.533   -7.130  1.00 49.52 ? 293 THR A OG1 1 
ATOM   884  C  CG2 . THR A 1 128 ? -7.603  2.226   -4.783  1.00 45.96 ? 293 THR A CG2 1 
ATOM   885  N  N   . ILE A 1 129 ? -4.411  3.677   -4.103  1.00 33.69 ? 294 ILE A N   1 
ATOM   886  C  CA  . ILE A 1 129 ? -3.751  3.658   -2.817  1.00 30.83 ? 294 ILE A CA  1 
ATOM   887  C  C   . ILE A 1 129 ? -3.540  5.104   -2.387  1.00 32.37 ? 294 ILE A C   1 
ATOM   888  O  O   . ILE A 1 129 ? -3.776  5.445   -1.221  1.00 28.41 ? 294 ILE A O   1 
ATOM   889  C  CB  . ILE A 1 129 ? -2.415  2.889   -2.877  1.00 30.93 ? 294 ILE A CB  1 
ATOM   890  C  CG1 . ILE A 1 129 ? -2.640  1.414   -3.214  1.00 30.26 ? 294 ILE A CG1 1 
ATOM   891  C  CG2 . ILE A 1 129 ? -1.613  3.070   -1.598  1.00 30.93 ? 294 ILE A CG2 1 
ATOM   892  C  CD1 . ILE A 1 129 ? -1.380  0.658   -3.518  1.00 33.42 ? 294 ILE A CD1 1 
ATOM   893  N  N   . THR A 1 130 ? -3.068  5.935   -3.329  1.00 33.40 ? 295 THR A N   1 
ATOM   894  C  CA  . THR A 1 130 ? -2.718  7.311   -2.996  1.00 35.35 ? 295 THR A CA  1 
ATOM   895  C  C   . THR A 1 130 ? -3.984  8.089   -2.654  1.00 35.24 ? 295 THR A C   1 
ATOM   896  O  O   . THR A 1 130 ? -3.979  8.876   -1.722  1.00 31.91 ? 295 THR A O   1 
ATOM   897  C  CB  . THR A 1 130 ? -2.009  8.064   -4.120  1.00 37.10 ? 295 THR A CB  1 
ATOM   898  O  OG1 . THR A 1 130 ? -0.985  7.211   -4.623  1.00 37.87 ? 295 THR A OG1 1 
ATOM   899  C  CG2 . THR A 1 130 ? -1.422  9.373   -3.629  1.00 40.09 ? 295 THR A CG2 1 
ATOM   900  N  N   . ASP A 1 131 ? -5.034  7.871   -3.445  1.00 37.08 ? 296 ASP A N   1 
ATOM   901  C  CA  . ASP A 1 131 ? -6.314  8.497   -3.197  1.00 41.81 ? 296 ASP A CA  1 
ATOM   902  C  C   . ASP A 1 131 ? -6.713  8.246   -1.740  1.00 41.31 ? 296 ASP A C   1 
ATOM   903  O  O   . ASP A 1 131 ? -6.901  9.187   -0.998  1.00 41.92 ? 296 ASP A O   1 
ATOM   904  C  CB  . ASP A 1 131 ? -7.399  7.993   -4.145  1.00 45.70 ? 296 ASP A CB  1 
ATOM   905  C  CG  . ASP A 1 131 ? -7.489  8.790   -5.431  1.00 55.57 ? 296 ASP A CG  1 
ATOM   906  O  OD1 . ASP A 1 131 ? -6.597  9.648   -5.654  1.00 60.35 ? 296 ASP A OD1 1 
ATOM   907  O  OD2 . ASP A 1 131 ? -8.438  8.531   -6.215  1.00 65.64 ? 296 ASP A OD2 1 
ATOM   908  N  N   . VAL A 1 132 ? -6.807  6.973   -1.346  1.00 35.80 ? 297 VAL A N   1 
ATOM   909  C  CA  . VAL A 1 132 ? -7.275  6.632   -0.031  1.00 38.18 ? 297 VAL A CA  1 
ATOM   910  C  C   . VAL A 1 132 ? -6.388  7.323   1.010   1.00 40.02 ? 297 VAL A C   1 
ATOM   911  O  O   . VAL A 1 132 ? -6.895  7.877   1.965   1.00 38.87 ? 297 VAL A O   1 
ATOM   912  C  CB  . VAL A 1 132 ? -7.336  5.107   0.172   1.00 37.73 ? 297 VAL A CB  1 
ATOM   913  C  CG1 . VAL A 1 132 ? -7.539  4.728   1.633   1.00 37.02 ? 297 VAL A CG1 1 
ATOM   914  C  CG2 . VAL A 1 132 ? -8.409  4.479   -0.707  1.00 36.45 ? 297 VAL A CG2 1 
ATOM   915  N  N   . LEU A 1 133 ? -5.070  7.297   0.798   1.00 41.64 ? 298 LEU A N   1 
ATOM   916  C  CA  . LEU A 1 133 ? -4.121  7.821   1.747   1.00 44.88 ? 298 LEU A CA  1 
ATOM   917  C  C   . LEU A 1 133 ? -4.318  9.332   1.931   1.00 48.94 ? 298 LEU A C   1 
ATOM   918  O  O   . LEU A 1 133 ? -4.648  9.797   3.036   1.00 42.59 ? 298 LEU A O   1 
ATOM   919  C  CB  . LEU A 1 133 ? -2.705  7.502   1.263   1.00 48.87 ? 298 LEU A CB  1 
ATOM   920  C  CG  . LEU A 1 133 ? -1.978  6.434   2.071   1.00 55.14 ? 298 LEU A CG  1 
ATOM   921  C  CD1 . LEU A 1 133 ? -0.567  6.218   1.541   1.00 56.55 ? 298 LEU A CD1 1 
ATOM   922  C  CD2 . LEU A 1 133 ? -1.944  6.821   3.546   1.00 56.72 ? 298 LEU A CD2 1 
ATOM   923  N  N   . VAL A 1 134 ? -4.108  10.088  0.848   1.00 49.06 ? 299 VAL A N   1 
ATOM   924  C  CA  . VAL A 1 134 ? -4.092  11.557  0.879   1.00 54.95 ? 299 VAL A CA  1 
ATOM   925  C  C   . VAL A 1 134 ? -5.521  12.102  1.117   1.00 54.25 ? 299 VAL A C   1 
ATOM   926  O  O   . VAL A 1 134 ? -5.698  13.072  1.864   1.00 56.92 ? 299 VAL A O   1 
ATOM   927  C  CB  . VAL A 1 134 ? -3.446  12.108  -0.409  1.00 57.80 ? 299 VAL A CB  1 
ATOM   928  C  CG1 . VAL A 1 134 ? -3.492  13.628  -0.476  1.00 57.93 ? 299 VAL A CG1 1 
ATOM   929  C  CG2 . VAL A 1 134 ? -2.013  11.615  -0.569  1.00 59.09 ? 299 VAL A CG2 1 
ATOM   930  N  N   . ARG A 1 135 ? -6.536  11.470  0.509   1.00 48.28 ? 300 ARG A N   1 
ATOM   931  C  CA  . ARG A 1 135 ? -7.929  11.935  0.597   1.00 51.39 ? 300 ARG A CA  1 
ATOM   932  C  C   . ARG A 1 135 ? -8.441  11.820  2.043   1.00 50.73 ? 300 ARG A C   1 
ATOM   933  O  O   . ARG A 1 135 ? -9.016  12.781  2.546   1.00 54.85 ? 300 ARG A O   1 
ATOM   934  C  CB  . ARG A 1 135 ? -8.852  11.162  -0.354  1.00 55.47 ? 300 ARG A CB  1 
ATOM   935  C  CG  . ARG A 1 135 ? -10.330 11.529  -0.248  1.00 64.37 ? 300 ARG A CG  1 
ATOM   936  C  CD  . ARG A 1 135 ? -11.256 10.881  -1.276  1.00 66.75 ? 300 ARG A CD  1 
ATOM   937  N  NE  . ARG A 1 135 ? -10.968 9.477   -1.576  1.00 70.93 ? 300 ARG A NE  1 
ATOM   938  C  CZ  . ARG A 1 135 ? -11.721 8.444   -1.195  1.00 74.72 ? 300 ARG A CZ  1 
ATOM   939  N  NH1 . ARG A 1 135 ? -12.780 8.647   -0.432  1.00 83.91 ? 300 ARG A NH1 1 
ATOM   940  N  NH2 . ARG A 1 135 ? -11.422 7.214   -1.581  1.00 70.37 ? 300 ARG A NH2 1 
ATOM   941  N  N   . THR A 1 136 ? -8.248  10.654  2.687   1.00 44.63 ? 301 THR A N   1 
ATOM   942  C  CA  . THR A 1 136 ? -8.880  10.349  3.979   1.00 41.19 ? 301 THR A CA  1 
ATOM   943  C  C   . THR A 1 136 ? -7.924  10.538  5.166   1.00 36.96 ? 301 THR A C   1 
ATOM   944  O  O   . THR A 1 136 ? -8.407  10.534  6.277   1.00 35.92 ? 301 THR A O   1 
ATOM   945  C  CB  . THR A 1 136 ? -9.446  8.920   4.059   1.00 42.92 ? 301 THR A CB  1 
ATOM   946  O  OG1 . THR A 1 136 ? -8.407  8.002   3.739   1.00 43.23 ? 301 THR A OG1 1 
ATOM   947  C  CG2 . THR A 1 136 ? -10.626 8.659   3.150   1.00 43.27 ? 301 THR A CG2 1 
ATOM   948  N  N   . LYS A 1 137 ? -6.602  10.681  4.958   1.00 31.91 ? 302 LYS A N   1 
ATOM   949  C  CA  . LYS A 1 137 ? -5.638  10.729  6.106   1.00 33.43 ? 302 LYS A CA  1 
ATOM   950  C  C   . LYS A 1 137 ? -4.764  11.972  6.041   1.00 31.87 ? 302 LYS A C   1 
ATOM   951  O  O   . LYS A 1 137 ? -3.751  12.059  6.710   1.00 31.08 ? 302 LYS A O   1 
ATOM   952  C  CB  . LYS A 1 137 ? -4.763  9.471   6.177   1.00 34.16 ? 302 LYS A CB  1 
ATOM   953  C  CG  . LYS A 1 137 ? -5.530  8.172   6.368   1.00 35.31 ? 302 LYS A CG  1 
ATOM   954  C  CD  . LYS A 1 137 ? -6.507  8.274   7.499   1.00 36.45 ? 302 LYS A CD  1 
ATOM   955  C  CE  . LYS A 1 137 ? -7.252  6.992   7.784   1.00 40.20 ? 302 LYS A CE  1 
ATOM   956  N  NZ  . LYS A 1 137 ? -7.945  7.084   9.091   1.00 40.76 ? 302 LYS A NZ  1 
ATOM   957  N  N   . ARG A 1 138 ? -5.213  12.946  5.255   1.00 38.27 ? 303 ARG A N   1 
ATOM   958  C  CA  . ARG A 1 138 ? -4.516  14.195  5.011   1.00 38.57 ? 303 ARG A CA  1 
ATOM   959  C  C   . ARG A 1 138 ? -4.142  14.868  6.334   1.00 40.52 ? 303 ARG A C   1 
ATOM   960  O  O   . ARG A 1 138 ? -2.966  15.223  6.567   1.00 37.36 ? 303 ARG A O   1 
ATOM   961  C  CB  . ARG A 1 138 ? -5.456  15.092  4.207   1.00 44.58 ? 303 ARG A CB  1 
ATOM   962  C  CG  . ARG A 1 138 ? -4.815  16.360  3.683   1.00 47.05 ? 303 ARG A CG  1 
ATOM   963  C  CD  . ARG A 1 138 ? -5.687  16.944  2.596   1.00 50.74 ? 303 ARG A CD  1 
ATOM   964  N  NE  . ARG A 1 138 ? -4.865  17.924  1.928   1.00 53.43 ? 303 ARG A NE  1 
ATOM   965  C  CZ  . ARG A 1 138 ? -4.086  17.657  0.900   1.00 47.18 ? 303 ARG A CZ  1 
ATOM   966  N  NH1 . ARG A 1 138 ? -2.832  18.069  0.935   1.00 47.96 ? 303 ARG A NH1 1 
ATOM   967  N  NH2 . ARG A 1 138 ? -4.558  16.975  -0.129  1.00 41.61 ? 303 ARG A NH2 1 
ATOM   968  N  N   . ASP A 1 139 ? -5.154  15.057  7.192   1.00 41.72 ? 304 ASP A N   1 
ATOM   969  C  CA  . ASP A 1 139 ? -4.963  15.702  8.484   1.00 43.61 ? 304 ASP A CA  1 
ATOM   970  C  C   . ASP A 1 139 ? -3.840  14.984  9.233   1.00 39.83 ? 304 ASP A C   1 
ATOM   971  O  O   . ASP A 1 139 ? -2.908  15.619  9.741   1.00 38.49 ? 304 ASP A O   1 
ATOM   972  C  CB  . ASP A 1 139 ? -6.243  15.677  9.325   1.00 50.03 ? 304 ASP A CB  1 
ATOM   973  C  CG  . ASP A 1 139 ? -7.228  16.796  9.030   1.00 54.15 ? 304 ASP A CG  1 
ATOM   974  O  OD1 . ASP A 1 139 ? -7.447  17.087  7.841   1.00 55.40 ? 304 ASP A OD1 1 
ATOM   975  O  OD2 . ASP A 1 139 ? -7.772  17.366  10.004  1.00 59.75 ? 304 ASP A OD2 1 
ATOM   976  N  N   . TRP A 1 140 ? -3.946  13.647  9.292   1.00 39.37 ? 305 TRP A N   1 
ATOM   977  C  CA  . TRP A 1 140 ? -2.944  12.792  9.952   1.00 35.07 ? 305 TRP A CA  1 
ATOM   978  C  C   . TRP A 1 140 ? -1.564  12.995  9.301   1.00 32.25 ? 305 TRP A C   1 
ATOM   979  O  O   . TRP A 1 140 ? -0.574  13.228  9.991   1.00 30.47 ? 305 TRP A O   1 
ATOM   980  C  CB  . TRP A 1 140 ? -3.373  11.309  9.935   1.00 34.34 ? 305 TRP A CB  1 
ATOM   981  C  CG  . TRP A 1 140 ? -2.497  10.462  10.806  1.00 31.71 ? 305 TRP A CG  1 
ATOM   982  C  CD1 . TRP A 1 140 ? -2.595  10.288  12.154  1.00 31.57 ? 305 TRP A CD1 1 
ATOM   983  C  CD2 . TRP A 1 140 ? -1.319  9.747   10.399  1.00 31.06 ? 305 TRP A CD2 1 
ATOM   984  N  NE1 . TRP A 1 140 ? -1.569  9.500   12.610  1.00 30.99 ? 305 TRP A NE1 1 
ATOM   985  C  CE2 . TRP A 1 140 ? -0.768  9.159   11.556  1.00 30.12 ? 305 TRP A CE2 1 
ATOM   986  C  CE3 . TRP A 1 140 ? -0.672  9.563   9.172   1.00 33.36 ? 305 TRP A CE3 1 
ATOM   987  C  CZ2 . TRP A 1 140 ? 0.389   8.380   11.516  1.00 31.33 ? 305 TRP A CZ2 1 
ATOM   988  C  CZ3 . TRP A 1 140 ? 0.478   8.806   9.131   1.00 31.98 ? 305 TRP A CZ3 1 
ATOM   989  C  CH2 . TRP A 1 140 ? 0.987   8.206   10.285  1.00 30.43 ? 305 TRP A CH2 1 
ATOM   990  N  N   . LEU A 1 141 ? -1.520  12.922  7.964   1.00 33.17 ? 306 LEU A N   1 
ATOM   991  C  CA  . LEU A 1 141 ? -0.267  13.028  7.183   1.00 35.70 ? 306 LEU A CA  1 
ATOM   992  C  C   . LEU A 1 141 ? 0.449   14.354  7.453   1.00 36.20 ? 306 LEU A C   1 
ATOM   993  O  O   . LEU A 1 141 ? 1.673   14.380  7.579   1.00 35.69 ? 306 LEU A O   1 
ATOM   994  C  CB  . LEU A 1 141 ? -0.579  12.863  5.691   1.00 36.95 ? 306 LEU A CB  1 
ATOM   995  C  CG  . LEU A 1 141 ? -0.917  11.434  5.266   1.00 36.77 ? 306 LEU A CG  1 
ATOM   996  C  CD1 . LEU A 1 141 ? -1.196  11.365  3.780   1.00 37.55 ? 306 LEU A CD1 1 
ATOM   997  C  CD2 . LEU A 1 141 ? 0.205   10.466  5.647   1.00 38.62 ? 306 LEU A CD2 1 
ATOM   998  N  N   . VAL A 1 142 ? -0.327  15.437  7.573   1.00 44.08 ? 307 VAL A N   1 
ATOM   999  C  CA  . VAL A 1 142 ? 0.190   16.781  7.897   1.00 43.20 ? 307 VAL A CA  1 
ATOM   1000 C  C   . VAL A 1 142 ? 0.798   16.780  9.316   1.00 43.74 ? 307 VAL A C   1 
ATOM   1001 O  O   . VAL A 1 142 ? 1.954   17.196  9.498   1.00 43.29 ? 307 VAL A O   1 
ATOM   1002 C  CB  . VAL A 1 142 ? -0.914  17.844  7.702   1.00 46.55 ? 307 VAL A CB  1 
ATOM   1003 C  CG1 . VAL A 1 142 ? -0.598  19.178  8.356   1.00 47.94 ? 307 VAL A CG1 1 
ATOM   1004 C  CG2 . VAL A 1 142 ? -1.216  18.055  6.231   1.00 46.26 ? 307 VAL A CG2 1 
ATOM   1005 N  N   . LYS A 1 143 ? 0.057   16.317  10.335  1.00 42.31 ? 308 LYS A N   1 
ATOM   1006 C  CA  . LYS A 1 143 ? 0.608   16.342  11.701  1.00 40.85 ? 308 LYS A CA  1 
ATOM   1007 C  C   . LYS A 1 143 ? 1.934   15.570  11.737  1.00 39.98 ? 308 LYS A C   1 
ATOM   1008 O  O   . LYS A 1 143 ? 2.813   15.850  12.571  1.00 44.46 ? 308 LYS A O   1 
ATOM   1009 C  CB  . LYS A 1 143 ? -0.382  15.801  12.740  1.00 42.09 ? 308 LYS A CB  1 
ATOM   1010 N  N   . GLN A 1 144 ? 2.101   14.599  10.834  1.00 39.05 ? 309 GLN A N   1 
ATOM   1011 C  CA  . GLN A 1 144 ? 3.269   13.730  10.861  1.00 40.43 ? 309 GLN A CA  1 
ATOM   1012 C  C   . GLN A 1 144 ? 4.427   14.309  10.046  1.00 41.76 ? 309 GLN A C   1 
ATOM   1013 O  O   . GLN A 1 144 ? 5.463   13.665  9.971   1.00 42.21 ? 309 GLN A O   1 
ATOM   1014 C  CB  . GLN A 1 144 ? 2.923   12.341  10.321  1.00 41.99 ? 309 GLN A CB  1 
ATOM   1015 C  CG  . GLN A 1 144 ? 1.949   11.582  11.198  1.00 42.54 ? 309 GLN A CG  1 
ATOM   1016 C  CD  . GLN A 1 144 ? 2.449   11.483  12.613  1.00 42.14 ? 309 GLN A CD  1 
ATOM   1017 O  OE1 . GLN A 1 144 ? 3.579   11.071  12.858  1.00 49.21 ? 309 GLN A OE1 1 
ATOM   1018 N  NE2 . GLN A 1 144 ? 1.602   11.861  13.556  1.00 46.42 ? 309 GLN A NE2 1 
ATOM   1019 N  N   . ARG A 1 145 ? 4.248   15.500  9.461   1.00 47.32 ? 310 ARG A N   1 
ATOM   1020 C  CA  . ARG A 1 145 ? 5.206   16.138  8.497   1.00 49.75 ? 310 ARG A CA  1 
ATOM   1021 C  C   . ARG A 1 145 ? 5.332   15.269  7.232   1.00 48.96 ? 310 ARG A C   1 
ATOM   1022 O  O   . ARG A 1 145 ? 6.432   15.134  6.687   1.00 50.84 ? 310 ARG A O   1 
ATOM   1023 C  CB  . ARG A 1 145 ? 6.597   16.396  9.103   1.00 50.48 ? 310 ARG A CB  1 
ATOM   1024 C  CG  . ARG A 1 145 ? 6.630   17.303  10.331  1.00 56.45 ? 310 ARG A CG  1 
ATOM   1025 C  CD  . ARG A 1 145 ? 7.691   18.397  10.262  1.00 64.75 ? 310 ARG A CD  1 
ATOM   1026 N  NE  . ARG A 1 145 ? 8.030   18.990  11.560  1.00 73.76 ? 310 ARG A NE  1 
ATOM   1027 C  CZ  . ARG A 1 145 ? 8.460   20.245  11.760  1.00 77.22 ? 310 ARG A CZ  1 
ATOM   1028 N  NH1 . ARG A 1 145 ? 8.332   21.164  10.818  1.00 73.69 ? 310 ARG A NH1 1 
ATOM   1029 N  NH2 . ARG A 1 145 ? 9.017   20.581  12.912  1.00 76.30 ? 310 ARG A NH2 1 
ATOM   1030 N  N   . GLY A 1 146 ? 4.209   14.699  6.766   1.00 41.91 ? 311 GLY A N   1 
ATOM   1031 C  CA  . GLY A 1 146 ? 4.138   13.931  5.502   1.00 41.27 ? 311 GLY A CA  1 
ATOM   1032 C  C   . GLY A 1 146 ? 5.211   12.853  5.418   1.00 37.64 ? 311 GLY A C   1 
ATOM   1033 O  O   . GLY A 1 146 ? 5.477   12.174  6.387   1.00 37.99 ? 311 GLY A O   1 
ATOM   1034 N  N   . TRP A 1 147 ? 5.863   12.738  4.257   1.00 37.68 ? 312 TRP A N   1 
ATOM   1035 C  CA  . TRP A 1 147 ? 6.844   11.674  3.985   1.00 37.78 ? 312 TRP A CA  1 
ATOM   1036 C  C   . TRP A 1 147 ? 8.137   11.878  4.775   1.00 40.16 ? 312 TRP A C   1 
ATOM   1037 O  O   . TRP A 1 147 ? 8.949   10.948  4.880   1.00 39.45 ? 312 TRP A O   1 
ATOM   1038 C  CB  . TRP A 1 147 ? 7.103   11.538  2.482   1.00 37.56 ? 312 TRP A CB  1 
ATOM   1039 C  CG  . TRP A 1 147 ? 5.905   11.002  1.767   1.00 37.62 ? 312 TRP A CG  1 
ATOM   1040 C  CD1 . TRP A 1 147 ? 4.942   11.716  1.120   1.00 36.45 ? 312 TRP A CD1 1 
ATOM   1041 C  CD2 . TRP A 1 147 ? 5.493   9.626   1.704   1.00 39.86 ? 312 TRP A CD2 1 
ATOM   1042 N  NE1 . TRP A 1 147 ? 3.973   10.879  0.640   1.00 37.45 ? 312 TRP A NE1 1 
ATOM   1043 C  CE2 . TRP A 1 147 ? 4.285   9.590   0.981   1.00 38.41 ? 312 TRP A CE2 1 
ATOM   1044 C  CE3 . TRP A 1 147 ? 6.034   8.421   2.172   1.00 41.71 ? 312 TRP A CE3 1 
ATOM   1045 C  CZ2 . TRP A 1 147 ? 3.624   8.398   0.696   1.00 40.51 ? 312 TRP A CZ2 1 
ATOM   1046 C  CZ3 . TRP A 1 147 ? 5.376   7.241   1.892   1.00 41.52 ? 312 TRP A CZ3 1 
ATOM   1047 C  CH2 . TRP A 1 147 ? 4.189   7.233   1.160   1.00 40.15 ? 312 TRP A CH2 1 
ATOM   1048 N  N   . ASP A 1 148 ? 8.314   13.060  5.373   1.00 40.97 ? 313 ASP A N   1 
ATOM   1049 C  CA  . ASP A 1 148 ? 9.465   13.294  6.252   1.00 44.82 ? 313 ASP A CA  1 
ATOM   1050 C  C   . ASP A 1 148 ? 9.263   12.551  7.577   1.00 39.93 ? 313 ASP A C   1 
ATOM   1051 O  O   . ASP A 1 148 ? 10.229  12.105  8.208   1.00 37.48 ? 313 ASP A O   1 
ATOM   1052 C  CB  . ASP A 1 148 ? 9.715   14.794  6.434   1.00 52.01 ? 313 ASP A CB  1 
ATOM   1053 C  CG  . ASP A 1 148 ? 10.454  15.413  5.260   1.00 59.34 ? 313 ASP A CG  1 
ATOM   1054 O  OD1 . ASP A 1 148 ? 11.468  14.820  4.843   1.00 64.72 ? 313 ASP A OD1 1 
ATOM   1055 O  OD2 . ASP A 1 148 ? 10.009  16.469  4.763   1.00 70.54 ? 313 ASP A OD2 1 
ATOM   1056 N  N   . GLY A 1 149 ? 7.998   12.426  7.996   1.00 41.76 ? 314 GLY A N   1 
ATOM   1057 C  CA  . GLY A 1 149 ? 7.632   11.614  9.172   1.00 43.85 ? 314 GLY A CA  1 
ATOM   1058 C  C   . GLY A 1 149 ? 7.904   10.128  8.952   1.00 38.74 ? 314 GLY A C   1 
ATOM   1059 O  O   . GLY A 1 149 ? 8.449   9.447   9.817   1.00 42.68 ? 314 GLY A O   1 
ATOM   1060 N  N   . PHE A 1 150 ? 7.518   9.641   7.773   1.00 36.67 ? 315 PHE A N   1 
ATOM   1061 C  CA  . PHE A 1 150 ? 7.714   8.258   7.360   1.00 37.60 ? 315 PHE A CA  1 
ATOM   1062 C  C   . PHE A 1 150 ? 9.199   7.879   7.460   1.00 35.16 ? 315 PHE A C   1 
ATOM   1063 O  O   . PHE A 1 150 ? 9.573   6.910   8.136   1.00 31.62 ? 315 PHE A O   1 
ATOM   1064 C  CB  . PHE A 1 150 ? 7.183   8.083   5.937   1.00 37.07 ? 315 PHE A CB  1 
ATOM   1065 C  CG  . PHE A 1 150 ? 7.381   6.714   5.346   1.00 37.72 ? 315 PHE A CG  1 
ATOM   1066 C  CD1 . PHE A 1 150 ? 6.572   5.654   5.728   1.00 38.28 ? 315 PHE A CD1 1 
ATOM   1067 C  CD2 . PHE A 1 150 ? 8.372   6.485   4.400   1.00 39.67 ? 315 PHE A CD2 1 
ATOM   1068 C  CE1 . PHE A 1 150 ? 6.750   4.392   5.180   1.00 37.39 ? 315 PHE A CE1 1 
ATOM   1069 C  CE2 . PHE A 1 150 ? 8.560   5.219   3.864   1.00 37.60 ? 315 PHE A CE2 1 
ATOM   1070 C  CZ  . PHE A 1 150 ? 7.743   4.179   4.248   1.00 37.77 ? 315 PHE A CZ  1 
ATOM   1071 N  N   . VAL A 1 151 ? 10.041  8.688   6.818   1.00 36.09 ? 316 VAL A N   1 
ATOM   1072 C  CA  . VAL A 1 151 ? 11.477  8.422   6.749   1.00 38.16 ? 316 VAL A CA  1 
ATOM   1073 C  C   . VAL A 1 151 ? 12.019  8.319   8.176   1.00 39.68 ? 316 VAL A C   1 
ATOM   1074 O  O   . VAL A 1 151 ? 12.754  7.398   8.492   1.00 38.56 ? 316 VAL A O   1 
ATOM   1075 C  CB  . VAL A 1 151 ? 12.231  9.473   5.901   1.00 39.08 ? 316 VAL A CB  1 
ATOM   1076 C  CG1 . VAL A 1 151 ? 13.731  9.187   5.817   1.00 40.61 ? 316 VAL A CG1 1 
ATOM   1077 C  CG2 . VAL A 1 151 ? 11.644  9.584   4.496   1.00 37.60 ? 316 VAL A CG2 1 
ATOM   1078 N  N   . GLU A 1 152 ? 11.615  9.225   9.063   1.00 42.89 ? 317 GLU A N   1 
ATOM   1079 C  CA  . GLU A 1 152 ? 12.237  9.224   10.371  1.00 47.29 ? 317 GLU A CA  1 
ATOM   1080 C  C   . GLU A 1 152 ? 11.619  8.114   11.232  1.00 42.73 ? 317 GLU A C   1 
ATOM   1081 O  O   . GLU A 1 152 ? 12.329  7.525   12.058  1.00 40.49 ? 317 GLU A O   1 
ATOM   1082 C  CB  . GLU A 1 152 ? 12.219  10.636  10.970  1.00 53.56 ? 317 GLU A CB  1 
ATOM   1083 C  CG  . GLU A 1 152 ? 13.275  11.546  10.342  1.00 57.77 ? 317 GLU A CG  1 
ATOM   1084 C  CD  . GLU A 1 152 ? 14.716  11.051  10.432  1.00 58.21 ? 317 GLU A CD  1 
ATOM   1085 O  OE1 . GLU A 1 152 ? 15.406  10.992  9.384   1.00 47.71 ? 317 GLU A OE1 1 
ATOM   1086 O  OE2 . GLU A 1 152 ? 15.157  10.730  11.562  1.00 70.09 ? 317 GLU A OE2 1 
ATOM   1087 N  N   . PHE A 1 153 ? 10.345  7.772   10.993  1.00 38.02 ? 318 PHE A N   1 
ATOM   1088 C  CA  . PHE A 1 153 ? 9.715   6.734   11.799  1.00 34.56 ? 318 PHE A CA  1 
ATOM   1089 C  C   . PHE A 1 153 ? 10.509  5.430   11.677  1.00 30.72 ? 318 PHE A C   1 
ATOM   1090 O  O   . PHE A 1 153 ? 10.781  4.796   12.675  1.00 33.42 ? 318 PHE A O   1 
ATOM   1091 C  CB  . PHE A 1 153 ? 8.233   6.552   11.454  1.00 34.77 ? 318 PHE A CB  1 
ATOM   1092 C  CG  . PHE A 1 153 ? 7.526   5.577   12.364  1.00 32.37 ? 318 PHE A CG  1 
ATOM   1093 C  CD1 . PHE A 1 153 ? 7.075   5.969   13.614  1.00 32.26 ? 318 PHE A CD1 1 
ATOM   1094 C  CD2 . PHE A 1 153 ? 7.333   4.257   11.979  1.00 31.47 ? 318 PHE A CD2 1 
ATOM   1095 C  CE1 . PHE A 1 153 ? 6.420   5.066   14.444  1.00 32.60 ? 318 PHE A CE1 1 
ATOM   1096 C  CE2 . PHE A 1 153 ? 6.698   3.353   12.819  1.00 29.72 ? 318 PHE A CE2 1 
ATOM   1097 C  CZ  . PHE A 1 153 ? 6.238   3.763   14.048  1.00 30.56 ? 318 PHE A CZ  1 
ATOM   1098 N  N   . PHE A 1 154 ? 10.909  5.071   10.458  1.00 30.87 ? 319 PHE A N   1 
ATOM   1099 C  CA  . PHE A 1 154 ? 11.576  3.810   10.176  1.00 35.06 ? 319 PHE A CA  1 
ATOM   1100 C  C   . PHE A 1 154 ? 13.106  3.964   10.176  1.00 41.71 ? 319 PHE A C   1 
ATOM   1101 O  O   . PHE A 1 154 ? 13.799  2.959   10.164  1.00 49.48 ? 319 PHE A O   1 
ATOM   1102 C  CB  . PHE A 1 154 ? 11.063  3.224   8.858   1.00 32.48 ? 319 PHE A CB  1 
ATOM   1103 C  CG  . PHE A 1 154 ? 9.646   2.715   8.946   1.00 30.75 ? 319 PHE A CG  1 
ATOM   1104 C  CD1 . PHE A 1 154 ? 9.339   1.603   9.711   1.00 30.29 ? 319 PHE A CD1 1 
ATOM   1105 C  CD2 . PHE A 1 154 ? 8.616   3.363   8.295   1.00 27.80 ? 319 PHE A CD2 1 
ATOM   1106 C  CE1 . PHE A 1 154 ? 8.035   1.144   9.807   1.00 28.50 ? 319 PHE A CE1 1 
ATOM   1107 C  CE2 . PHE A 1 154 ? 7.313   2.915   8.406   1.00 28.29 ? 319 PHE A CE2 1 
ATOM   1108 C  CZ  . PHE A 1 154 ? 7.023   1.812   9.165   1.00 28.09 ? 319 PHE A CZ  1 
ATOM   1109 N  N   . HIS A 1 155 ? 13.624  5.201   10.187  1.00 43.68 ? 320 HIS A N   1 
ATOM   1110 C  CA  . HIS A 1 155 ? 15.085  5.464   10.225  1.00 44.70 ? 320 HIS A CA  1 
ATOM   1111 C  C   . HIS A 1 155 ? 15.730  4.452   11.176  1.00 42.71 ? 320 HIS A C   1 
ATOM   1112 O  O   . HIS A 1 155 ? 15.397  4.366   12.356  1.00 39.80 ? 320 HIS A O   1 
ATOM   1113 C  CB  . HIS A 1 155 ? 15.354  6.914   10.659  1.00 44.65 ? 320 HIS A CB  1 
ATOM   1114 C  CG  . HIS A 1 155 ? 16.486  7.644   10.010  1.00 47.70 ? 320 HIS A CG  1 
ATOM   1115 N  ND1 . HIS A 1 155 ? 17.140  8.680   10.661  1.00 49.06 ? 320 HIS A ND1 1 
ATOM   1116 C  CD2 . HIS A 1 155 ? 17.028  7.598   8.775   1.00 47.80 ? 320 HIS A CD2 1 
ATOM   1117 C  CE1 . HIS A 1 155 ? 18.058  9.191   9.876   1.00 39.74 ? 320 HIS A CE1 1 
ATOM   1118 N  NE2 . HIS A 1 155 ? 18.008  8.557   8.726   1.00 45.03 ? 320 HIS A NE2 1 
ATOM   1119 N  N   . VAL A 1 156 ? 16.579  3.688   10.769  1.00 47.29 ? 321 VAL A N   1 
ATOM   1120 N  N   . GLU B 2 5   ? -18.953 -9.127  1.386   1.00 51.60 ? 131 GLU B N   1 
ATOM   1121 C  CA  . GLU B 2 5   ? -18.428 -8.110  2.352   1.00 47.48 ? 131 GLU B CA  1 
ATOM   1122 C  C   . GLU B 2 5   ? -17.502 -8.800  3.368   1.00 46.89 ? 131 GLU B C   1 
ATOM   1123 O  O   . GLU B 2 5   ? -16.393 -8.335  3.581   1.00 49.30 ? 131 GLU B O   1 
ATOM   1124 C  CB  . GLU B 2 5   ? -19.566 -7.344  3.037   1.00 47.82 ? 131 GLU B CB  1 
ATOM   1125 C  CG  . GLU B 2 5   ? -19.866 -5.990  2.414   1.00 47.67 ? 131 GLU B CG  1 
ATOM   1126 C  CD  . GLU B 2 5   ? -18.990 -4.813  2.830   1.00 55.06 ? 131 GLU B CD  1 
ATOM   1127 O  OE1 . GLU B 2 5   ? -18.130 -4.962  3.750   1.00 53.69 ? 131 GLU B OE1 1 
ATOM   1128 O  OE2 . GLU B 2 5   ? -19.167 -3.725  2.233   1.00 61.08 ? 131 GLU B OE2 1 
ATOM   1129 N  N   . GLN B 2 6   ? -17.940 -9.917  3.961   1.00 44.83 ? 132 GLN B N   1 
ATOM   1130 C  CA  . GLN B 2 6   ? -17.201 -10.597 5.045   1.00 46.63 ? 132 GLN B CA  1 
ATOM   1131 C  C   . GLN B 2 6   ? -15.739 -10.905 4.665   1.00 48.45 ? 132 GLN B C   1 
ATOM   1132 O  O   . GLN B 2 6   ? -14.876 -10.852 5.528   1.00 48.26 ? 132 GLN B O   1 
ATOM   1133 C  CB  . GLN B 2 6   ? -17.910 -11.879 5.485   1.00 46.01 ? 132 GLN B CB  1 
ATOM   1134 C  CG  . GLN B 2 6   ? -18.613 -11.745 6.831   1.00 48.59 ? 132 GLN B CG  1 
ATOM   1135 C  CD  . GLN B 2 6   ? -17.655 -11.424 7.953   1.00 50.81 ? 132 GLN B CD  1 
ATOM   1136 O  OE1 . GLN B 2 6   ? -17.742 -10.376 8.594   1.00 50.38 ? 132 GLN B OE1 1 
ATOM   1137 N  NE2 . GLN B 2 6   ? -16.700 -12.314 8.172   1.00 48.45 ? 132 GLN B NE2 1 
ATOM   1138 N  N   . TRP B 2 7   ? -15.475 -11.242 3.395   1.00 48.68 ? 133 TRP B N   1 
ATOM   1139 C  CA  . TRP B 2 7   ? -14.120 -11.559 2.925   1.00 47.34 ? 133 TRP B CA  1 
ATOM   1140 C  C   . TRP B 2 7   ? -13.240 -10.295 2.952   1.00 38.75 ? 133 TRP B C   1 
ATOM   1141 O  O   . TRP B 2 7   ? -12.032 -10.413 3.184   1.00 33.95 ? 133 TRP B O   1 
ATOM   1142 C  CB  . TRP B 2 7   ? -14.123 -12.231 1.527   1.00 48.71 ? 133 TRP B CB  1 
ATOM   1143 C  CG  . TRP B 2 7   ? -14.611 -11.323 0.443   1.00 51.59 ? 133 TRP B CG  1 
ATOM   1144 C  CD1 . TRP B 2 7   ? -15.889 -11.238 -0.025  1.00 52.27 ? 133 TRP B CD1 1 
ATOM   1145 C  CD2 . TRP B 2 7   ? -13.859 -10.313 -0.259  1.00 51.61 ? 133 TRP B CD2 1 
ATOM   1146 N  NE1 . TRP B 2 7   ? -15.988 -10.242 -0.957  1.00 53.71 ? 133 TRP B NE1 1 
ATOM   1147 C  CE2 . TRP B 2 7   ? -14.759 -9.660  -1.127  1.00 52.33 ? 133 TRP B CE2 1 
ATOM   1148 C  CE3 . TRP B 2 7   ? -12.522 -9.899  -0.255  1.00 54.18 ? 133 TRP B CE3 1 
ATOM   1149 C  CZ2 . TRP B 2 7   ? -14.366 -8.623  -1.976  1.00 53.31 ? 133 TRP B CZ2 1 
ATOM   1150 C  CZ3 . TRP B 2 7   ? -12.136 -8.869  -1.089  1.00 53.18 ? 133 TRP B CZ3 1 
ATOM   1151 C  CH2 . TRP B 2 7   ? -13.047 -8.234  -1.933  1.00 52.53 ? 133 TRP B CH2 1 
ATOM   1152 N  N   . ALA B 2 8   ? -13.821 -9.113  2.691   1.00 32.46 ? 134 ALA B N   1 
ATOM   1153 C  CA  . ALA B 2 8   ? -13.065 -7.826  2.725   1.00 33.73 ? 134 ALA B CA  1 
ATOM   1154 C  C   . ALA B 2 8   ? -12.792 -7.386  4.167   1.00 32.25 ? 134 ALA B C   1 
ATOM   1155 O  O   . ALA B 2 8   ? -11.751 -6.761  4.432   1.00 32.52 ? 134 ALA B O   1 
ATOM   1156 C  CB  . ALA B 2 8   ? -13.776 -6.724  1.969   1.00 35.53 ? 134 ALA B CB  1 
ATOM   1157 N  N   . ARG B 2 9   ? -13.739 -7.676  5.075   1.00 30.18 ? 135 ARG B N   1 
ATOM   1158 C  CA  . ARG B 2 9   ? -13.572 -7.413  6.493   1.00 27.28 ? 135 ARG B CA  1 
ATOM   1159 C  C   . ARG B 2 9   ? -12.412 -8.270  7.014   1.00 26.27 ? 135 ARG B C   1 
ATOM   1160 O  O   . ARG B 2 9   ? -11.518 -7.758  7.659   1.00 23.44 ? 135 ARG B O   1 
ATOM   1161 C  CB  . ARG B 2 9   ? -14.849 -7.714  7.290   1.00 29.57 ? 135 ARG B CB  1 
ATOM   1162 C  CG  . ARG B 2 9   ? -15.982 -6.700  7.107   1.00 30.01 ? 135 ARG B CG  1 
ATOM   1163 C  CD  . ARG B 2 9   ? -16.896 -6.710  8.322   1.00 31.58 ? 135 ARG B CD  1 
ATOM   1164 N  NE  . ARG B 2 9   ? -18.257 -6.303  8.021   1.00 36.61 ? 135 ARG B NE  1 
ATOM   1165 C  CZ  . ARG B 2 9   ? -19.211 -7.099  7.519   1.00 42.54 ? 135 ARG B CZ  1 
ATOM   1166 N  NH1 . ARG B 2 9   ? -18.922 -8.334  7.121   1.00 44.96 ? 135 ARG B NH1 1 
ATOM   1167 N  NH2 . ARG B 2 9   ? -20.455 -6.648  7.415   1.00 41.89 ? 135 ARG B NH2 1 
ATOM   1168 N  N   . GLU B 2 10  ? -12.458 -9.567  6.714   1.00 26.98 ? 136 GLU B N   1 
ATOM   1169 C  CA  . GLU B 2 10  ? -11.459 -10.538 7.146   1.00 29.68 ? 136 GLU B CA  1 
ATOM   1170 C  C   . GLU B 2 10  ? -10.065 -10.133 6.660   1.00 23.49 ? 136 GLU B C   1 
ATOM   1171 O  O   . GLU B 2 10  ? -9.143  -10.112 7.460   1.00 22.47 ? 136 GLU B O   1 
ATOM   1172 C  CB  . GLU B 2 10  ? -11.778 -11.940 6.624   1.00 36.96 ? 136 GLU B CB  1 
ATOM   1173 C  CG  . GLU B 2 10  ? -12.712 -12.750 7.508   1.00 44.93 ? 136 GLU B CG  1 
ATOM   1174 C  CD  . GLU B 2 10  ? -13.154 -14.070 6.878   1.00 56.13 ? 136 GLU B CD  1 
ATOM   1175 O  OE1 . GLU B 2 10  ? -14.383 -14.276 6.752   1.00 62.11 ? 136 GLU B OE1 1 
ATOM   1176 O  OE2 . GLU B 2 10  ? -12.268 -14.895 6.503   1.00 60.55 ? 136 GLU B OE2 1 
ATOM   1177 N  N   . ILE B 2 11  ? -9.919  -9.859  5.358   1.00 21.38 ? 137 ILE B N   1 
ATOM   1178 C  CA  . ILE B 2 11  ? -8.641  -9.458  4.779   1.00 20.99 ? 137 ILE B CA  1 
ATOM   1179 C  C   . ILE B 2 11  ? -8.161  -8.149  5.408   1.00 20.47 ? 137 ILE B C   1 
ATOM   1180 O  O   . ILE B 2 11  ? -6.970  -8.027  5.661   1.00 20.42 ? 137 ILE B O   1 
ATOM   1181 C  CB  . ILE B 2 11  ? -8.698  -9.302  3.252   1.00 22.89 ? 137 ILE B CB  1 
ATOM   1182 C  CG1 . ILE B 2 11  ? -8.887  -10.652 2.566   1.00 25.30 ? 137 ILE B CG1 1 
ATOM   1183 C  CG2 . ILE B 2 11  ? -7.452  -8.576  2.713   1.00 21.96 ? 137 ILE B CG2 1 
ATOM   1184 C  CD1 . ILE B 2 11  ? -8.956  -10.535 1.055   1.00 27.12 ? 137 ILE B CD1 1 
ATOM   1185 N  N   . GLY B 2 12  ? -9.071  -7.172  5.585   1.00 17.85 ? 138 GLY B N   1 
ATOM   1186 C  CA  . GLY B 2 12  ? -8.712  -5.887  6.158   1.00 17.49 ? 138 GLY B CA  1 
ATOM   1187 C  C   . GLY B 2 12  ? -8.170  -6.012  7.585   1.00 16.23 ? 138 GLY B C   1 
ATOM   1188 O  O   . GLY B 2 12  ? -7.146  -5.386  7.951   1.00 15.54 ? 138 GLY B O   1 
ATOM   1189 N  N   . ALA B 2 13  ? -8.861  -6.799  8.412   1.00 15.80 ? 139 ALA B N   1 
ATOM   1190 C  CA  . ALA B 2 13  ? -8.434  -7.025  9.790   1.00 16.15 ? 139 ALA B CA  1 
ATOM   1191 C  C   . ALA B 2 13  ? -7.093  -7.766  9.793   1.00 15.43 ? 139 ALA B C   1 
ATOM   1192 O  O   . ALA B 2 13  ? -6.254  -7.447  10.595  1.00 15.10 ? 139 ALA B O   1 
ATOM   1193 C  CB  . ALA B 2 13  ? -9.483  -7.778  10.578  1.00 16.94 ? 139 ALA B CB  1 
ATOM   1194 N  N   . GLN B 2 14  ? -6.919  -8.708  8.864   1.00 14.99 ? 140 GLN B N   1 
ATOM   1195 C  CA  . GLN B 2 14  ? -5.705  -9.465  8.744   1.00 15.68 ? 140 GLN B CA  1 
ATOM   1196 C  C   . GLN B 2 14  ? -4.505  -8.542  8.480   1.00 15.28 ? 140 GLN B C   1 
ATOM   1197 O  O   . GLN B 2 14  ? -3.490  -8.655  9.139   1.00 12.73 ? 140 GLN B O   1 
ATOM   1198 C  CB  . GLN B 2 14  ? -5.840  -10.506 7.647   1.00 16.60 ? 140 GLN B CB  1 
ATOM   1199 C  CG  . GLN B 2 14  ? -4.619  -11.441 7.544   1.00 17.36 ? 140 GLN B CG  1 
ATOM   1200 C  CD  . GLN B 2 14  ? -4.868  -12.576 6.572   1.00 18.84 ? 140 GLN B CD  1 
ATOM   1201 O  OE1 . GLN B 2 14  ? -5.852  -12.569 5.825   1.00 17.53 ? 140 GLN B OE1 1 
ATOM   1202 N  NE2 . GLN B 2 14  ? -3.966  -13.550 6.551   1.00 18.25 ? 140 GLN B NE2 1 
ATOM   1203 N  N   . LEU B 2 15  ? -4.641  -7.615  7.512   1.00 16.05 ? 141 LEU B N   1 
ATOM   1204 C  CA  . LEU B 2 15  ? -3.599  -6.621  7.220   1.00 15.99 ? 141 LEU B CA  1 
ATOM   1205 C  C   . LEU B 2 15  ? -3.398  -5.682  8.425   1.00 16.40 ? 141 LEU B C   1 
ATOM   1206 O  O   . LEU B 2 15  ? -2.256  -5.357  8.780   1.00 16.14 ? 141 LEU B O   1 
ATOM   1207 C  CB  . LEU B 2 15  ? -3.991  -5.838  5.962   1.00 17.90 ? 141 LEU B CB  1 
ATOM   1208 C  CG  . LEU B 2 15  ? -3.856  -6.610  4.657   1.00 19.71 ? 141 LEU B CG  1 
ATOM   1209 C  CD1 . LEU B 2 15  ? -4.712  -5.973  3.572   1.00 20.87 ? 141 LEU B CD1 1 
ATOM   1210 C  CD2 . LEU B 2 15  ? -2.401  -6.693  4.238   1.00 20.05 ? 141 LEU B CD2 1 
ATOM   1211 N  N   . ARG B 2 16  ? -4.512  -5.277  9.068   1.00 16.78 ? 142 ARG B N   1 
ATOM   1212 C  CA  . ARG B 2 16  ? -4.492  -4.400  10.229  1.00 17.44 ? 142 ARG B CA  1 
ATOM   1213 C  C   . ARG B 2 16  ? -3.605  -4.991  11.337  1.00 16.66 ? 142 ARG B C   1 
ATOM   1214 O  O   . ARG B 2 16  ? -2.694  -4.355  11.795  1.00 16.82 ? 142 ARG B O   1 
ATOM   1215 C  CB  . ARG B 2 16  ? -5.906  -4.070  10.711  1.00 18.38 ? 142 ARG B CB  1 
ATOM   1216 C  CG  . ARG B 2 16  ? -5.945  -2.932  11.715  1.00 20.48 ? 142 ARG B CG  1 
ATOM   1217 C  CD  . ARG B 2 16  ? -7.300  -2.735  12.376  1.00 21.39 ? 142 ARG B CD  1 
ATOM   1218 N  NE  . ARG B 2 16  ? -8.365  -2.421  11.427  1.00 18.64 ? 142 ARG B NE  1 
ATOM   1219 C  CZ  . ARG B 2 16  ? -9.603  -2.912  11.482  1.00 22.12 ? 142 ARG B CZ  1 
ATOM   1220 N  NH1 . ARG B 2 16  ? -9.932  -3.869  12.346  1.00 24.27 ? 142 ARG B NH1 1 
ATOM   1221 N  NH2 . ARG B 2 16  ? -10.534 -2.412  10.683  1.00 22.46 ? 142 ARG B NH2 1 
ATOM   1222 N  N   . ARG B 2 17  ? -3.838  -6.234  11.723  1.00 17.70 ? 143 ARG B N   1 
ATOM   1223 C  CA  . ARG B 2 17  ? -3.093  -6.887  12.806  1.00 18.90 ? 143 ARG B CA  1 
ATOM   1224 C  C   . ARG B 2 17  ? -1.574  -6.941  12.500  1.00 19.20 ? 143 ARG B C   1 
ATOM   1225 O  O   . ARG B 2 17  ? -0.729  -6.633  13.379  1.00 17.77 ? 143 ARG B O   1 
ATOM   1226 C  CB  . ARG B 2 17  ? -3.710  -8.264  13.049  1.00 21.33 ? 143 ARG B CB  1 
ATOM   1227 C  CG  . ARG B 2 17  ? -5.153  -8.200  13.540  1.00 24.01 ? 143 ARG B CG  1 
ATOM   1228 C  CD  . ARG B 2 17  ? -5.789  -9.506  13.998  1.00 25.27 ? 143 ARG B CD  1 
ATOM   1229 N  NE  . ARG B 2 17  ? -5.456  -10.620 13.129  1.00 27.84 ? 143 ARG B NE  1 
ATOM   1230 C  CZ  . ARG B 2 17  ? -6.265  -11.190 12.243  1.00 26.27 ? 143 ARG B CZ  1 
ATOM   1231 N  NH1 . ARG B 2 17  ? -7.530  -10.808 12.135  1.00 23.33 ? 143 ARG B NH1 1 
ATOM   1232 N  NH2 . ARG B 2 17  ? -5.775  -12.144 11.467  1.00 26.84 ? 143 ARG B NH2 1 
ATOM   1233 N  N   . MET B 2 18  ? -1.202  -7.336  11.275  1.00 19.12 ? 144 MET B N   1 
ATOM   1234 C  CA  . MET B 2 18  ? 0.221   -7.470  10.949  1.00 20.44 ? 144 MET B CA  1 
ATOM   1235 C  C   . MET B 2 18  ? 0.849   -6.075  10.867  1.00 19.50 ? 144 MET B C   1 
ATOM   1236 O  O   . MET B 2 18  ? 1.980   -5.888  11.308  1.00 20.47 ? 144 MET B O   1 
ATOM   1237 C  CB  . MET B 2 18  ? 0.519   -8.305  9.687   1.00 21.76 ? 144 MET B CB  1 
ATOM   1238 C  CG  . MET B 2 18  ? -0.154  -7.907  8.398   1.00 26.80 ? 144 MET B CG  1 
ATOM   1239 S  SD  . MET B 2 18  ? 0.255   -9.094  7.014   1.00 30.14 ? 144 MET B SD  1 
ATOM   1240 C  CE  . MET B 2 18  ? -0.987  -10.361 7.213   1.00 27.19 ? 144 MET B CE  1 
ATOM   1241 N  N   . ALA B 2 19  ? 0.072   -5.103  10.378  1.00 18.45 ? 145 ALA B N   1 
ATOM   1242 C  CA  . ALA B 2 19  ? 0.481   -3.709  10.310  1.00 18.44 ? 145 ALA B CA  1 
ATOM   1243 C  C   . ALA B 2 19  ? 0.772   -3.142  11.706  1.00 18.17 ? 145 ALA B C   1 
ATOM   1244 O  O   . ALA B 2 19  ? 1.754   -2.412  11.852  1.00 16.71 ? 145 ALA B O   1 
ATOM   1245 C  CB  . ALA B 2 19  ? -0.580  -2.887  9.616   1.00 18.27 ? 145 ALA B CB  1 
ATOM   1246 N  N   . ASP B 2 20  ? -0.081  -3.467  12.695  1.00 18.47 ? 146 ASP B N   1 
ATOM   1247 C  CA  . ASP B 2 20  ? -0.002  -2.883  14.031  1.00 18.74 ? 146 ASP B CA  1 
ATOM   1248 C  C   . ASP B 2 20  ? 1.217   -3.473  14.754  1.00 19.90 ? 146 ASP B C   1 
ATOM   1249 O  O   . ASP B 2 20  ? 1.889   -2.771  15.515  1.00 17.73 ? 146 ASP B O   1 
ATOM   1250 C  CB  . ASP B 2 20  ? -1.326  -2.991  14.801  1.00 18.77 ? 146 ASP B CB  1 
ATOM   1251 C  CG  . ASP B 2 20  ? -2.431  -2.056  14.282  1.00 19.05 ? 146 ASP B CG  1 
ATOM   1252 O  OD1 . ASP B 2 20  ? -2.117  -1.104  13.542  1.00 20.16 ? 146 ASP B OD1 1 
ATOM   1253 O  OD2 . ASP B 2 20  ? -3.610  -2.311  14.572  1.00 20.18 ? 146 ASP B OD2 1 
ATOM   1254 N  N   . ASP B 2 21  ? 1.553   -4.719  14.409  1.00 20.90 ? 147 ASP B N   1 
ATOM   1255 C  CA  . ASP B 2 21  ? 2.740   -5.376  14.918  1.00 21.53 ? 147 ASP B CA  1 
ATOM   1256 C  C   . ASP B 2 21  ? 3.976   -4.636  14.370  1.00 23.60 ? 147 ASP B C   1 
ATOM   1257 O  O   . ASP B 2 21  ? 4.801   -4.201  15.128  1.00 23.53 ? 147 ASP B O   1 
ATOM   1258 C  CB  . ASP B 2 21  ? 2.712   -6.871  14.574  1.00 21.60 ? 147 ASP B CB  1 
ATOM   1259 C  CG  . ASP B 2 21  ? 3.710   -7.696  15.365  1.00 21.73 ? 147 ASP B CG  1 
ATOM   1260 O  OD1 . ASP B 2 21  ? 4.906   -7.469  15.215  1.00 23.03 ? 147 ASP B OD1 1 
ATOM   1261 O  OD2 . ASP B 2 21  ? 3.275   -8.531  16.149  1.00 23.12 ? 147 ASP B OD2 1 
ATOM   1262 N  N   . LEU B 2 22  ? 4.084   -4.508  13.036  1.00 25.88 ? 148 LEU B N   1 
ATOM   1263 C  CA  . LEU B 2 22  ? 5.195   -3.796  12.384  1.00 26.51 ? 148 LEU B CA  1 
ATOM   1264 C  C   . LEU B 2 22  ? 5.351   -2.377  12.958  1.00 29.00 ? 148 LEU B C   1 
ATOM   1265 O  O   . LEU B 2 22  ? 6.453   -1.839  13.030  1.00 30.16 ? 148 LEU B O   1 
ATOM   1266 C  CB  . LEU B 2 22  ? 4.928   -3.728  10.875  1.00 27.88 ? 148 LEU B CB  1 
ATOM   1267 C  CG  . LEU B 2 22  ? 5.816   -2.766  10.078  1.00 29.33 ? 148 LEU B CG  1 
ATOM   1268 C  CD1 . LEU B 2 22  ? 7.297   -3.088  10.260  1.00 34.95 ? 148 LEU B CD1 1 
ATOM   1269 C  CD2 . LEU B 2 22  ? 5.466   -2.810  8.614   1.00 27.94 ? 148 LEU B CD2 1 
ATOM   1270 N  N   . ASN B 2 23  ? 4.230   -1.738  13.304  1.00 26.83 ? 149 ASN B N   1 
ATOM   1271 C  CA  . ASN B 2 23  ? 4.259   -0.377  13.768  1.00 26.98 ? 149 ASN B CA  1 
ATOM   1272 C  C   . ASN B 2 23  ? 4.974   -0.289  15.121  1.00 31.75 ? 149 ASN B C   1 
ATOM   1273 O  O   . ASN B 2 23  ? 5.527   0.742   15.479  1.00 31.74 ? 149 ASN B O   1 
ATOM   1274 C  CB  . ASN B 2 23  ? 2.844   0.182   13.872  1.00 25.40 ? 149 ASN B CB  1 
ATOM   1275 C  CG  . ASN B 2 23  ? 2.853   1.666   14.107  1.00 24.40 ? 149 ASN B CG  1 
ATOM   1276 O  OD1 . ASN B 2 23  ? 2.417   2.124   15.173  1.00 27.49 ? 149 ASN B OD1 1 
ATOM   1277 N  ND2 . ASN B 2 23  ? 3.349   2.403   13.127  1.00 19.14 ? 149 ASN B ND2 1 
ATOM   1278 O  OXT . ASN B 2 23  ? 5.000   -1.225  15.932  1.00 38.73 ? 149 ASN B OXT 1 
HETATM 1279 ZN ZN  . ZN  C 3 .   ? -15.394 -2.392  6.265   1.00 25.81 ? 401 ZN  A ZN  1 
HETATM 1280 ZN ZN  . ZN  D 3 .   ? 4.918   -9.244  10.549  1.00 25.99 ? 402 ZN  A ZN  1 
HETATM 1281 ZN ZN  . ZN  E 3 .   ? -5.630  -10.739 -9.723  1.00 43.39 ? 403 ZN  A ZN  1 
HETATM 1282 CL CL  . CL  F 4 .   ? 6.887   -10.488 10.503  1.00 21.27 ? 404 CL  A CL  1 
HETATM 1283 CL CL  . CL  G 4 .   ? -14.876 -0.588  5.143   1.00 30.62 ? 405 CL  A CL  1 
HETATM 1284 CL CL  . CL  H 4 .   ? 5.538   -7.370  11.541  1.00 31.19 ? 201 CL  B CL  1 
HETATM 1285 O  O   . HOH I 5 .   ? 13.359  -9.301  -0.523  1.00 50.60 ? 501 HOH A O   1 
HETATM 1286 O  O   . HOH I 5 .   ? 9.995   -16.765 -0.688  1.00 46.28 ? 502 HOH A O   1 
HETATM 1287 O  O   . HOH I 5 .   ? -4.057  -4.211  -18.859 1.00 61.23 ? 503 HOH A O   1 
HETATM 1288 O  O   . HOH I 5 .   ? -8.422  5.440   10.596  1.00 22.78 ? 504 HOH A O   1 
HETATM 1289 O  O   . HOH I 5 .   ? 13.757  5.699   6.834   1.00 47.46 ? 505 HOH A O   1 
HETATM 1290 O  O   . HOH I 5 .   ? 15.312  3.692   14.582  1.00 50.77 ? 506 HOH A O   1 
HETATM 1291 O  O   . HOH I 5 .   ? -5.414  6.765   -14.219 1.00 41.73 ? 507 HOH A O   1 
HETATM 1292 O  O   . HOH I 5 .   ? 11.631  3.594   -9.433  1.00 52.37 ? 508 HOH A O   1 
HETATM 1293 O  O   . HOH I 5 .   ? -13.329 1.972   -1.774  1.00 51.97 ? 509 HOH A O   1 
HETATM 1294 O  O   . HOH I 5 .   ? -14.158 -5.799  -5.125  1.00 57.40 ? 510 HOH A O   1 
HETATM 1295 O  O   . HOH I 5 .   ? -6.926  7.980   12.958  1.00 34.77 ? 511 HOH A O   1 
HETATM 1296 O  O   . HOH I 5 .   ? -7.782  -1.897  16.123  1.00 21.77 ? 512 HOH A O   1 
HETATM 1297 O  O   . HOH I 5 .   ? -0.508  -18.662 1.043   1.00 32.56 ? 513 HOH A O   1 
HETATM 1298 O  O   . HOH I 5 .   ? -6.066  18.497  6.244   1.00 43.35 ? 514 HOH A O   1 
HETATM 1299 O  O   . HOH I 5 .   ? 1.537   -13.831 -6.046  1.00 45.74 ? 515 HOH A O   1 
HETATM 1300 O  O   . HOH I 5 .   ? -3.590  6.912   -14.795 1.00 31.94 ? 516 HOH A O   1 
HETATM 1301 O  O   . HOH I 5 .   ? 0.282   -14.063 -8.971  1.00 47.10 ? 517 HOH A O   1 
HETATM 1302 O  O   . HOH I 5 .   ? 14.941  -5.556  3.270   1.00 38.56 ? 518 HOH A O   1 
HETATM 1303 O  O   . HOH I 5 .   ? 5.472   14.965  2.313   1.00 48.20 ? 519 HOH A O   1 
HETATM 1304 O  O   . HOH I 5 .   ? 10.953  -6.900  -7.991  1.00 45.53 ? 520 HOH A O   1 
HETATM 1305 O  O   . HOH I 5 .   ? -14.028 -3.570  -10.981 1.00 45.37 ? 521 HOH A O   1 
HETATM 1306 O  O   . HOH I 5 .   ? 14.392  12.605  13.257  1.00 40.91 ? 522 HOH A O   1 
HETATM 1307 O  O   . HOH I 5 .   ? 8.600   23.683  10.047  1.00 53.52 ? 523 HOH A O   1 
HETATM 1308 O  O   . HOH I 5 .   ? -13.915 3.886   13.996  1.00 18.41 ? 524 HOH A O   1 
HETATM 1309 O  O   . HOH I 5 .   ? 6.990   -10.370 -3.441  1.00 42.30 ? 525 HOH A O   1 
HETATM 1310 O  O   . HOH I 5 .   ? -4.514  -12.993 -11.605 1.00 22.64 ? 526 HOH A O   1 
HETATM 1311 O  O   . HOH I 5 .   ? 9.962   2.982   -10.632 1.00 31.03 ? 527 HOH A O   1 
HETATM 1312 O  O   . HOH I 5 .   ? 7.741   15.608  3.435   1.00 46.45 ? 528 HOH A O   1 
HETATM 1313 O  O   . HOH I 5 .   ? 2.838   -11.359 -6.312  1.00 25.77 ? 529 HOH A O   1 
HETATM 1314 O  O   . HOH I 5 .   ? 20.351  7.590   9.885   1.00 37.32 ? 530 HOH A O   1 
HETATM 1315 O  O   . HOH I 5 .   ? -0.231  6.545   15.196  1.00 43.98 ? 531 HOH A O   1 
HETATM 1316 O  O   . HOH I 5 .   ? 16.516  5.482   7.246   1.00 46.01 ? 532 HOH A O   1 
HETATM 1317 O  O   . HOH I 5 .   ? -11.933 3.888   6.751   1.00 29.73 ? 533 HOH A O   1 
HETATM 1318 O  O   . HOH I 5 .   ? 17.186  11.265  13.462  1.00 45.87 ? 534 HOH A O   1 
HETATM 1319 O  O   . HOH I 5 .   ? 3.351   -5.663  8.369   1.00 43.13 ? 535 HOH A O   1 
HETATM 1320 O  O   . HOH I 5 .   ? 10.554  -8.804  -1.014  1.00 35.40 ? 536 HOH A O   1 
HETATM 1321 O  O   . HOH I 5 .   ? -13.751 -9.355  -13.143 1.00 43.66 ? 537 HOH A O   1 
HETATM 1322 O  O   . HOH I 5 .   ? 10.111  -4.819  7.143   1.00 30.80 ? 538 HOH A O   1 
HETATM 1323 O  O   . HOH I 5 .   ? -4.602  6.877   15.218  1.00 33.07 ? 539 HOH A O   1 
HETATM 1324 O  O   . HOH I 5 .   ? -10.560 -2.348  -10.308 1.00 49.66 ? 540 HOH A O   1 
HETATM 1325 O  O   . HOH I 5 .   ? 0.763   -6.061  -19.692 1.00 49.07 ? 541 HOH A O   1 
HETATM 1326 O  O   . HOH I 5 .   ? 14.792  -1.663  8.067   1.00 45.05 ? 542 HOH A O   1 
HETATM 1327 O  O   . HOH I 5 .   ? -1.209  3.232   16.296  1.00 24.67 ? 543 HOH A O   1 
HETATM 1328 O  O   . HOH I 5 .   ? 7.599   -11.911 -1.234  1.00 42.44 ? 544 HOH A O   1 
HETATM 1329 O  O   . HOH I 5 .   ? -5.401  13.889  11.893  1.00 46.06 ? 545 HOH A O   1 
HETATM 1330 O  O   . HOH I 5 .   ? 7.606   -17.798 2.586   1.00 30.50 ? 546 HOH A O   1 
HETATM 1331 O  O   . HOH I 5 .   ? 3.137   5.481   13.251  1.00 33.24 ? 547 HOH A O   1 
HETATM 1332 O  O   . HOH I 5 .   ? -1.536  8.801   15.536  1.00 50.03 ? 548 HOH A O   1 
HETATM 1333 O  O   . HOH I 5 .   ? 12.662  -10.150 9.736   1.00 31.77 ? 549 HOH A O   1 
HETATM 1334 O  O   . HOH I 5 .   ? -3.960  -15.331 3.955   1.00 16.82 ? 550 HOH A O   1 
HETATM 1335 O  O   . HOH I 5 .   ? 12.869  -3.691  -7.622  1.00 42.49 ? 551 HOH A O   1 
HETATM 1336 O  O   . HOH I 5 .   ? 6.482   -9.800  -11.616 1.00 41.24 ? 552 HOH A O   1 
HETATM 1337 O  O   . HOH I 5 .   ? 3.468   -12.104 -9.040  1.00 40.66 ? 553 HOH A O   1 
HETATM 1338 O  O   . HOH I 5 .   ? 14.345  -7.714  -3.088  1.00 51.07 ? 554 HOH A O   1 
HETATM 1339 O  O   . HOH I 5 .   ? -6.834  12.171  8.727   1.00 32.44 ? 555 HOH A O   1 
HETATM 1340 O  O   . HOH I 5 .   ? -9.510  11.809  -3.470  1.00 55.14 ? 556 HOH A O   1 
HETATM 1341 O  O   . HOH I 5 .   ? -6.686  7.314   16.928  1.00 43.19 ? 557 HOH A O   1 
HETATM 1342 O  O   . HOH I 5 .   ? 8.453   -7.087  8.028   1.00 28.59 ? 558 HOH A O   1 
HETATM 1343 O  O   . HOH I 5 .   ? 5.178   -14.391 -3.900  1.00 49.81 ? 559 HOH A O   1 
HETATM 1344 O  O   . HOH I 5 .   ? -3.406  -17.755 3.492   1.00 32.49 ? 560 HOH A O   1 
HETATM 1345 O  O   . HOH I 5 .   ? -5.634  -11.205 -12.883 1.00 54.71 ? 561 HOH A O   1 
HETATM 1346 O  O   . HOH I 5 .   ? -4.560  -14.999 -12.468 1.00 45.13 ? 562 HOH A O   1 
HETATM 1347 O  O   . HOH I 5 .   ? 7.172   4.687   -12.471 1.00 50.46 ? 563 HOH A O   1 
HETATM 1348 O  O   . HOH I 5 .   ? 8.621   -7.281  10.802  1.00 32.48 ? 564 HOH A O   1 
HETATM 1349 O  O   . HOH I 5 .   ? 5.377   -11.960 -5.336  1.00 31.40 ? 565 HOH A O   1 
HETATM 1350 O  O   . HOH I 5 .   ? -4.223  13.131  13.885  1.00 37.59 ? 566 HOH A O   1 
HETATM 1351 O  O   . HOH I 5 .   ? -14.287 5.147   6.189   1.00 34.97 ? 567 HOH A O   1 
HETATM 1352 O  O   . HOH I 5 .   ? 11.448  -1.325  10.485  1.00 46.92 ? 568 HOH A O   1 
HETATM 1353 O  O   . HOH J 5 .   ? -3.403  -11.929 13.763  1.00 34.76 ? 301 HOH B O   1 
HETATM 1354 O  O   . HOH J 5 .   ? -16.325 -3.812  5.087   1.00 23.64 ? 302 HOH B O   1 
HETATM 1355 O  O   . HOH J 5 .   ? -9.196  -11.545 9.652   1.00 23.39 ? 303 HOH B O   1 
HETATM 1356 O  O   . HOH J 5 .   ? -0.989  -6.616  16.108  1.00 21.98 ? 304 HOH B O   1 
HETATM 1357 O  O   . HOH J 5 .   ? -6.869  -13.845 9.596   1.00 38.96 ? 305 HOH B O   1 
HETATM 1358 O  O   . HOH J 5 .   ? -17.613 -2.439  4.858   1.00 36.31 ? 306 HOH B O   1 
HETATM 1359 O  O   . HOH J 5 .   ? 1.427   -0.514  17.136  1.00 43.57 ? 307 HOH B O   1 
HETATM 1360 O  O   . HOH J 5 .   ? -22.951 -8.032  7.066   1.00 59.23 ? 308 HOH B O   1 
HETATM 1361 O  O   . HOH J 5 .   ? -6.315  -14.335 3.480   1.00 22.80 ? 309 HOH B O   1 
HETATM 1362 O  O   . HOH J 5 .   ? 2.186   5.050   15.835  1.00 44.25 ? 310 HOH B O   1 
HETATM 1363 O  O   . HOH J 5 .   ? -13.483 -2.020  11.669  1.00 3.83  ? 311 HOH B O   1 
HETATM 1364 O  O   . HOH J 5 .   ? -6.183  -3.871  15.639  1.00 29.63 ? 312 HOH B O   1 
HETATM 1365 O  O   . HOH J 5 .   ? 9.397   -0.082  13.227  1.00 43.10 ? 313 HOH B O   1 
HETATM 1366 O  O   . HOH J 5 .   ? -3.414  -11.036 16.553  1.00 35.93 ? 314 HOH B O   1 
HETATM 1367 O  O   . HOH J 5 .   ? -18.138 -10.991 12.882  1.00 44.71 ? 315 HOH B O   1 
# 
